data_1D3E
# 
_entry.id   1D3E 
# 
_audit_conform.dict_name       mmcif_pdbx.dic 
_audit_conform.dict_version    5.390 
_audit_conform.dict_location   http://mmcif.pdb.org/dictionaries/ascii/mmcif_pdbx.dic 
# 
loop_
_database_2.database_id 
_database_2.database_code 
_database_2.pdbx_database_accession 
_database_2.pdbx_DOI 
PDB   1D3E         pdb_00001d3e 10.2210/pdb1d3e/pdb 
RCSB  RCSB009753   ?            ?                   
WWPDB D_1000009753 ?            ?                   
# 
loop_
_pdbx_audit_revision_history.ordinal 
_pdbx_audit_revision_history.data_content_type 
_pdbx_audit_revision_history.major_revision 
_pdbx_audit_revision_history.minor_revision 
_pdbx_audit_revision_history.revision_date 
1 'Structure model' 1 0 2000-01-19 
2 'Structure model' 1 1 2008-04-27 
3 'Structure model' 1 2 2011-07-13 
4 'Structure model' 1 3 2019-12-18 
5 'Structure model' 1 4 2022-12-21 
6 'Structure model' 1 5 2024-04-17 
# 
_pdbx_audit_revision_details.ordinal             1 
_pdbx_audit_revision_details.revision_ordinal    1 
_pdbx_audit_revision_details.data_content_type   'Structure model' 
_pdbx_audit_revision_details.provider            repository 
_pdbx_audit_revision_details.type                'Initial release' 
_pdbx_audit_revision_details.description         ? 
_pdbx_audit_revision_details.details             ? 
# 
loop_
_pdbx_audit_revision_group.ordinal 
_pdbx_audit_revision_group.revision_ordinal 
_pdbx_audit_revision_group.data_content_type 
_pdbx_audit_revision_group.group 
1 2 'Structure model' 'Version format compliance' 
2 3 'Structure model' 'Version format compliance' 
3 4 'Structure model' 'Data collection'           
4 4 'Structure model' Other                       
5 5 'Structure model' 'Database references'       
6 5 'Structure model' 'Derived calculations'      
7 6 'Structure model' 'Data collection'           
8 6 'Structure model' Other                       
# 
loop_
_pdbx_audit_revision_category.ordinal 
_pdbx_audit_revision_category.revision_ordinal 
_pdbx_audit_revision_category.data_content_type 
_pdbx_audit_revision_category.category 
1  4 'Structure model' atom_sites            
2  4 'Structure model' cell                  
3  4 'Structure model' em_image_scans        
4  5 'Structure model' database_2            
5  5 'Structure model' pdbx_struct_oper_list 
6  5 'Structure model' struct_ref_seq_dif    
7  5 'Structure model' struct_sheet          
8  6 'Structure model' chem_comp_atom        
9  6 'Structure model' chem_comp_bond        
10 6 'Structure model' pdbx_database_status  
# 
loop_
_pdbx_audit_revision_item.ordinal 
_pdbx_audit_revision_item.revision_ordinal 
_pdbx_audit_revision_item.data_content_type 
_pdbx_audit_revision_item.item 
1  4 'Structure model' '_atom_sites.fract_transf_matrix[1][1]'     
2  4 'Structure model' '_atom_sites.fract_transf_matrix[2][2]'     
3  4 'Structure model' '_atom_sites.fract_transf_matrix[3][3]'     
4  4 'Structure model' '_cell.length_a'                            
5  4 'Structure model' '_cell.length_b'                            
6  4 'Structure model' '_cell.length_c'                            
7  5 'Structure model' '_database_2.pdbx_DOI'                      
8  5 'Structure model' '_database_2.pdbx_database_accession'       
9  5 'Structure model' '_pdbx_struct_oper_list.name'               
10 5 'Structure model' '_pdbx_struct_oper_list.symmetry_operation' 
11 5 'Structure model' '_pdbx_struct_oper_list.type'               
12 5 'Structure model' '_struct_ref_seq_dif.details'               
13 5 'Structure model' '_struct_sheet.number_strands'              
14 6 'Structure model' '_pdbx_database_status.status_code_sf'      
# 
_pdbx_database_status.status_code                     REL 
_pdbx_database_status.entry_id                        1D3E 
_pdbx_database_status.recvd_initial_deposition_date   1999-09-29 
_pdbx_database_status.deposit_site                    RCSB 
_pdbx_database_status.process_site                    RCSB 
_pdbx_database_status.status_code_sf                  REL 
_pdbx_database_status.status_code_mr                  ? 
_pdbx_database_status.SG_entry                        ? 
_pdbx_database_status.pdb_format_compatible           Y 
_pdbx_database_status.status_code_cs                  ? 
_pdbx_database_status.methods_development_category    ? 
_pdbx_database_status.status_code_nmr_data            ? 
# 
loop_
_audit_author.name 
_audit_author.pdbx_ordinal 
'Bella, J.'      1 
'Rossmann, M.G.' 2 
# 
loop_
_citation.id 
_citation.title 
_citation.journal_abbrev 
_citation.journal_volume 
_citation.page_first 
_citation.page_last 
_citation.year 
_citation.journal_id_ASTM 
_citation.country 
_citation.journal_id_ISSN 
_citation.journal_id_CSD 
_citation.book_publisher 
_citation.pdbx_database_id_PubMed 
_citation.pdbx_database_id_DOI 
primary 'Structural studies of two rhinovirus serotypes complexed with fragments of their cellular receptor.' 'EMBO J.' 18 6249 
6259 1999 EMJODG UK 0261-4189 0897 ? 10562537 10.1093/emboj/18.22.6249        
1       
;The Structure of the Two Amino-Terminal Domains of Human Icam-1 Suggests How It Functions as a Rhinovirus Receptor and as an Lfa-1 Integrin Ligand.
;
Proc.Natl.Acad.Sci.USA 95 4140 ?    1998 PNASA6 US 0027-8424 0040 ? ?        10.1073/pnas.95.8.4140          
2       'The Refined Structure of Human Rhinovirus 16 at 2.15 Angstroms Resolution: Implications for the Viral Life Cycle' 
Structure              5  427  ?    1997 STRUE6 UK 0969-2126 2005 ? ?        '10.1016/S0969-2126(97)00199-8' 
3       'Structure of a Human Rhinovirus Complexed with its Receptor Molecule' Proc.Natl.Acad.Sci.USA 90 507  ?    1993 PNASA6 US 
0027-8424 0040 ? ?        ?                               
4       'A Dimeric Crystal Structure for the N-Terminal Two Domains of Intercellular Adhesion Molecule-1' Proc.Natl.Acad.Sci.USA 
95 4134 ?    1998 PNASA6 US 0027-8424 0040 ? ?        10.1073/pnas.95.8.4134          
# 
loop_
_citation_author.citation_id 
_citation_author.name 
_citation_author.ordinal 
_citation_author.identifier_ORCID 
primary 'Kolatkar, P.R.'   1  ? 
primary 'Bella, J.'        2  ? 
primary 'Olson, N.H.'      3  ? 
primary 'Bator, C.M.'      4  ? 
primary 'Baker, T.S.'      5  ? 
primary 'Rossmann, M.G.'   6  ? 
1       'Bella, J.'        7  ? 
1       'Kolatkar, P.R.'   8  ? 
1       'Marlor, C.W.'     9  ? 
1       'Greve, J.M.'      10 ? 
1       'Rossmann, M.G.'   11 ? 
2       'Hadfield, A.T.'   12 ? 
2       'Lee, W.M.'        13 ? 
2       'Zhao, R.'         14 ? 
2       'Oliveira, M.A.'   15 ? 
2       'Minor, I.'        16 ? 
2       'Rueckert, R.R.'   17 ? 
2       'Rossmann, M.G.'   18 ? 
3       'Olson, N.H.'      19 ? 
3       'Kolatkar, P.R.'   20 ? 
3       'Oliveira, M.A.'   21 ? 
3       'Cheng, R.H.'      22 ? 
3       'Greve, J.M.'      23 ? 
3       'Mcclelland, A.'   24 ? 
3       'Baker, T.S.'      25 ? 
3       'Rossmann, M.G.'   26 ? 
4       'Casasnovas, J.M.' 27 ? 
4       'Stehle, T.'       28 ? 
4       'Liu, J.H.'        29 ? 
4       'Wang, J.H.'       30 ? 
4       'Springer, T.A.'   31 ? 
# 
loop_
_entity.id 
_entity.type 
_entity.src_method 
_entity.pdbx_description 
_entity.formula_weight 
_entity.pdbx_number_of_molecules 
_entity.pdbx_ec 
_entity.pdbx_mutation 
_entity.pdbx_fragment 
_entity.details 
1 polymer nat 'PROTEIN (INTERCELLULAR ADHESION MOLECULE-1)' 20438.260 1 ? ? 'FIRST TWO DOMAINS, RESIDUES 1-185' ? 
2 polymer nat 'PROTEIN (RHINOVIRUS 16 COAT PROTEIN VP1)'    32314.195 1 ? ? ?                                   ? 
3 polymer nat 'PROTEIN (RHINOVIRUS 16 COAT PROTEIN VP2)'    27910.490 1 ? ? ?                                   ? 
4 polymer nat 'PROTEIN (RHINOVIRUS 16 COAT PROTEIN VP3)'    26314.168 1 ? ? ?                                   ? 
5 polymer nat 'PROTEIN (RHINOVIRUS 16 COAT PROTEIN VP4)'    7374.025  1 ? ? ?                                   ? 
# 
loop_
_entity_name_com.entity_id 
_entity_name_com.name 
1 D1D2-ICAM-1 
2 'HRV16 VP1' 
3 'HRV16 VP2' 
4 'HRV16 VP3' 
5 'HRV16 VP4' 
# 
loop_
_entity_poly.entity_id 
_entity_poly.type 
_entity_poly.nstd_linkage 
_entity_poly.nstd_monomer 
_entity_poly.pdbx_seq_one_letter_code 
_entity_poly.pdbx_seq_one_letter_code_can 
_entity_poly.pdbx_strand_id 
_entity_poly.pdbx_target_identifier 
1 'polypeptide(L)' no no 
;QTSVSPSKVILPRGGSVLVTCSTSCDQPKLLGIETPLPKKELLLPGNNRKVYELSNVQEDSQPMCYSNCPDGQSTAKTFL
TVYWTPERVELAPLPSWQPVGKNLTLRCQVEGGAPRANLTVVLLRGEKELKREPAVGEPAEVTTTVLVRRDHHGANFSCR
TELDLRPQGLELFENTSAPYQLQTF
;
;QTSVSPSKVILPRGGSVLVTCSTSCDQPKLLGIETPLPKKELLLPGNNRKVYELSNVQEDSQPMCYSNCPDGQSTAKTFL
TVYWTPERVELAPLPSWQPVGKNLTLRCQVEGGAPRANLTVVLLRGEKELKREPAVGEPAEVTTTVLVRRDHHGANFSCR
TELDLRPQGLELFENTSAPYQLQTF
;
I ? 
2 'polypeptide(L)' no no 
;APVAAYVDEVLNEVLVVPNINQSHPTTSNAAPVLDAAETGHTNKIQPEDTIETRYVQSSQTLDEMSVESFLGRSGCIHES
VLDIVDNYNDQSFTKWNINLQEMAQIRRKFEMFTYARFDSEITMVPSVAAKDGHIGHIVMQYMYVPPGAPIPTTRDDYAW
QSGTNASVFWQHGQPFPRFSLPFLSIASAYYMFYDGYDGDTYKSRYGTVVTNDMGTLCSRIVTSEQLHKVKVVTRIYHKA
KHTKAWCPRPPRAVQYSHTHTTNYKLSSEVHNDVAIRPRTNLTTV
;
;APVAAYVDEVLNEVLVVPNINQSHPTTSNAAPVLDAAETGHTNKIQPEDTIETRYVQSSQTLDEMSVESFLGRSGCIHES
VLDIVDNYNDQSFTKWNINLQEMAQIRRKFEMFTYARFDSEITMVPSVAAKDGHIGHIVMQYMYVPPGAPIPTTRDDYAW
QSGTNASVFWQHGQPFPRFSLPFLSIASAYYMFYDGYDGDTYKSRYGTVVTNDMGTLCSRIVTSEQLHKVKVVTRIYHKA
KHTKAWCPRPPRAVQYSHTHTTNYKLSSEVHNDVAIRPRTNLTTV
;
1 ? 
3 'polypeptide(L)' no no 
;SDRIIQITRGDSTITSQDVANAVVGYGVWPHYLTPQDATAIDKPTQPDTSSNRFYTLDSKMWNSTSKGWWWKLPDALKDM
GIFGENMFYHFLGRSGYTVHVQCNASKFHQGTLLVVMIPEHQLATVNKGNVNAGYKYTHPGEAGREVGTAAAAEKQPSDD
NWLNFDGTLLGNLLIFPHQFINLRSNNSATLIVPYVNAVPMDSMVRHNNWSLVIIPVCQLQSNNISNIVPITVSISPMCA
EFSGARAKTVVQ
;
;SDRIIQITRGDSTITSQDVANAVVGYGVWPHYLTPQDATAIDKPTQPDTSSNRFYTLDSKMWNSTSKGWWWKLPDALKDM
GIFGENMFYHFLGRSGYTVHVQCNASKFHQGTLLVVMIPEHQLATVNKGNVNAGYKYTHPGEAGREVGTAAAAEKQPSDD
NWLNFDGTLLGNLLIFPHQFINLRSNNSATLIVPYVNAVPMDSMVRHNNWSLVIIPVCQLQSNNISNIVPITVSISPMCA
EFSGARAKTVVQ
;
2 ? 
4 'polypeptide(L)' no no 
;GLPVYVTPGSGQFMTTDDMQSPCALPWYHPTKEIFIPGEVKNLIEMCQVDTLIPINSTQSNIGNVSMYTVTLSPQTKLAE
EIFAIKVDIASHPLATTLIGEIASYFTHWTGSLRFSFMFCGTANTTLKVLLAYTPPGIGKPRSRKEAMLGTHVVWDVGLQ
STVSLVVPWISASQYRFTTPDTYSSAGYITCWYQTNFVVPPNTPNTAEMLCFVSGCKDFCLRMARDTDLHKQTGPITQ
;
;GLPVYVTPGSGQFMTTDDMQSPCALPWYHPTKEIFIPGEVKNLIEMCQVDTLIPINSTQSNIGNVSMYTVTLSPQTKLAE
EIFAIKVDIASHPLATTLIGEIASYFTHWTGSLRFSFMFCGTANTTLKVLLAYTPPGIGKPRSRKEAMLGTHVVWDVGLQ
STVSLVVPWISASQYRFTTPDTYSSAGYITCWYQTNFVVPPNTPNTAEMLCFVSGCKDFCLRMARDTDLHKQTGPITQ
;
3 ? 
5 'polypeptide(L)' no no GAQVSRQNVGTHSTQNMVSNGSSLNYFNINYFKDAASSGASRLDFSQDPSKFTDPVKDVLEKGIPTLQ 
GAQVSRQNVGTHSTQNMVSNGSSLNYFNINYFKDAASSGASRLDFSQDPSKFTDPVKDVLEKGIPTLQ 4 ? 
# 
loop_
_entity_poly_seq.entity_id 
_entity_poly_seq.num 
_entity_poly_seq.mon_id 
_entity_poly_seq.hetero 
1 1   GLN n 
1 2   THR n 
1 3   SER n 
1 4   VAL n 
1 5   SER n 
1 6   PRO n 
1 7   SER n 
1 8   LYS n 
1 9   VAL n 
1 10  ILE n 
1 11  LEU n 
1 12  PRO n 
1 13  ARG n 
1 14  GLY n 
1 15  GLY n 
1 16  SER n 
1 17  VAL n 
1 18  LEU n 
1 19  VAL n 
1 20  THR n 
1 21  CYS n 
1 22  SER n 
1 23  THR n 
1 24  SER n 
1 25  CYS n 
1 26  ASP n 
1 27  GLN n 
1 28  PRO n 
1 29  LYS n 
1 30  LEU n 
1 31  LEU n 
1 32  GLY n 
1 33  ILE n 
1 34  GLU n 
1 35  THR n 
1 36  PRO n 
1 37  LEU n 
1 38  PRO n 
1 39  LYS n 
1 40  LYS n 
1 41  GLU n 
1 42  LEU n 
1 43  LEU n 
1 44  LEU n 
1 45  PRO n 
1 46  GLY n 
1 47  ASN n 
1 48  ASN n 
1 49  ARG n 
1 50  LYS n 
1 51  VAL n 
1 52  TYR n 
1 53  GLU n 
1 54  LEU n 
1 55  SER n 
1 56  ASN n 
1 57  VAL n 
1 58  GLN n 
1 59  GLU n 
1 60  ASP n 
1 61  SER n 
1 62  GLN n 
1 63  PRO n 
1 64  MET n 
1 65  CYS n 
1 66  TYR n 
1 67  SER n 
1 68  ASN n 
1 69  CYS n 
1 70  PRO n 
1 71  ASP n 
1 72  GLY n 
1 73  GLN n 
1 74  SER n 
1 75  THR n 
1 76  ALA n 
1 77  LYS n 
1 78  THR n 
1 79  PHE n 
1 80  LEU n 
1 81  THR n 
1 82  VAL n 
1 83  TYR n 
1 84  TRP n 
1 85  THR n 
1 86  PRO n 
1 87  GLU n 
1 88  ARG n 
1 89  VAL n 
1 90  GLU n 
1 91  LEU n 
1 92  ALA n 
1 93  PRO n 
1 94  LEU n 
1 95  PRO n 
1 96  SER n 
1 97  TRP n 
1 98  GLN n 
1 99  PRO n 
1 100 VAL n 
1 101 GLY n 
1 102 LYS n 
1 103 ASN n 
1 104 LEU n 
1 105 THR n 
1 106 LEU n 
1 107 ARG n 
1 108 CYS n 
1 109 GLN n 
1 110 VAL n 
1 111 GLU n 
1 112 GLY n 
1 113 GLY n 
1 114 ALA n 
1 115 PRO n 
1 116 ARG n 
1 117 ALA n 
1 118 ASN n 
1 119 LEU n 
1 120 THR n 
1 121 VAL n 
1 122 VAL n 
1 123 LEU n 
1 124 LEU n 
1 125 ARG n 
1 126 GLY n 
1 127 GLU n 
1 128 LYS n 
1 129 GLU n 
1 130 LEU n 
1 131 LYS n 
1 132 ARG n 
1 133 GLU n 
1 134 PRO n 
1 135 ALA n 
1 136 VAL n 
1 137 GLY n 
1 138 GLU n 
1 139 PRO n 
1 140 ALA n 
1 141 GLU n 
1 142 VAL n 
1 143 THR n 
1 144 THR n 
1 145 THR n 
1 146 VAL n 
1 147 LEU n 
1 148 VAL n 
1 149 ARG n 
1 150 ARG n 
1 151 ASP n 
1 152 HIS n 
1 153 HIS n 
1 154 GLY n 
1 155 ALA n 
1 156 ASN n 
1 157 PHE n 
1 158 SER n 
1 159 CYS n 
1 160 ARG n 
1 161 THR n 
1 162 GLU n 
1 163 LEU n 
1 164 ASP n 
1 165 LEU n 
1 166 ARG n 
1 167 PRO n 
1 168 GLN n 
1 169 GLY n 
1 170 LEU n 
1 171 GLU n 
1 172 LEU n 
1 173 PHE n 
1 174 GLU n 
1 175 ASN n 
1 176 THR n 
1 177 SER n 
1 178 ALA n 
1 179 PRO n 
1 180 TYR n 
1 181 GLN n 
1 182 LEU n 
1 183 GLN n 
1 184 THR n 
1 185 PHE n 
2 1   ALA n 
2 2   PRO n 
2 3   VAL n 
2 4   ALA n 
2 5   ALA n 
2 6   TYR n 
2 7   VAL n 
2 8   ASP n 
2 9   GLU n 
2 10  VAL n 
2 11  LEU n 
2 12  ASN n 
2 13  GLU n 
2 14  VAL n 
2 15  LEU n 
2 16  VAL n 
2 17  VAL n 
2 18  PRO n 
2 19  ASN n 
2 20  ILE n 
2 21  ASN n 
2 22  GLN n 
2 23  SER n 
2 24  HIS n 
2 25  PRO n 
2 26  THR n 
2 27  THR n 
2 28  SER n 
2 29  ASN n 
2 30  ALA n 
2 31  ALA n 
2 32  PRO n 
2 33  VAL n 
2 34  LEU n 
2 35  ASP n 
2 36  ALA n 
2 37  ALA n 
2 38  GLU n 
2 39  THR n 
2 40  GLY n 
2 41  HIS n 
2 42  THR n 
2 43  ASN n 
2 44  LYS n 
2 45  ILE n 
2 46  GLN n 
2 47  PRO n 
2 48  GLU n 
2 49  ASP n 
2 50  THR n 
2 51  ILE n 
2 52  GLU n 
2 53  THR n 
2 54  ARG n 
2 55  TYR n 
2 56  VAL n 
2 57  GLN n 
2 58  SER n 
2 59  SER n 
2 60  GLN n 
2 61  THR n 
2 62  LEU n 
2 63  ASP n 
2 64  GLU n 
2 65  MET n 
2 66  SER n 
2 67  VAL n 
2 68  GLU n 
2 69  SER n 
2 70  PHE n 
2 71  LEU n 
2 72  GLY n 
2 73  ARG n 
2 74  SER n 
2 75  GLY n 
2 76  CYS n 
2 77  ILE n 
2 78  HIS n 
2 79  GLU n 
2 80  SER n 
2 81  VAL n 
2 82  LEU n 
2 83  ASP n 
2 84  ILE n 
2 85  VAL n 
2 86  ASP n 
2 87  ASN n 
2 88  TYR n 
2 89  ASN n 
2 90  ASP n 
2 91  GLN n 
2 92  SER n 
2 93  PHE n 
2 94  THR n 
2 95  LYS n 
2 96  TRP n 
2 97  ASN n 
2 98  ILE n 
2 99  ASN n 
2 100 LEU n 
2 101 GLN n 
2 102 GLU n 
2 103 MET n 
2 104 ALA n 
2 105 GLN n 
2 106 ILE n 
2 107 ARG n 
2 108 ARG n 
2 109 LYS n 
2 110 PHE n 
2 111 GLU n 
2 112 MET n 
2 113 PHE n 
2 114 THR n 
2 115 TYR n 
2 116 ALA n 
2 117 ARG n 
2 118 PHE n 
2 119 ASP n 
2 120 SER n 
2 121 GLU n 
2 122 ILE n 
2 123 THR n 
2 124 MET n 
2 125 VAL n 
2 126 PRO n 
2 127 SER n 
2 128 VAL n 
2 129 ALA n 
2 130 ALA n 
2 131 LYS n 
2 132 ASP n 
2 133 GLY n 
2 134 HIS n 
2 135 ILE n 
2 136 GLY n 
2 137 HIS n 
2 138 ILE n 
2 139 VAL n 
2 140 MET n 
2 141 GLN n 
2 142 TYR n 
2 143 MET n 
2 144 TYR n 
2 145 VAL n 
2 146 PRO n 
2 147 PRO n 
2 148 GLY n 
2 149 ALA n 
2 150 PRO n 
2 151 ILE n 
2 152 PRO n 
2 153 THR n 
2 154 THR n 
2 155 ARG n 
2 156 ASP n 
2 157 ASP n 
2 158 TYR n 
2 159 ALA n 
2 160 TRP n 
2 161 GLN n 
2 162 SER n 
2 163 GLY n 
2 164 THR n 
2 165 ASN n 
2 166 ALA n 
2 167 SER n 
2 168 VAL n 
2 169 PHE n 
2 170 TRP n 
2 171 GLN n 
2 172 HIS n 
2 173 GLY n 
2 174 GLN n 
2 175 PRO n 
2 176 PHE n 
2 177 PRO n 
2 178 ARG n 
2 179 PHE n 
2 180 SER n 
2 181 LEU n 
2 182 PRO n 
2 183 PHE n 
2 184 LEU n 
2 185 SER n 
2 186 ILE n 
2 187 ALA n 
2 188 SER n 
2 189 ALA n 
2 190 TYR n 
2 191 TYR n 
2 192 MET n 
2 193 PHE n 
2 194 TYR n 
2 195 ASP n 
2 196 GLY n 
2 197 TYR n 
2 198 ASP n 
2 199 GLY n 
2 200 ASP n 
2 201 THR n 
2 202 TYR n 
2 203 LYS n 
2 204 SER n 
2 205 ARG n 
2 206 TYR n 
2 207 GLY n 
2 208 THR n 
2 209 VAL n 
2 210 VAL n 
2 211 THR n 
2 212 ASN n 
2 213 ASP n 
2 214 MET n 
2 215 GLY n 
2 216 THR n 
2 217 LEU n 
2 218 CYS n 
2 219 SER n 
2 220 ARG n 
2 221 ILE n 
2 222 VAL n 
2 223 THR n 
2 224 SER n 
2 225 GLU n 
2 226 GLN n 
2 227 LEU n 
2 228 HIS n 
2 229 LYS n 
2 230 VAL n 
2 231 LYS n 
2 232 VAL n 
2 233 VAL n 
2 234 THR n 
2 235 ARG n 
2 236 ILE n 
2 237 TYR n 
2 238 HIS n 
2 239 LYS n 
2 240 ALA n 
2 241 LYS n 
2 242 HIS n 
2 243 THR n 
2 244 LYS n 
2 245 ALA n 
2 246 TRP n 
2 247 CYS n 
2 248 PRO n 
2 249 ARG n 
2 250 PRO n 
2 251 PRO n 
2 252 ARG n 
2 253 ALA n 
2 254 VAL n 
2 255 GLN n 
2 256 TYR n 
2 257 SER n 
2 258 HIS n 
2 259 THR n 
2 260 HIS n 
2 261 THR n 
2 262 THR n 
2 263 ASN n 
2 264 TYR n 
2 265 LYS n 
2 266 LEU n 
2 267 SER n 
2 268 SER n 
2 269 GLU n 
2 270 VAL n 
2 271 HIS n 
2 272 ASN n 
2 273 ASP n 
2 274 VAL n 
2 275 ALA n 
2 276 ILE n 
2 277 ARG n 
2 278 PRO n 
2 279 ARG n 
2 280 THR n 
2 281 ASN n 
2 282 LEU n 
2 283 THR n 
2 284 THR n 
2 285 VAL n 
3 1   SER n 
3 2   ASP n 
3 3   ARG n 
3 4   ILE n 
3 5   ILE n 
3 6   GLN n 
3 7   ILE n 
3 8   THR n 
3 9   ARG n 
3 10  GLY n 
3 11  ASP n 
3 12  SER n 
3 13  THR n 
3 14  ILE n 
3 15  THR n 
3 16  SER n 
3 17  GLN n 
3 18  ASP n 
3 19  VAL n 
3 20  ALA n 
3 21  ASN n 
3 22  ALA n 
3 23  VAL n 
3 24  VAL n 
3 25  GLY n 
3 26  TYR n 
3 27  GLY n 
3 28  VAL n 
3 29  TRP n 
3 30  PRO n 
3 31  HIS n 
3 32  TYR n 
3 33  LEU n 
3 34  THR n 
3 35  PRO n 
3 36  GLN n 
3 37  ASP n 
3 38  ALA n 
3 39  THR n 
3 40  ALA n 
3 41  ILE n 
3 42  ASP n 
3 43  LYS n 
3 44  PRO n 
3 45  THR n 
3 46  GLN n 
3 47  PRO n 
3 48  ASP n 
3 49  THR n 
3 50  SER n 
3 51  SER n 
3 52  ASN n 
3 53  ARG n 
3 54  PHE n 
3 55  TYR n 
3 56  THR n 
3 57  LEU n 
3 58  ASP n 
3 59  SER n 
3 60  LYS n 
3 61  MET n 
3 62  TRP n 
3 63  ASN n 
3 64  SER n 
3 65  THR n 
3 66  SER n 
3 67  LYS n 
3 68  GLY n 
3 69  TRP n 
3 70  TRP n 
3 71  TRP n 
3 72  LYS n 
3 73  LEU n 
3 74  PRO n 
3 75  ASP n 
3 76  ALA n 
3 77  LEU n 
3 78  LYS n 
3 79  ASP n 
3 80  MET n 
3 81  GLY n 
3 82  ILE n 
3 83  PHE n 
3 84  GLY n 
3 85  GLU n 
3 86  ASN n 
3 87  MET n 
3 88  PHE n 
3 89  TYR n 
3 90  HIS n 
3 91  PHE n 
3 92  LEU n 
3 93  GLY n 
3 94  ARG n 
3 95  SER n 
3 96  GLY n 
3 97  TYR n 
3 98  THR n 
3 99  VAL n 
3 100 HIS n 
3 101 VAL n 
3 102 GLN n 
3 103 CYS n 
3 104 ASN n 
3 105 ALA n 
3 106 SER n 
3 107 LYS n 
3 108 PHE n 
3 109 HIS n 
3 110 GLN n 
3 111 GLY n 
3 112 THR n 
3 113 LEU n 
3 114 LEU n 
3 115 VAL n 
3 116 VAL n 
3 117 MET n 
3 118 ILE n 
3 119 PRO n 
3 120 GLU n 
3 121 HIS n 
3 122 GLN n 
3 123 LEU n 
3 124 ALA n 
3 125 THR n 
3 126 VAL n 
3 127 ASN n 
3 128 LYS n 
3 129 GLY n 
3 130 ASN n 
3 131 VAL n 
3 132 ASN n 
3 133 ALA n 
3 134 GLY n 
3 135 TYR n 
3 136 LYS n 
3 137 TYR n 
3 138 THR n 
3 139 HIS n 
3 140 PRO n 
3 141 GLY n 
3 142 GLU n 
3 143 ALA n 
3 144 GLY n 
3 145 ARG n 
3 146 GLU n 
3 147 VAL n 
3 148 GLY n 
3 149 THR n 
3 150 ALA n 
3 151 ALA n 
3 152 ALA n 
3 153 ALA n 
3 154 GLU n 
3 155 LYS n 
3 156 GLN n 
3 157 PRO n 
3 158 SER n 
3 159 ASP n 
3 160 ASP n 
3 161 ASN n 
3 162 TRP n 
3 163 LEU n 
3 164 ASN n 
3 165 PHE n 
3 166 ASP n 
3 167 GLY n 
3 168 THR n 
3 169 LEU n 
3 170 LEU n 
3 171 GLY n 
3 172 ASN n 
3 173 LEU n 
3 174 LEU n 
3 175 ILE n 
3 176 PHE n 
3 177 PRO n 
3 178 HIS n 
3 179 GLN n 
3 180 PHE n 
3 181 ILE n 
3 182 ASN n 
3 183 LEU n 
3 184 ARG n 
3 185 SER n 
3 186 ASN n 
3 187 ASN n 
3 188 SER n 
3 189 ALA n 
3 190 THR n 
3 191 LEU n 
3 192 ILE n 
3 193 VAL n 
3 194 PRO n 
3 195 TYR n 
3 196 VAL n 
3 197 ASN n 
3 198 ALA n 
3 199 VAL n 
3 200 PRO n 
3 201 MET n 
3 202 ASP n 
3 203 SER n 
3 204 MET n 
3 205 VAL n 
3 206 ARG n 
3 207 HIS n 
3 208 ASN n 
3 209 ASN n 
3 210 TRP n 
3 211 SER n 
3 212 LEU n 
3 213 VAL n 
3 214 ILE n 
3 215 ILE n 
3 216 PRO n 
3 217 VAL n 
3 218 CYS n 
3 219 GLN n 
3 220 LEU n 
3 221 GLN n 
3 222 SER n 
3 223 ASN n 
3 224 ASN n 
3 225 ILE n 
3 226 SER n 
3 227 ASN n 
3 228 ILE n 
3 229 VAL n 
3 230 PRO n 
3 231 ILE n 
3 232 THR n 
3 233 VAL n 
3 234 SER n 
3 235 ILE n 
3 236 SER n 
3 237 PRO n 
3 238 MET n 
3 239 CYS n 
3 240 ALA n 
3 241 GLU n 
3 242 PHE n 
3 243 SER n 
3 244 GLY n 
3 245 ALA n 
3 246 ARG n 
3 247 ALA n 
3 248 LYS n 
3 249 THR n 
3 250 VAL n 
3 251 VAL n 
3 252 GLN n 
4 1   GLY n 
4 2   LEU n 
4 3   PRO n 
4 4   VAL n 
4 5   TYR n 
4 6   VAL n 
4 7   THR n 
4 8   PRO n 
4 9   GLY n 
4 10  SER n 
4 11  GLY n 
4 12  GLN n 
4 13  PHE n 
4 14  MET n 
4 15  THR n 
4 16  THR n 
4 17  ASP n 
4 18  ASP n 
4 19  MET n 
4 20  GLN n 
4 21  SER n 
4 22  PRO n 
4 23  CYS n 
4 24  ALA n 
4 25  LEU n 
4 26  PRO n 
4 27  TRP n 
4 28  TYR n 
4 29  HIS n 
4 30  PRO n 
4 31  THR n 
4 32  LYS n 
4 33  GLU n 
4 34  ILE n 
4 35  PHE n 
4 36  ILE n 
4 37  PRO n 
4 38  GLY n 
4 39  GLU n 
4 40  VAL n 
4 41  LYS n 
4 42  ASN n 
4 43  LEU n 
4 44  ILE n 
4 45  GLU n 
4 46  MET n 
4 47  CYS n 
4 48  GLN n 
4 49  VAL n 
4 50  ASP n 
4 51  THR n 
4 52  LEU n 
4 53  ILE n 
4 54  PRO n 
4 55  ILE n 
4 56  ASN n 
4 57  SER n 
4 58  THR n 
4 59  GLN n 
4 60  SER n 
4 61  ASN n 
4 62  ILE n 
4 63  GLY n 
4 64  ASN n 
4 65  VAL n 
4 66  SER n 
4 67  MET n 
4 68  TYR n 
4 69  THR n 
4 70  VAL n 
4 71  THR n 
4 72  LEU n 
4 73  SER n 
4 74  PRO n 
4 75  GLN n 
4 76  THR n 
4 77  LYS n 
4 78  LEU n 
4 79  ALA n 
4 80  GLU n 
4 81  GLU n 
4 82  ILE n 
4 83  PHE n 
4 84  ALA n 
4 85  ILE n 
4 86  LYS n 
4 87  VAL n 
4 88  ASP n 
4 89  ILE n 
4 90  ALA n 
4 91  SER n 
4 92  HIS n 
4 93  PRO n 
4 94  LEU n 
4 95  ALA n 
4 96  THR n 
4 97  THR n 
4 98  LEU n 
4 99  ILE n 
4 100 GLY n 
4 101 GLU n 
4 102 ILE n 
4 103 ALA n 
4 104 SER n 
4 105 TYR n 
4 106 PHE n 
4 107 THR n 
4 108 HIS n 
4 109 TRP n 
4 110 THR n 
4 111 GLY n 
4 112 SER n 
4 113 LEU n 
4 114 ARG n 
4 115 PHE n 
4 116 SER n 
4 117 PHE n 
4 118 MET n 
4 119 PHE n 
4 120 CYS n 
4 121 GLY n 
4 122 THR n 
4 123 ALA n 
4 124 ASN n 
4 125 THR n 
4 126 THR n 
4 127 LEU n 
4 128 LYS n 
4 129 VAL n 
4 130 LEU n 
4 131 LEU n 
4 132 ALA n 
4 133 TYR n 
4 134 THR n 
4 135 PRO n 
4 136 PRO n 
4 137 GLY n 
4 138 ILE n 
4 139 GLY n 
4 140 LYS n 
4 141 PRO n 
4 142 ARG n 
4 143 SER n 
4 144 ARG n 
4 145 LYS n 
4 146 GLU n 
4 147 ALA n 
4 148 MET n 
4 149 LEU n 
4 150 GLY n 
4 151 THR n 
4 152 HIS n 
4 153 VAL n 
4 154 VAL n 
4 155 TRP n 
4 156 ASP n 
4 157 VAL n 
4 158 GLY n 
4 159 LEU n 
4 160 GLN n 
4 161 SER n 
4 162 THR n 
4 163 VAL n 
4 164 SER n 
4 165 LEU n 
4 166 VAL n 
4 167 VAL n 
4 168 PRO n 
4 169 TRP n 
4 170 ILE n 
4 171 SER n 
4 172 ALA n 
4 173 SER n 
4 174 GLN n 
4 175 TYR n 
4 176 ARG n 
4 177 PHE n 
4 178 THR n 
4 179 THR n 
4 180 PRO n 
4 181 ASP n 
4 182 THR n 
4 183 TYR n 
4 184 SER n 
4 185 SER n 
4 186 ALA n 
4 187 GLY n 
4 188 TYR n 
4 189 ILE n 
4 190 THR n 
4 191 CYS n 
4 192 TRP n 
4 193 TYR n 
4 194 GLN n 
4 195 THR n 
4 196 ASN n 
4 197 PHE n 
4 198 VAL n 
4 199 VAL n 
4 200 PRO n 
4 201 PRO n 
4 202 ASN n 
4 203 THR n 
4 204 PRO n 
4 205 ASN n 
4 206 THR n 
4 207 ALA n 
4 208 GLU n 
4 209 MET n 
4 210 LEU n 
4 211 CYS n 
4 212 PHE n 
4 213 VAL n 
4 214 SER n 
4 215 GLY n 
4 216 CYS n 
4 217 LYS n 
4 218 ASP n 
4 219 PHE n 
4 220 CYS n 
4 221 LEU n 
4 222 ARG n 
4 223 MET n 
4 224 ALA n 
4 225 ARG n 
4 226 ASP n 
4 227 THR n 
4 228 ASP n 
4 229 LEU n 
4 230 HIS n 
4 231 LYS n 
4 232 GLN n 
4 233 THR n 
4 234 GLY n 
4 235 PRO n 
4 236 ILE n 
4 237 THR n 
4 238 GLN n 
5 1   GLY n 
5 2   ALA n 
5 3   GLN n 
5 4   VAL n 
5 5   SER n 
5 6   ARG n 
5 7   GLN n 
5 8   ASN n 
5 9   VAL n 
5 10  GLY n 
5 11  THR n 
5 12  HIS n 
5 13  SER n 
5 14  THR n 
5 15  GLN n 
5 16  ASN n 
5 17  MET n 
5 18  VAL n 
5 19  SER n 
5 20  ASN n 
5 21  GLY n 
5 22  SER n 
5 23  SER n 
5 24  LEU n 
5 25  ASN n 
5 26  TYR n 
5 27  PHE n 
5 28  ASN n 
5 29  ILE n 
5 30  ASN n 
5 31  TYR n 
5 32  PHE n 
5 33  LYS n 
5 34  ASP n 
5 35  ALA n 
5 36  ALA n 
5 37  SER n 
5 38  SER n 
5 39  GLY n 
5 40  ALA n 
5 41  SER n 
5 42  ARG n 
5 43  LEU n 
5 44  ASP n 
5 45  PHE n 
5 46  SER n 
5 47  GLN n 
5 48  ASP n 
5 49  PRO n 
5 50  SER n 
5 51  LYS n 
5 52  PHE n 
5 53  THR n 
5 54  ASP n 
5 55  PRO n 
5 56  VAL n 
5 57  LYS n 
5 58  ASP n 
5 59  VAL n 
5 60  LEU n 
5 61  GLU n 
5 62  LYS n 
5 63  GLY n 
5 64  ILE n 
5 65  PRO n 
5 66  THR n 
5 67  LEU n 
5 68  GLN n 
# 
loop_
_entity_src_nat.entity_id 
_entity_src_nat.pdbx_src_id 
_entity_src_nat.pdbx_alt_source_flag 
_entity_src_nat.pdbx_beg_seq_num 
_entity_src_nat.pdbx_end_seq_num 
_entity_src_nat.common_name 
_entity_src_nat.pdbx_organism_scientific 
_entity_src_nat.pdbx_ncbi_taxonomy_id 
_entity_src_nat.genus 
_entity_src_nat.species 
_entity_src_nat.strain 
_entity_src_nat.tissue 
_entity_src_nat.tissue_fraction 
_entity_src_nat.pdbx_secretion 
_entity_src_nat.pdbx_fragment 
_entity_src_nat.pdbx_variant 
_entity_src_nat.pdbx_cell_line 
_entity_src_nat.pdbx_atcc 
_entity_src_nat.pdbx_cellular_location 
_entity_src_nat.pdbx_organ 
_entity_src_nat.pdbx_organelle 
_entity_src_nat.pdbx_cell 
_entity_src_nat.pdbx_plasmid_name 
_entity_src_nat.pdbx_plasmid_details 
_entity_src_nat.details 
1 1 sample ? ? human 'Homo sapiens'         9606   Homo       ? ?             ? ? ? '1 - 185' ? ? ? ? ? ? ? ? ? ? 
2 1 sample ? ? ?     'Human rhinovirus sp.' 169066 Rhinovirus ? 'SEROTYPE 16' ? ? ? ?         ? ? ? ? ? ? ? ? ? ? 
3 1 sample ? ? ?     'Human rhinovirus sp.' 169066 Rhinovirus ? 'SEROTYPE 16' ? ? ? ?         ? ? ? ? ? ? ? ? ? ? 
4 1 sample ? ? ?     'Human rhinovirus sp.' 169066 Rhinovirus ? 'SEROTYPE 16' ? ? ? ?         ? ? ? ? ? ? ? ? ? ? 
5 1 sample ? ? ?     'Human rhinovirus sp.' 169066 Rhinovirus ? 'SEROTYPE 16' ? ? ? ?         ? ? ? ? ? ? ? ? ? ? 
# 
loop_
_chem_comp.id 
_chem_comp.type 
_chem_comp.mon_nstd_flag 
_chem_comp.name 
_chem_comp.pdbx_synonyms 
_chem_comp.formula 
_chem_comp.formula_weight 
ALA 'L-peptide linking' y ALANINE         ? 'C3 H7 N O2'     89.093  
ARG 'L-peptide linking' y ARGININE        ? 'C6 H15 N4 O2 1' 175.209 
ASN 'L-peptide linking' y ASPARAGINE      ? 'C4 H8 N2 O3'    132.118 
ASP 'L-peptide linking' y 'ASPARTIC ACID' ? 'C4 H7 N O4'     133.103 
CYS 'L-peptide linking' y CYSTEINE        ? 'C3 H7 N O2 S'   121.158 
GLN 'L-peptide linking' y GLUTAMINE       ? 'C5 H10 N2 O3'   146.144 
GLU 'L-peptide linking' y 'GLUTAMIC ACID' ? 'C5 H9 N O4'     147.129 
GLY 'peptide linking'   y GLYCINE         ? 'C2 H5 N O2'     75.067  
HIS 'L-peptide linking' y HISTIDINE       ? 'C6 H10 N3 O2 1' 156.162 
ILE 'L-peptide linking' y ISOLEUCINE      ? 'C6 H13 N O2'    131.173 
LEU 'L-peptide linking' y LEUCINE         ? 'C6 H13 N O2'    131.173 
LYS 'L-peptide linking' y LYSINE          ? 'C6 H15 N2 O2 1' 147.195 
MET 'L-peptide linking' y METHIONINE      ? 'C5 H11 N O2 S'  149.211 
PHE 'L-peptide linking' y PHENYLALANINE   ? 'C9 H11 N O2'    165.189 
PRO 'L-peptide linking' y PROLINE         ? 'C5 H9 N O2'     115.130 
SER 'L-peptide linking' y SERINE          ? 'C3 H7 N O3'     105.093 
THR 'L-peptide linking' y THREONINE       ? 'C4 H9 N O3'     119.119 
TRP 'L-peptide linking' y TRYPTOPHAN      ? 'C11 H12 N2 O2'  204.225 
TYR 'L-peptide linking' y TYROSINE        ? 'C9 H11 N O3'    181.189 
VAL 'L-peptide linking' y VALINE          ? 'C5 H11 N O2'    117.146 
# 
loop_
_pdbx_poly_seq_scheme.asym_id 
_pdbx_poly_seq_scheme.entity_id 
_pdbx_poly_seq_scheme.seq_id 
_pdbx_poly_seq_scheme.mon_id 
_pdbx_poly_seq_scheme.ndb_seq_num 
_pdbx_poly_seq_scheme.pdb_seq_num 
_pdbx_poly_seq_scheme.auth_seq_num 
_pdbx_poly_seq_scheme.pdb_mon_id 
_pdbx_poly_seq_scheme.auth_mon_id 
_pdbx_poly_seq_scheme.pdb_strand_id 
_pdbx_poly_seq_scheme.pdb_ins_code 
_pdbx_poly_seq_scheme.hetero 
A 1 1   GLN 1   1   1   GLN GLN I . n 
A 1 2   THR 2   2   2   THR THR I . n 
A 1 3   SER 3   3   3   SER SER I . n 
A 1 4   VAL 4   4   4   VAL VAL I . n 
A 1 5   SER 5   5   5   SER SER I . n 
A 1 6   PRO 6   6   6   PRO PRO I . n 
A 1 7   SER 7   7   7   SER SER I . n 
A 1 8   LYS 8   8   8   LYS LYS I . n 
A 1 9   VAL 9   9   9   VAL VAL I . n 
A 1 10  ILE 10  10  10  ILE ILE I . n 
A 1 11  LEU 11  11  11  LEU LEU I . n 
A 1 12  PRO 12  12  12  PRO PRO I . n 
A 1 13  ARG 13  13  13  ARG ARG I . n 
A 1 14  GLY 14  14  14  GLY GLY I . n 
A 1 15  GLY 15  15  15  GLY GLY I . n 
A 1 16  SER 16  16  16  SER SER I . n 
A 1 17  VAL 17  17  17  VAL VAL I . n 
A 1 18  LEU 18  18  18  LEU LEU I . n 
A 1 19  VAL 19  19  19  VAL VAL I . n 
A 1 20  THR 20  20  20  THR THR I . n 
A 1 21  CYS 21  21  21  CYS CYS I . n 
A 1 22  SER 22  22  22  SER SER I . n 
A 1 23  THR 23  23  23  THR THR I . n 
A 1 24  SER 24  24  24  SER SER I . n 
A 1 25  CYS 25  25  25  CYS CYS I . n 
A 1 26  ASP 26  26  26  ASP ASP I . n 
A 1 27  GLN 27  27  27  GLN GLN I . n 
A 1 28  PRO 28  28  28  PRO PRO I . n 
A 1 29  LYS 29  29  29  LYS LYS I . n 
A 1 30  LEU 30  30  30  LEU LEU I . n 
A 1 31  LEU 31  31  31  LEU LEU I . n 
A 1 32  GLY 32  32  32  GLY GLY I . n 
A 1 33  ILE 33  33  33  ILE ILE I . n 
A 1 34  GLU 34  34  34  GLU GLU I . n 
A 1 35  THR 35  35  35  THR THR I . n 
A 1 36  PRO 36  36  36  PRO PRO I . n 
A 1 37  LEU 37  37  37  LEU LEU I . n 
A 1 38  PRO 38  38  38  PRO PRO I . n 
A 1 39  LYS 39  39  39  LYS LYS I . n 
A 1 40  LYS 40  40  40  LYS LYS I . n 
A 1 41  GLU 41  41  41  GLU GLU I . n 
A 1 42  LEU 42  42  42  LEU LEU I . n 
A 1 43  LEU 43  43  43  LEU LEU I . n 
A 1 44  LEU 44  44  44  LEU LEU I . n 
A 1 45  PRO 45  45  45  PRO PRO I . n 
A 1 46  GLY 46  46  46  GLY GLY I . n 
A 1 47  ASN 47  47  47  ASN ASN I . n 
A 1 48  ASN 48  48  48  ASN ASN I . n 
A 1 49  ARG 49  49  49  ARG ARG I . n 
A 1 50  LYS 50  50  50  LYS LYS I . n 
A 1 51  VAL 51  51  51  VAL VAL I . n 
A 1 52  TYR 52  52  52  TYR TYR I . n 
A 1 53  GLU 53  53  53  GLU GLU I . n 
A 1 54  LEU 54  54  54  LEU LEU I . n 
A 1 55  SER 55  55  55  SER SER I . n 
A 1 56  ASN 56  56  56  ASN ASN I . n 
A 1 57  VAL 57  57  57  VAL VAL I . n 
A 1 58  GLN 58  58  58  GLN GLN I . n 
A 1 59  GLU 59  59  59  GLU GLU I . n 
A 1 60  ASP 60  60  60  ASP ASP I . n 
A 1 61  SER 61  61  61  SER SER I . n 
A 1 62  GLN 62  62  62  GLN GLN I . n 
A 1 63  PRO 63  63  63  PRO PRO I . n 
A 1 64  MET 64  64  64  MET MET I . n 
A 1 65  CYS 65  65  65  CYS CYS I . n 
A 1 66  TYR 66  66  66  TYR TYR I . n 
A 1 67  SER 67  67  67  SER SER I . n 
A 1 68  ASN 68  68  68  ASN ASN I . n 
A 1 69  CYS 69  69  69  CYS CYS I . n 
A 1 70  PRO 70  70  70  PRO PRO I . n 
A 1 71  ASP 71  71  71  ASP ASP I . n 
A 1 72  GLY 72  72  72  GLY GLY I . n 
A 1 73  GLN 73  73  73  GLN GLN I . n 
A 1 74  SER 74  74  74  SER SER I . n 
A 1 75  THR 75  75  75  THR THR I . n 
A 1 76  ALA 76  76  76  ALA ALA I . n 
A 1 77  LYS 77  77  77  LYS LYS I . n 
A 1 78  THR 78  78  78  THR THR I . n 
A 1 79  PHE 79  79  79  PHE PHE I . n 
A 1 80  LEU 80  80  80  LEU LEU I . n 
A 1 81  THR 81  81  81  THR THR I . n 
A 1 82  VAL 82  82  82  VAL VAL I . n 
A 1 83  TYR 83  83  83  TYR TYR I . n 
A 1 84  TRP 84  84  84  TRP TRP I . n 
A 1 85  THR 85  85  85  THR THR I . n 
A 1 86  PRO 86  86  86  PRO PRO I . n 
A 1 87  GLU 87  87  87  GLU GLU I . n 
A 1 88  ARG 88  88  88  ARG ARG I . n 
A 1 89  VAL 89  89  89  VAL VAL I . n 
A 1 90  GLU 90  90  90  GLU GLU I . n 
A 1 91  LEU 91  91  91  LEU LEU I . n 
A 1 92  ALA 92  92  92  ALA ALA I . n 
A 1 93  PRO 93  93  93  PRO PRO I . n 
A 1 94  LEU 94  94  94  LEU LEU I . n 
A 1 95  PRO 95  95  95  PRO PRO I . n 
A 1 96  SER 96  96  96  SER SER I . n 
A 1 97  TRP 97  97  97  TRP TRP I . n 
A 1 98  GLN 98  98  98  GLN GLN I . n 
A 1 99  PRO 99  99  99  PRO PRO I . n 
A 1 100 VAL 100 100 100 VAL VAL I . n 
A 1 101 GLY 101 101 101 GLY GLY I . n 
A 1 102 LYS 102 102 102 LYS LYS I . n 
A 1 103 ASN 103 103 103 ASN ASN I . n 
A 1 104 LEU 104 104 104 LEU LEU I . n 
A 1 105 THR 105 105 105 THR THR I . n 
A 1 106 LEU 106 106 106 LEU LEU I . n 
A 1 107 ARG 107 107 107 ARG ARG I . n 
A 1 108 CYS 108 108 108 CYS CYS I . n 
A 1 109 GLN 109 109 109 GLN GLN I . n 
A 1 110 VAL 110 110 110 VAL VAL I . n 
A 1 111 GLU 111 111 111 GLU GLU I . n 
A 1 112 GLY 112 112 112 GLY GLY I . n 
A 1 113 GLY 113 113 113 GLY GLY I . n 
A 1 114 ALA 114 114 114 ALA ALA I . n 
A 1 115 PRO 115 115 115 PRO PRO I . n 
A 1 116 ARG 116 116 116 ARG ARG I . n 
A 1 117 ALA 117 117 117 ALA ALA I . n 
A 1 118 ASN 118 118 118 ASN ASN I . n 
A 1 119 LEU 119 119 119 LEU LEU I . n 
A 1 120 THR 120 120 120 THR THR I . n 
A 1 121 VAL 121 121 121 VAL VAL I . n 
A 1 122 VAL 122 122 122 VAL VAL I . n 
A 1 123 LEU 123 123 123 LEU LEU I . n 
A 1 124 LEU 124 124 124 LEU LEU I . n 
A 1 125 ARG 125 125 125 ARG ARG I . n 
A 1 126 GLY 126 126 126 GLY GLY I . n 
A 1 127 GLU 127 127 127 GLU GLU I . n 
A 1 128 LYS 128 128 128 LYS LYS I . n 
A 1 129 GLU 129 129 129 GLU GLU I . n 
A 1 130 LEU 130 130 130 LEU LEU I . n 
A 1 131 LYS 131 131 131 LYS LYS I . n 
A 1 132 ARG 132 132 132 ARG ARG I . n 
A 1 133 GLU 133 133 133 GLU GLU I . n 
A 1 134 PRO 134 134 134 PRO PRO I . n 
A 1 135 ALA 135 135 135 ALA ALA I . n 
A 1 136 VAL 136 136 136 VAL VAL I . n 
A 1 137 GLY 137 137 137 GLY GLY I . n 
A 1 138 GLU 138 138 138 GLU GLU I . n 
A 1 139 PRO 139 139 139 PRO PRO I . n 
A 1 140 ALA 140 140 140 ALA ALA I . n 
A 1 141 GLU 141 141 141 GLU GLU I . n 
A 1 142 VAL 142 142 142 VAL VAL I . n 
A 1 143 THR 143 143 143 THR THR I . n 
A 1 144 THR 144 144 144 THR THR I . n 
A 1 145 THR 145 145 145 THR THR I . n 
A 1 146 VAL 146 146 146 VAL VAL I . n 
A 1 147 LEU 147 147 147 LEU LEU I . n 
A 1 148 VAL 148 148 148 VAL VAL I . n 
A 1 149 ARG 149 149 149 ARG ARG I . n 
A 1 150 ARG 150 150 150 ARG ARG I . n 
A 1 151 ASP 151 151 151 ASP ASP I . n 
A 1 152 HIS 152 152 152 HIS HIS I . n 
A 1 153 HIS 153 153 153 HIS HIS I . n 
A 1 154 GLY 154 154 154 GLY GLY I . n 
A 1 155 ALA 155 155 155 ALA ALA I . n 
A 1 156 ASN 156 156 156 ASN ASN I . n 
A 1 157 PHE 157 157 157 PHE PHE I . n 
A 1 158 SER 158 158 158 SER SER I . n 
A 1 159 CYS 159 159 159 CYS CYS I . n 
A 1 160 ARG 160 160 160 ARG ARG I . n 
A 1 161 THR 161 161 161 THR THR I . n 
A 1 162 GLU 162 162 162 GLU GLU I . n 
A 1 163 LEU 163 163 163 LEU LEU I . n 
A 1 164 ASP 164 164 164 ASP ASP I . n 
A 1 165 LEU 165 165 165 LEU LEU I . n 
A 1 166 ARG 166 166 166 ARG ARG I . n 
A 1 167 PRO 167 167 167 PRO PRO I . n 
A 1 168 GLN 168 168 168 GLN GLN I . n 
A 1 169 GLY 169 169 169 GLY GLY I . n 
A 1 170 LEU 170 170 170 LEU LEU I . n 
A 1 171 GLU 171 171 171 GLU GLU I . n 
A 1 172 LEU 172 172 172 LEU LEU I . n 
A 1 173 PHE 173 173 173 PHE PHE I . n 
A 1 174 GLU 174 174 174 GLU GLU I . n 
A 1 175 ASN 175 175 175 ASN ASN I . n 
A 1 176 THR 176 176 176 THR THR I . n 
A 1 177 SER 177 177 177 SER SER I . n 
A 1 178 ALA 178 178 178 ALA ALA I . n 
A 1 179 PRO 179 179 179 PRO PRO I . n 
A 1 180 TYR 180 180 180 TYR TYR I . n 
A 1 181 GLN 181 181 181 GLN GLN I . n 
A 1 182 LEU 182 182 182 LEU LEU I . n 
A 1 183 GLN 183 183 183 GLN GLN I . n 
A 1 184 THR 184 184 184 THR THR I . n 
A 1 185 PHE 185 185 185 PHE PHE I . n 
B 2 1   ALA 1   1   1   ALA ALA 1 . n 
B 2 2   PRO 2   2   2   PRO PRO 1 . n 
B 2 3   VAL 3   3   3   VAL VAL 1 . n 
B 2 4   ALA 4   4   4   ALA ALA 1 . n 
B 2 5   ALA 5   5   5   ALA ALA 1 . n 
B 2 6   TYR 6   6   6   TYR TYR 1 . n 
B 2 7   VAL 7   7   7   VAL VAL 1 . n 
B 2 8   ASP 8   8   8   ASP ASP 1 . n 
B 2 9   GLU 9   9   9   GLU GLU 1 . n 
B 2 10  VAL 10  10  10  VAL VAL 1 . n 
B 2 11  LEU 11  11  11  LEU LEU 1 . n 
B 2 12  ASN 12  12  12  ASN ASN 1 . n 
B 2 13  GLU 13  13  13  GLU GLU 1 . n 
B 2 14  VAL 14  14  14  VAL VAL 1 . n 
B 2 15  LEU 15  15  15  LEU LEU 1 . n 
B 2 16  VAL 16  16  16  VAL VAL 1 . n 
B 2 17  VAL 17  17  17  VAL VAL 1 . n 
B 2 18  PRO 18  18  18  PRO PRO 1 . n 
B 2 19  ASN 19  19  19  ASN ASN 1 . n 
B 2 20  ILE 20  20  20  ILE ILE 1 . n 
B 2 21  ASN 21  21  21  ASN ASN 1 . n 
B 2 22  GLN 22  22  22  GLN GLN 1 . n 
B 2 23  SER 23  23  23  SER SER 1 . n 
B 2 24  HIS 24  24  24  HIS HIS 1 . n 
B 2 25  PRO 25  25  25  PRO PRO 1 . n 
B 2 26  THR 26  26  26  THR THR 1 . n 
B 2 27  THR 27  27  27  THR THR 1 . n 
B 2 28  SER 28  28  28  SER SER 1 . n 
B 2 29  ASN 29  29  29  ASN ASN 1 . n 
B 2 30  ALA 30  30  30  ALA ALA 1 . n 
B 2 31  ALA 31  31  31  ALA ALA 1 . n 
B 2 32  PRO 32  32  32  PRO PRO 1 . n 
B 2 33  VAL 33  33  33  VAL VAL 1 . n 
B 2 34  LEU 34  34  34  LEU LEU 1 . n 
B 2 35  ASP 35  35  35  ASP ASP 1 . n 
B 2 36  ALA 36  36  36  ALA ALA 1 . n 
B 2 37  ALA 37  37  37  ALA ALA 1 . n 
B 2 38  GLU 38  38  38  GLU GLU 1 . n 
B 2 39  THR 39  39  39  THR THR 1 . n 
B 2 40  GLY 40  40  40  GLY GLY 1 . n 
B 2 41  HIS 41  41  41  HIS HIS 1 . n 
B 2 42  THR 42  42  42  THR THR 1 . n 
B 2 43  ASN 43  43  43  ASN ASN 1 . n 
B 2 44  LYS 44  44  44  LYS LYS 1 . n 
B 2 45  ILE 45  45  45  ILE ILE 1 . n 
B 2 46  GLN 46  46  46  GLN GLN 1 . n 
B 2 47  PRO 47  47  47  PRO PRO 1 . n 
B 2 48  GLU 48  48  48  GLU GLU 1 . n 
B 2 49  ASP 49  49  49  ASP ASP 1 . n 
B 2 50  THR 50  50  50  THR THR 1 . n 
B 2 51  ILE 51  51  51  ILE ILE 1 . n 
B 2 52  GLU 52  52  52  GLU GLU 1 . n 
B 2 53  THR 53  53  53  THR THR 1 . n 
B 2 54  ARG 54  54  54  ARG ARG 1 . n 
B 2 55  TYR 55  55  55  TYR TYR 1 . n 
B 2 56  VAL 56  56  56  VAL VAL 1 . n 
B 2 57  GLN 57  57  57  GLN GLN 1 . n 
B 2 58  SER 58  58  58  SER SER 1 . n 
B 2 59  SER 59  59  59  SER SER 1 . n 
B 2 60  GLN 60  60  60  GLN GLN 1 . n 
B 2 61  THR 61  61  61  THR THR 1 . n 
B 2 62  LEU 62  62  62  LEU LEU 1 . n 
B 2 63  ASP 63  63  63  ASP ASP 1 . n 
B 2 64  GLU 64  64  64  GLU GLU 1 . n 
B 2 65  MET 65  65  65  MET MET 1 . n 
B 2 66  SER 66  66  66  SER SER 1 . n 
B 2 67  VAL 67  67  67  VAL VAL 1 . n 
B 2 68  GLU 68  68  68  GLU GLU 1 . n 
B 2 69  SER 69  69  69  SER SER 1 . n 
B 2 70  PHE 70  70  70  PHE PHE 1 . n 
B 2 71  LEU 71  71  71  LEU LEU 1 . n 
B 2 72  GLY 72  72  72  GLY GLY 1 . n 
B 2 73  ARG 73  73  73  ARG ARG 1 . n 
B 2 74  SER 74  74  74  SER SER 1 . n 
B 2 75  GLY 75  75  75  GLY GLY 1 . n 
B 2 76  CYS 76  76  76  CYS CYS 1 . n 
B 2 77  ILE 77  77  77  ILE ILE 1 . n 
B 2 78  HIS 78  78  78  HIS HIS 1 . n 
B 2 79  GLU 79  79  79  GLU GLU 1 . n 
B 2 80  SER 80  80  80  SER SER 1 . n 
B 2 81  VAL 81  81  81  VAL VAL 1 . n 
B 2 82  LEU 82  82  82  LEU LEU 1 . n 
B 2 83  ASP 83  83  83  ASP ASP 1 . n 
B 2 84  ILE 84  84  84  ILE ILE 1 . n 
B 2 85  VAL 85  85  85  VAL VAL 1 . n 
B 2 86  ASP 86  86  86  ASP ASP 1 . n 
B 2 87  ASN 87  87  87  ASN ASN 1 . n 
B 2 88  TYR 88  88  88  TYR TYR 1 . n 
B 2 89  ASN 89  89  89  ASN ASN 1 . n 
B 2 90  ASP 90  90  90  ASP ASP 1 . n 
B 2 91  GLN 91  91  91  GLN GLN 1 . n 
B 2 92  SER 92  92  92  SER SER 1 . n 
B 2 93  PHE 93  93  93  PHE PHE 1 . n 
B 2 94  THR 94  94  94  THR THR 1 . n 
B 2 95  LYS 95  95  95  LYS LYS 1 . n 
B 2 96  TRP 96  96  96  TRP TRP 1 . n 
B 2 97  ASN 97  97  97  ASN ASN 1 . n 
B 2 98  ILE 98  98  98  ILE ILE 1 . n 
B 2 99  ASN 99  99  99  ASN ASN 1 . n 
B 2 100 LEU 100 100 100 LEU LEU 1 . n 
B 2 101 GLN 101 101 101 GLN GLN 1 . n 
B 2 102 GLU 102 102 102 GLU GLU 1 . n 
B 2 103 MET 103 103 103 MET MET 1 . n 
B 2 104 ALA 104 104 104 ALA ALA 1 . n 
B 2 105 GLN 105 105 105 GLN GLN 1 . n 
B 2 106 ILE 106 106 106 ILE ILE 1 . n 
B 2 107 ARG 107 107 107 ARG ARG 1 . n 
B 2 108 ARG 108 108 108 ARG ARG 1 . n 
B 2 109 LYS 109 109 109 LYS LYS 1 . n 
B 2 110 PHE 110 110 110 PHE PHE 1 . n 
B 2 111 GLU 111 111 111 GLU GLU 1 . n 
B 2 112 MET 112 112 112 MET MET 1 . n 
B 2 113 PHE 113 113 113 PHE PHE 1 . n 
B 2 114 THR 114 114 114 THR THR 1 . n 
B 2 115 TYR 115 115 115 TYR TYR 1 . n 
B 2 116 ALA 116 116 116 ALA ALA 1 . n 
B 2 117 ARG 117 117 117 ARG ARG 1 . n 
B 2 118 PHE 118 118 118 PHE PHE 1 . n 
B 2 119 ASP 119 119 119 ASP ASP 1 . n 
B 2 120 SER 120 120 120 SER SER 1 . n 
B 2 121 GLU 121 121 121 GLU GLU 1 . n 
B 2 122 ILE 122 122 122 ILE ILE 1 . n 
B 2 123 THR 123 123 123 THR THR 1 . n 
B 2 124 MET 124 124 124 MET MET 1 . n 
B 2 125 VAL 125 125 125 VAL VAL 1 . n 
B 2 126 PRO 126 126 126 PRO PRO 1 . n 
B 2 127 SER 127 127 127 SER SER 1 . n 
B 2 128 VAL 128 128 128 VAL VAL 1 . n 
B 2 129 ALA 129 129 129 ALA ALA 1 . n 
B 2 130 ALA 130 130 130 ALA ALA 1 . n 
B 2 131 LYS 131 131 131 LYS LYS 1 . n 
B 2 132 ASP 132 132 132 ASP ASP 1 . n 
B 2 133 GLY 133 133 133 GLY GLY 1 . n 
B 2 134 HIS 134 134 134 HIS HIS 1 . n 
B 2 135 ILE 135 135 135 ILE ILE 1 . n 
B 2 136 GLY 136 136 136 GLY GLY 1 . n 
B 2 137 HIS 137 137 137 HIS HIS 1 . n 
B 2 138 ILE 138 138 138 ILE ILE 1 . n 
B 2 139 VAL 139 139 139 VAL VAL 1 . n 
B 2 140 MET 140 140 140 MET MET 1 . n 
B 2 141 GLN 141 141 141 GLN GLN 1 . n 
B 2 142 TYR 142 142 142 TYR TYR 1 . n 
B 2 143 MET 143 143 143 MET MET 1 . n 
B 2 144 TYR 144 144 144 TYR TYR 1 . n 
B 2 145 VAL 145 145 145 VAL VAL 1 . n 
B 2 146 PRO 146 146 146 PRO PRO 1 . n 
B 2 147 PRO 147 147 147 PRO PRO 1 . n 
B 2 148 GLY 148 148 148 GLY GLY 1 . n 
B 2 149 ALA 149 149 149 ALA ALA 1 . n 
B 2 150 PRO 150 150 150 PRO PRO 1 . n 
B 2 151 ILE 151 151 151 ILE ILE 1 . n 
B 2 152 PRO 152 152 152 PRO PRO 1 . n 
B 2 153 THR 153 153 153 THR THR 1 . n 
B 2 154 THR 154 154 154 THR THR 1 . n 
B 2 155 ARG 155 155 155 ARG ARG 1 . n 
B 2 156 ASP 156 156 156 ASP ASP 1 . n 
B 2 157 ASP 157 157 157 ASP ASP 1 . n 
B 2 158 TYR 158 158 158 TYR TYR 1 . n 
B 2 159 ALA 159 159 159 ALA ALA 1 . n 
B 2 160 TRP 160 160 160 TRP TRP 1 . n 
B 2 161 GLN 161 161 161 GLN GLN 1 . n 
B 2 162 SER 162 162 162 SER SER 1 . n 
B 2 163 GLY 163 163 163 GLY GLY 1 . n 
B 2 164 THR 164 164 164 THR THR 1 . n 
B 2 165 ASN 165 165 165 ASN ASN 1 . n 
B 2 166 ALA 166 166 166 ALA ALA 1 . n 
B 2 167 SER 167 167 167 SER SER 1 . n 
B 2 168 VAL 168 168 168 VAL VAL 1 . n 
B 2 169 PHE 169 169 169 PHE PHE 1 . n 
B 2 170 TRP 170 170 170 TRP TRP 1 . n 
B 2 171 GLN 171 171 171 GLN GLN 1 . n 
B 2 172 HIS 172 172 172 HIS HIS 1 . n 
B 2 173 GLY 173 173 173 GLY GLY 1 . n 
B 2 174 GLN 174 174 174 GLN GLN 1 . n 
B 2 175 PRO 175 175 175 PRO PRO 1 . n 
B 2 176 PHE 176 176 176 PHE PHE 1 . n 
B 2 177 PRO 177 177 177 PRO PRO 1 . n 
B 2 178 ARG 178 178 178 ARG ARG 1 . n 
B 2 179 PHE 179 179 179 PHE PHE 1 . n 
B 2 180 SER 180 180 180 SER SER 1 . n 
B 2 181 LEU 181 181 181 LEU LEU 1 . n 
B 2 182 PRO 182 182 182 PRO PRO 1 . n 
B 2 183 PHE 183 183 183 PHE PHE 1 . n 
B 2 184 LEU 184 184 184 LEU LEU 1 . n 
B 2 185 SER 185 185 185 SER SER 1 . n 
B 2 186 ILE 186 186 186 ILE ILE 1 . n 
B 2 187 ALA 187 187 187 ALA ALA 1 . n 
B 2 188 SER 188 188 188 SER SER 1 . n 
B 2 189 ALA 189 189 189 ALA ALA 1 . n 
B 2 190 TYR 190 190 190 TYR TYR 1 . n 
B 2 191 TYR 191 191 191 TYR TYR 1 . n 
B 2 192 MET 192 192 192 MET MET 1 . n 
B 2 193 PHE 193 193 193 PHE PHE 1 . n 
B 2 194 TYR 194 194 194 TYR TYR 1 . n 
B 2 195 ASP 195 195 195 ASP ASP 1 . n 
B 2 196 GLY 196 196 196 GLY GLY 1 . n 
B 2 197 TYR 197 197 197 TYR TYR 1 . n 
B 2 198 ASP 198 198 198 ASP ASP 1 . n 
B 2 199 GLY 199 199 199 GLY GLY 1 . n 
B 2 200 ASP 200 200 200 ASP ASP 1 . n 
B 2 201 THR 201 201 201 THR THR 1 . n 
B 2 202 TYR 202 202 202 TYR TYR 1 . n 
B 2 203 LYS 203 203 203 LYS LYS 1 . n 
B 2 204 SER 204 204 204 SER SER 1 . n 
B 2 205 ARG 205 205 205 ARG ARG 1 . n 
B 2 206 TYR 206 206 206 TYR TYR 1 . n 
B 2 207 GLY 207 207 207 GLY GLY 1 . n 
B 2 208 THR 208 208 208 THR THR 1 . n 
B 2 209 VAL 209 209 209 VAL VAL 1 . n 
B 2 210 VAL 210 210 210 VAL VAL 1 . n 
B 2 211 THR 211 211 211 THR THR 1 . n 
B 2 212 ASN 212 212 212 ASN ASN 1 . n 
B 2 213 ASP 213 213 213 ASP ASP 1 . n 
B 2 214 MET 214 214 214 MET MET 1 . n 
B 2 215 GLY 215 215 215 GLY GLY 1 . n 
B 2 216 THR 216 216 216 THR THR 1 . n 
B 2 217 LEU 217 217 217 LEU LEU 1 . n 
B 2 218 CYS 218 218 218 CYS CYS 1 . n 
B 2 219 SER 219 219 219 SER SER 1 . n 
B 2 220 ARG 220 220 220 ARG ARG 1 . n 
B 2 221 ILE 221 221 221 ILE ILE 1 . n 
B 2 222 VAL 222 222 222 VAL VAL 1 . n 
B 2 223 THR 223 223 223 THR THR 1 . n 
B 2 224 SER 224 224 224 SER SER 1 . n 
B 2 225 GLU 225 225 225 GLU GLU 1 . n 
B 2 226 GLN 226 226 226 GLN GLN 1 . n 
B 2 227 LEU 227 227 227 LEU LEU 1 . n 
B 2 228 HIS 228 228 228 HIS HIS 1 . n 
B 2 229 LYS 229 229 229 LYS LYS 1 . n 
B 2 230 VAL 230 230 230 VAL VAL 1 . n 
B 2 231 LYS 231 231 231 LYS LYS 1 . n 
B 2 232 VAL 232 232 232 VAL VAL 1 . n 
B 2 233 VAL 233 233 233 VAL VAL 1 . n 
B 2 234 THR 234 234 234 THR THR 1 . n 
B 2 235 ARG 235 235 235 ARG ARG 1 . n 
B 2 236 ILE 236 236 236 ILE ILE 1 . n 
B 2 237 TYR 237 237 237 TYR TYR 1 . n 
B 2 238 HIS 238 238 238 HIS HIS 1 . n 
B 2 239 LYS 239 239 239 LYS LYS 1 . n 
B 2 240 ALA 240 240 240 ALA ALA 1 . n 
B 2 241 LYS 241 241 241 LYS LYS 1 . n 
B 2 242 HIS 242 242 242 HIS HIS 1 . n 
B 2 243 THR 243 243 243 THR THR 1 . n 
B 2 244 LYS 244 244 244 LYS LYS 1 . n 
B 2 245 ALA 245 245 245 ALA ALA 1 . n 
B 2 246 TRP 246 246 246 TRP TRP 1 . n 
B 2 247 CYS 247 247 247 CYS CYS 1 . n 
B 2 248 PRO 248 248 248 PRO PRO 1 . n 
B 2 249 ARG 249 249 249 ARG ARG 1 . n 
B 2 250 PRO 250 250 250 PRO PRO 1 . n 
B 2 251 PRO 251 251 251 PRO PRO 1 . n 
B 2 252 ARG 252 252 252 ARG ARG 1 . n 
B 2 253 ALA 253 253 253 ALA ALA 1 . n 
B 2 254 VAL 254 254 254 VAL VAL 1 . n 
B 2 255 GLN 255 255 255 GLN GLN 1 . n 
B 2 256 TYR 256 256 256 TYR TYR 1 . n 
B 2 257 SER 257 257 257 SER SER 1 . n 
B 2 258 HIS 258 258 258 HIS HIS 1 . n 
B 2 259 THR 259 259 259 THR THR 1 . n 
B 2 260 HIS 260 260 260 HIS HIS 1 . n 
B 2 261 THR 261 261 261 THR THR 1 . n 
B 2 262 THR 262 262 262 THR THR 1 . n 
B 2 263 ASN 263 263 263 ASN ASN 1 . n 
B 2 264 TYR 264 264 264 TYR TYR 1 . n 
B 2 265 LYS 265 265 265 LYS LYS 1 . n 
B 2 266 LEU 266 266 266 LEU LEU 1 . n 
B 2 267 SER 267 267 267 SER SER 1 . n 
B 2 268 SER 268 268 268 SER SER 1 . n 
B 2 269 GLU 269 269 269 GLU GLU 1 . n 
B 2 270 VAL 270 270 270 VAL VAL 1 . n 
B 2 271 HIS 271 271 271 HIS HIS 1 . n 
B 2 272 ASN 272 272 272 ASN ASN 1 . n 
B 2 273 ASP 273 273 273 ASP ASP 1 . n 
B 2 274 VAL 274 274 274 VAL VAL 1 . n 
B 2 275 ALA 275 275 275 ALA ALA 1 . n 
B 2 276 ILE 276 276 276 ILE ILE 1 . n 
B 2 277 ARG 277 277 277 ARG ARG 1 . n 
B 2 278 PRO 278 278 278 PRO PRO 1 . n 
B 2 279 ARG 279 279 279 ARG ARG 1 . n 
B 2 280 THR 280 280 280 THR THR 1 . n 
B 2 281 ASN 281 281 281 ASN ASN 1 . n 
B 2 282 LEU 282 282 282 LEU LEU 1 . n 
B 2 283 THR 283 283 283 THR THR 1 . n 
B 2 284 THR 284 284 284 THR THR 1 . n 
B 2 285 VAL 285 285 285 VAL VAL 1 . n 
C 3 1   SER 1   10  10  SER SER 2 . n 
C 3 2   ASP 2   11  11  ASP ASP 2 . n 
C 3 3   ARG 3   12  12  ARG ARG 2 . n 
C 3 4   ILE 4   13  13  ILE ILE 2 . n 
C 3 5   ILE 5   14  14  ILE ILE 2 . n 
C 3 6   GLN 6   15  15  GLN GLN 2 . n 
C 3 7   ILE 7   16  16  ILE ILE 2 . n 
C 3 8   THR 8   17  17  THR THR 2 . n 
C 3 9   ARG 9   18  18  ARG ARG 2 . n 
C 3 10  GLY 10  19  19  GLY GLY 2 . n 
C 3 11  ASP 11  20  20  ASP ASP 2 . n 
C 3 12  SER 12  21  21  SER SER 2 . n 
C 3 13  THR 13  22  22  THR THR 2 . n 
C 3 14  ILE 14  23  23  ILE ILE 2 . n 
C 3 15  THR 15  24  24  THR THR 2 . n 
C 3 16  SER 16  25  25  SER SER 2 . n 
C 3 17  GLN 17  26  26  GLN GLN 2 . n 
C 3 18  ASP 18  27  27  ASP ASP 2 . n 
C 3 19  VAL 19  28  28  VAL VAL 2 . n 
C 3 20  ALA 20  29  29  ALA ALA 2 . n 
C 3 21  ASN 21  30  30  ASN ASN 2 . n 
C 3 22  ALA 22  31  31  ALA ALA 2 . n 
C 3 23  VAL 23  32  32  VAL VAL 2 . n 
C 3 24  VAL 24  33  33  VAL VAL 2 . n 
C 3 25  GLY 25  34  34  GLY GLY 2 . n 
C 3 26  TYR 26  35  35  TYR TYR 2 . n 
C 3 27  GLY 27  36  36  GLY GLY 2 . n 
C 3 28  VAL 28  37  37  VAL VAL 2 . n 
C 3 29  TRP 29  38  38  TRP TRP 2 . n 
C 3 30  PRO 30  39  39  PRO PRO 2 . n 
C 3 31  HIS 31  40  40  HIS HIS 2 . n 
C 3 32  TYR 32  41  41  TYR TYR 2 . n 
C 3 33  LEU 33  42  42  LEU LEU 2 . n 
C 3 34  THR 34  43  43  THR THR 2 . n 
C 3 35  PRO 35  44  44  PRO PRO 2 . n 
C 3 36  GLN 36  45  45  GLN GLN 2 . n 
C 3 37  ASP 37  46  46  ASP ASP 2 . n 
C 3 38  ALA 38  47  47  ALA ALA 2 . n 
C 3 39  THR 39  48  48  THR THR 2 . n 
C 3 40  ALA 40  49  49  ALA ALA 2 . n 
C 3 41  ILE 41  50  50  ILE ILE 2 . n 
C 3 42  ASP 42  51  51  ASP ASP 2 . n 
C 3 43  LYS 43  52  52  LYS LYS 2 . n 
C 3 44  PRO 44  53  53  PRO PRO 2 . n 
C 3 45  THR 45  54  54  THR THR 2 . n 
C 3 46  GLN 46  55  55  GLN GLN 2 . n 
C 3 47  PRO 47  56  56  PRO PRO 2 . n 
C 3 48  ASP 48  57  57  ASP ASP 2 . n 
C 3 49  THR 49  58  58  THR THR 2 . n 
C 3 50  SER 50  59  59  SER SER 2 . n 
C 3 51  SER 51  60  60  SER SER 2 . n 
C 3 52  ASN 52  61  61  ASN ASN 2 . n 
C 3 53  ARG 53  62  62  ARG ARG 2 . n 
C 3 54  PHE 54  63  63  PHE PHE 2 . n 
C 3 55  TYR 55  64  64  TYR TYR 2 . n 
C 3 56  THR 56  65  65  THR THR 2 . n 
C 3 57  LEU 57  66  66  LEU LEU 2 . n 
C 3 58  ASP 58  67  67  ASP ASP 2 . n 
C 3 59  SER 59  68  68  SER SER 2 . n 
C 3 60  LYS 60  69  69  LYS LYS 2 . n 
C 3 61  MET 61  70  70  MET MET 2 . n 
C 3 62  TRP 62  71  71  TRP TRP 2 . n 
C 3 63  ASN 63  72  72  ASN ASN 2 . n 
C 3 64  SER 64  73  73  SER SER 2 . n 
C 3 65  THR 65  74  74  THR THR 2 . n 
C 3 66  SER 66  75  75  SER SER 2 . n 
C 3 67  LYS 67  76  76  LYS LYS 2 . n 
C 3 68  GLY 68  77  77  GLY GLY 2 . n 
C 3 69  TRP 69  78  78  TRP TRP 2 . n 
C 3 70  TRP 70  79  79  TRP TRP 2 . n 
C 3 71  TRP 71  80  80  TRP TRP 2 . n 
C 3 72  LYS 72  81  81  LYS LYS 2 . n 
C 3 73  LEU 73  82  82  LEU LEU 2 . n 
C 3 74  PRO 74  83  83  PRO PRO 2 . n 
C 3 75  ASP 75  84  84  ASP ASP 2 . n 
C 3 76  ALA 76  85  85  ALA ALA 2 . n 
C 3 77  LEU 77  86  86  LEU LEU 2 . n 
C 3 78  LYS 78  87  87  LYS LYS 2 . n 
C 3 79  ASP 79  88  88  ASP ASP 2 . n 
C 3 80  MET 80  89  89  MET MET 2 . n 
C 3 81  GLY 81  90  90  GLY GLY 2 . n 
C 3 82  ILE 82  91  91  ILE ILE 2 . n 
C 3 83  PHE 83  92  92  PHE PHE 2 . n 
C 3 84  GLY 84  93  93  GLY GLY 2 . n 
C 3 85  GLU 85  94  94  GLU GLU 2 . n 
C 3 86  ASN 86  95  95  ASN ASN 2 . n 
C 3 87  MET 87  96  96  MET MET 2 . n 
C 3 88  PHE 88  97  97  PHE PHE 2 . n 
C 3 89  TYR 89  98  98  TYR TYR 2 . n 
C 3 90  HIS 90  99  99  HIS HIS 2 . n 
C 3 91  PHE 91  100 100 PHE PHE 2 . n 
C 3 92  LEU 92  101 101 LEU LEU 2 . n 
C 3 93  GLY 93  102 102 GLY GLY 2 . n 
C 3 94  ARG 94  103 103 ARG ARG 2 . n 
C 3 95  SER 95  104 104 SER SER 2 . n 
C 3 96  GLY 96  105 105 GLY GLY 2 . n 
C 3 97  TYR 97  106 106 TYR TYR 2 . n 
C 3 98  THR 98  107 107 THR THR 2 . n 
C 3 99  VAL 99  108 108 VAL VAL 2 . n 
C 3 100 HIS 100 109 109 HIS HIS 2 . n 
C 3 101 VAL 101 110 110 VAL VAL 2 . n 
C 3 102 GLN 102 111 111 GLN GLN 2 . n 
C 3 103 CYS 103 112 112 CYS CYS 2 . n 
C 3 104 ASN 104 113 113 ASN ASN 2 . n 
C 3 105 ALA 105 114 114 ALA ALA 2 . n 
C 3 106 SER 106 115 115 SER SER 2 . n 
C 3 107 LYS 107 116 116 LYS LYS 2 . n 
C 3 108 PHE 108 117 117 PHE PHE 2 . n 
C 3 109 HIS 109 118 118 HIS HIS 2 . n 
C 3 110 GLN 110 119 119 GLN GLN 2 . n 
C 3 111 GLY 111 120 120 GLY GLY 2 . n 
C 3 112 THR 112 121 121 THR THR 2 . n 
C 3 113 LEU 113 122 122 LEU LEU 2 . n 
C 3 114 LEU 114 123 123 LEU LEU 2 . n 
C 3 115 VAL 115 124 124 VAL VAL 2 . n 
C 3 116 VAL 116 125 125 VAL VAL 2 . n 
C 3 117 MET 117 126 126 MET MET 2 . n 
C 3 118 ILE 118 127 127 ILE ILE 2 . n 
C 3 119 PRO 119 128 128 PRO PRO 2 . n 
C 3 120 GLU 120 129 129 GLU GLU 2 . n 
C 3 121 HIS 121 130 130 HIS HIS 2 . n 
C 3 122 GLN 122 131 131 GLN GLN 2 . n 
C 3 123 LEU 123 132 132 LEU LEU 2 . n 
C 3 124 ALA 124 133 133 ALA ALA 2 . n 
C 3 125 THR 125 134 134 THR THR 2 . n 
C 3 126 VAL 126 135 135 VAL VAL 2 . n 
C 3 127 ASN 127 136 136 ASN ASN 2 . n 
C 3 128 LYS 128 137 137 LYS LYS 2 . n 
C 3 129 GLY 129 138 138 GLY GLY 2 . n 
C 3 130 ASN 130 139 139 ASN ASN 2 . n 
C 3 131 VAL 131 140 140 VAL VAL 2 . n 
C 3 132 ASN 132 141 141 ASN ASN 2 . n 
C 3 133 ALA 133 142 142 ALA ALA 2 . n 
C 3 134 GLY 134 143 143 GLY GLY 2 . n 
C 3 135 TYR 135 144 144 TYR TYR 2 . n 
C 3 136 LYS 136 145 145 LYS LYS 2 . n 
C 3 137 TYR 137 146 146 TYR TYR 2 . n 
C 3 138 THR 138 147 147 THR THR 2 . n 
C 3 139 HIS 139 148 148 HIS HIS 2 . n 
C 3 140 PRO 140 149 149 PRO PRO 2 . n 
C 3 141 GLY 141 150 150 GLY GLY 2 . n 
C 3 142 GLU 142 151 151 GLU GLU 2 . n 
C 3 143 ALA 143 152 152 ALA ALA 2 . n 
C 3 144 GLY 144 153 153 GLY GLY 2 . n 
C 3 145 ARG 145 154 154 ARG ARG 2 . n 
C 3 146 GLU 146 155 155 GLU GLU 2 . n 
C 3 147 VAL 147 156 156 VAL VAL 2 . n 
C 3 148 GLY 148 157 157 GLY GLY 2 . n 
C 3 149 THR 149 158 158 THR THR 2 . n 
C 3 150 ALA 150 159 159 ALA ALA 2 . n 
C 3 151 ALA 151 160 160 ALA ALA 2 . n 
C 3 152 ALA 152 161 161 ALA ALA 2 . n 
C 3 153 ALA 153 162 162 ALA ALA 2 . n 
C 3 154 GLU 154 163 163 GLU GLU 2 . n 
C 3 155 LYS 155 164 164 LYS LYS 2 . n 
C 3 156 GLN 156 165 165 GLN GLN 2 . n 
C 3 157 PRO 157 166 166 PRO PRO 2 . n 
C 3 158 SER 158 167 167 SER SER 2 . n 
C 3 159 ASP 159 168 168 ASP ASP 2 . n 
C 3 160 ASP 160 169 169 ASP ASP 2 . n 
C 3 161 ASN 161 170 170 ASN ASN 2 . n 
C 3 162 TRP 162 171 171 TRP TRP 2 . n 
C 3 163 LEU 163 172 172 LEU LEU 2 . n 
C 3 164 ASN 164 173 173 ASN ASN 2 . n 
C 3 165 PHE 165 174 174 PHE PHE 2 . n 
C 3 166 ASP 166 175 175 ASP ASP 2 . n 
C 3 167 GLY 167 176 176 GLY GLY 2 . n 
C 3 168 THR 168 177 177 THR THR 2 . n 
C 3 169 LEU 169 178 178 LEU LEU 2 . n 
C 3 170 LEU 170 179 179 LEU LEU 2 . n 
C 3 171 GLY 171 180 180 GLY GLY 2 . n 
C 3 172 ASN 172 181 181 ASN ASN 2 . n 
C 3 173 LEU 173 182 182 LEU LEU 2 . n 
C 3 174 LEU 174 183 183 LEU LEU 2 . n 
C 3 175 ILE 175 184 184 ILE ILE 2 . n 
C 3 176 PHE 176 185 185 PHE PHE 2 . n 
C 3 177 PRO 177 186 186 PRO PRO 2 . n 
C 3 178 HIS 178 187 187 HIS HIS 2 . n 
C 3 179 GLN 179 188 188 GLN GLN 2 . n 
C 3 180 PHE 180 189 189 PHE PHE 2 . n 
C 3 181 ILE 181 190 190 ILE ILE 2 . n 
C 3 182 ASN 182 191 191 ASN ASN 2 . n 
C 3 183 LEU 183 192 192 LEU LEU 2 . n 
C 3 184 ARG 184 193 193 ARG ARG 2 . n 
C 3 185 SER 185 194 194 SER SER 2 . n 
C 3 186 ASN 186 195 195 ASN ASN 2 . n 
C 3 187 ASN 187 196 196 ASN ASN 2 . n 
C 3 188 SER 188 197 197 SER SER 2 . n 
C 3 189 ALA 189 198 198 ALA ALA 2 . n 
C 3 190 THR 190 199 199 THR THR 2 . n 
C 3 191 LEU 191 200 200 LEU LEU 2 . n 
C 3 192 ILE 192 201 201 ILE ILE 2 . n 
C 3 193 VAL 193 202 202 VAL VAL 2 . n 
C 3 194 PRO 194 203 203 PRO PRO 2 . n 
C 3 195 TYR 195 204 204 TYR TYR 2 . n 
C 3 196 VAL 196 205 205 VAL VAL 2 . n 
C 3 197 ASN 197 206 206 ASN ASN 2 . n 
C 3 198 ALA 198 207 207 ALA ALA 2 . n 
C 3 199 VAL 199 208 208 VAL VAL 2 . n 
C 3 200 PRO 200 209 209 PRO PRO 2 . n 
C 3 201 MET 201 210 210 MET MET 2 . n 
C 3 202 ASP 202 211 211 ASP ASP 2 . n 
C 3 203 SER 203 212 212 SER SER 2 . n 
C 3 204 MET 204 213 213 MET MET 2 . n 
C 3 205 VAL 205 214 214 VAL VAL 2 . n 
C 3 206 ARG 206 215 215 ARG ARG 2 . n 
C 3 207 HIS 207 216 216 HIS HIS 2 . n 
C 3 208 ASN 208 217 217 ASN ASN 2 . n 
C 3 209 ASN 209 218 218 ASN ASN 2 . n 
C 3 210 TRP 210 219 219 TRP TRP 2 . n 
C 3 211 SER 211 220 220 SER SER 2 . n 
C 3 212 LEU 212 221 221 LEU LEU 2 . n 
C 3 213 VAL 213 222 222 VAL VAL 2 . n 
C 3 214 ILE 214 223 223 ILE ILE 2 . n 
C 3 215 ILE 215 224 224 ILE ILE 2 . n 
C 3 216 PRO 216 225 225 PRO PRO 2 . n 
C 3 217 VAL 217 226 226 VAL VAL 2 . n 
C 3 218 CYS 218 227 227 CYS CYS 2 . n 
C 3 219 GLN 219 228 228 GLN GLN 2 . n 
C 3 220 LEU 220 229 229 LEU LEU 2 . n 
C 3 221 GLN 221 230 230 GLN GLN 2 . n 
C 3 222 SER 222 231 231 SER SER 2 . n 
C 3 223 ASN 223 232 232 ASN ASN 2 . n 
C 3 224 ASN 224 233 233 ASN ASN 2 . n 
C 3 225 ILE 225 234 234 ILE ILE 2 . n 
C 3 226 SER 226 235 235 SER SER 2 . n 
C 3 227 ASN 227 236 236 ASN ASN 2 . n 
C 3 228 ILE 228 237 237 ILE ILE 2 . n 
C 3 229 VAL 229 238 238 VAL VAL 2 . n 
C 3 230 PRO 230 239 239 PRO PRO 2 . n 
C 3 231 ILE 231 240 240 ILE ILE 2 . n 
C 3 232 THR 232 241 241 THR THR 2 . n 
C 3 233 VAL 233 242 242 VAL VAL 2 . n 
C 3 234 SER 234 243 243 SER SER 2 . n 
C 3 235 ILE 235 244 244 ILE ILE 2 . n 
C 3 236 SER 236 245 245 SER SER 2 . n 
C 3 237 PRO 237 246 246 PRO PRO 2 . n 
C 3 238 MET 238 247 247 MET MET 2 . n 
C 3 239 CYS 239 248 248 CYS CYS 2 . n 
C 3 240 ALA 240 249 249 ALA ALA 2 . n 
C 3 241 GLU 241 250 250 GLU GLU 2 . n 
C 3 242 PHE 242 251 251 PHE PHE 2 . n 
C 3 243 SER 243 252 252 SER SER 2 . n 
C 3 244 GLY 244 253 253 GLY GLY 2 . n 
C 3 245 ALA 245 254 254 ALA ALA 2 . n 
C 3 246 ARG 246 255 255 ARG ARG 2 . n 
C 3 247 ALA 247 256 256 ALA ALA 2 . n 
C 3 248 LYS 248 257 257 LYS LYS 2 . n 
C 3 249 THR 249 258 258 THR THR 2 . n 
C 3 250 VAL 250 259 259 VAL VAL 2 . n 
C 3 251 VAL 251 260 260 VAL VAL 2 . n 
C 3 252 GLN 252 261 261 GLN GLN 2 . n 
D 4 1   GLY 1   1   1   GLY GLY 3 . n 
D 4 2   LEU 2   2   2   LEU LEU 3 . n 
D 4 3   PRO 3   3   3   PRO PRO 3 . n 
D 4 4   VAL 4   4   4   VAL VAL 3 . n 
D 4 5   TYR 5   5   5   TYR TYR 3 . n 
D 4 6   VAL 6   6   6   VAL VAL 3 . n 
D 4 7   THR 7   7   7   THR THR 3 . n 
D 4 8   PRO 8   8   8   PRO PRO 3 . n 
D 4 9   GLY 9   9   9   GLY GLY 3 . n 
D 4 10  SER 10  10  10  SER SER 3 . n 
D 4 11  GLY 11  11  11  GLY GLY 3 . n 
D 4 12  GLN 12  12  12  GLN GLN 3 . n 
D 4 13  PHE 13  13  13  PHE PHE 3 . n 
D 4 14  MET 14  14  14  MET MET 3 . n 
D 4 15  THR 15  15  15  THR THR 3 . n 
D 4 16  THR 16  16  16  THR THR 3 . n 
D 4 17  ASP 17  17  17  ASP ASP 3 . n 
D 4 18  ASP 18  18  18  ASP ASP 3 . n 
D 4 19  MET 19  19  19  MET MET 3 . n 
D 4 20  GLN 20  20  20  GLN GLN 3 . n 
D 4 21  SER 21  21  21  SER SER 3 . n 
D 4 22  PRO 22  22  22  PRO PRO 3 . n 
D 4 23  CYS 23  23  23  CYS CYS 3 . n 
D 4 24  ALA 24  24  24  ALA ALA 3 . n 
D 4 25  LEU 25  25  25  LEU LEU 3 . n 
D 4 26  PRO 26  26  26  PRO PRO 3 . n 
D 4 27  TRP 27  27  27  TRP TRP 3 . n 
D 4 28  TYR 28  28  28  TYR TYR 3 . n 
D 4 29  HIS 29  29  29  HIS HIS 3 . n 
D 4 30  PRO 30  30  30  PRO PRO 3 . n 
D 4 31  THR 31  31  31  THR THR 3 . n 
D 4 32  LYS 32  32  32  LYS LYS 3 . n 
D 4 33  GLU 33  33  33  GLU GLU 3 . n 
D 4 34  ILE 34  34  34  ILE ILE 3 . n 
D 4 35  PHE 35  35  35  PHE PHE 3 . n 
D 4 36  ILE 36  36  36  ILE ILE 3 . n 
D 4 37  PRO 37  37  37  PRO PRO 3 . n 
D 4 38  GLY 38  38  38  GLY GLY 3 . n 
D 4 39  GLU 39  39  39  GLU GLU 3 . n 
D 4 40  VAL 40  40  40  VAL VAL 3 . n 
D 4 41  LYS 41  41  41  LYS LYS 3 . n 
D 4 42  ASN 42  42  42  ASN ASN 3 . n 
D 4 43  LEU 43  43  43  LEU LEU 3 . n 
D 4 44  ILE 44  44  44  ILE ILE 3 . n 
D 4 45  GLU 45  45  45  GLU GLU 3 . n 
D 4 46  MET 46  46  46  MET MET 3 . n 
D 4 47  CYS 47  47  47  CYS CYS 3 . n 
D 4 48  GLN 48  48  48  GLN GLN 3 . n 
D 4 49  VAL 49  49  49  VAL VAL 3 . n 
D 4 50  ASP 50  50  50  ASP ASP 3 . n 
D 4 51  THR 51  51  51  THR THR 3 . n 
D 4 52  LEU 52  52  52  LEU LEU 3 . n 
D 4 53  ILE 53  53  53  ILE ILE 3 . n 
D 4 54  PRO 54  54  54  PRO PRO 3 . n 
D 4 55  ILE 55  55  55  ILE ILE 3 . n 
D 4 56  ASN 56  56  56  ASN ASN 3 . n 
D 4 57  SER 57  57  57  SER SER 3 . n 
D 4 58  THR 58  58  58  THR THR 3 . n 
D 4 59  GLN 59  59  59  GLN GLN 3 . n 
D 4 60  SER 60  60  60  SER SER 3 . n 
D 4 61  ASN 61  61  61  ASN ASN 3 . n 
D 4 62  ILE 62  62  62  ILE ILE 3 . n 
D 4 63  GLY 63  63  63  GLY GLY 3 . n 
D 4 64  ASN 64  64  64  ASN ASN 3 . n 
D 4 65  VAL 65  65  65  VAL VAL 3 . n 
D 4 66  SER 66  66  66  SER SER 3 . n 
D 4 67  MET 67  67  67  MET MET 3 . n 
D 4 68  TYR 68  68  68  TYR TYR 3 . n 
D 4 69  THR 69  69  69  THR THR 3 . n 
D 4 70  VAL 70  70  70  VAL VAL 3 . n 
D 4 71  THR 71  71  71  THR THR 3 . n 
D 4 72  LEU 72  72  72  LEU LEU 3 . n 
D 4 73  SER 73  73  73  SER SER 3 . n 
D 4 74  PRO 74  74  74  PRO PRO 3 . n 
D 4 75  GLN 75  75  75  GLN GLN 3 . n 
D 4 76  THR 76  76  76  THR THR 3 . n 
D 4 77  LYS 77  77  77  LYS LYS 3 . n 
D 4 78  LEU 78  78  78  LEU LEU 3 . n 
D 4 79  ALA 79  79  79  ALA ALA 3 . n 
D 4 80  GLU 80  80  80  GLU GLU 3 . n 
D 4 81  GLU 81  81  81  GLU GLU 3 . n 
D 4 82  ILE 82  82  82  ILE ILE 3 . n 
D 4 83  PHE 83  83  83  PHE PHE 3 . n 
D 4 84  ALA 84  84  84  ALA ALA 3 . n 
D 4 85  ILE 85  85  85  ILE ILE 3 . n 
D 4 86  LYS 86  86  86  LYS LYS 3 . n 
D 4 87  VAL 87  87  87  VAL VAL 3 . n 
D 4 88  ASP 88  88  88  ASP ASP 3 . n 
D 4 89  ILE 89  89  89  ILE ILE 3 . n 
D 4 90  ALA 90  90  90  ALA ALA 3 . n 
D 4 91  SER 91  91  91  SER SER 3 . n 
D 4 92  HIS 92  92  92  HIS HIS 3 . n 
D 4 93  PRO 93  93  93  PRO PRO 3 . n 
D 4 94  LEU 94  94  94  LEU LEU 3 . n 
D 4 95  ALA 95  95  95  ALA ALA 3 . n 
D 4 96  THR 96  96  96  THR THR 3 . n 
D 4 97  THR 97  97  97  THR THR 3 . n 
D 4 98  LEU 98  98  98  LEU LEU 3 . n 
D 4 99  ILE 99  99  99  ILE ILE 3 . n 
D 4 100 GLY 100 100 100 GLY GLY 3 . n 
D 4 101 GLU 101 101 101 GLU GLU 3 . n 
D 4 102 ILE 102 102 102 ILE ILE 3 . n 
D 4 103 ALA 103 103 103 ALA ALA 3 . n 
D 4 104 SER 104 104 104 SER SER 3 . n 
D 4 105 TYR 105 105 105 TYR TYR 3 . n 
D 4 106 PHE 106 106 106 PHE PHE 3 . n 
D 4 107 THR 107 107 107 THR THR 3 . n 
D 4 108 HIS 108 108 108 HIS HIS 3 . n 
D 4 109 TRP 109 109 109 TRP TRP 3 . n 
D 4 110 THR 110 110 110 THR THR 3 . n 
D 4 111 GLY 111 111 111 GLY GLY 3 . n 
D 4 112 SER 112 112 112 SER SER 3 . n 
D 4 113 LEU 113 113 113 LEU LEU 3 . n 
D 4 114 ARG 114 114 114 ARG ARG 3 . n 
D 4 115 PHE 115 115 115 PHE PHE 3 . n 
D 4 116 SER 116 116 116 SER SER 3 . n 
D 4 117 PHE 117 117 117 PHE PHE 3 . n 
D 4 118 MET 118 118 118 MET MET 3 . n 
D 4 119 PHE 119 119 119 PHE PHE 3 . n 
D 4 120 CYS 120 120 120 CYS CYS 3 . n 
D 4 121 GLY 121 121 121 GLY GLY 3 . n 
D 4 122 THR 122 122 122 THR THR 3 . n 
D 4 123 ALA 123 123 123 ALA ALA 3 . n 
D 4 124 ASN 124 124 124 ASN ASN 3 . n 
D 4 125 THR 125 125 125 THR THR 3 . n 
D 4 126 THR 126 126 126 THR THR 3 . n 
D 4 127 LEU 127 127 127 LEU LEU 3 . n 
D 4 128 LYS 128 128 128 LYS LYS 3 . n 
D 4 129 VAL 129 129 129 VAL VAL 3 . n 
D 4 130 LEU 130 130 130 LEU LEU 3 . n 
D 4 131 LEU 131 131 131 LEU LEU 3 . n 
D 4 132 ALA 132 132 132 ALA ALA 3 . n 
D 4 133 TYR 133 133 133 TYR TYR 3 . n 
D 4 134 THR 134 134 134 THR THR 3 . n 
D 4 135 PRO 135 135 135 PRO PRO 3 . n 
D 4 136 PRO 136 136 136 PRO PRO 3 . n 
D 4 137 GLY 137 137 137 GLY GLY 3 . n 
D 4 138 ILE 138 138 138 ILE ILE 3 . n 
D 4 139 GLY 139 139 139 GLY GLY 3 . n 
D 4 140 LYS 140 140 140 LYS LYS 3 . n 
D 4 141 PRO 141 141 141 PRO PRO 3 . n 
D 4 142 ARG 142 142 142 ARG ARG 3 . n 
D 4 143 SER 143 143 143 SER SER 3 . n 
D 4 144 ARG 144 144 144 ARG ARG 3 . n 
D 4 145 LYS 145 145 145 LYS LYS 3 . n 
D 4 146 GLU 146 146 146 GLU GLU 3 . n 
D 4 147 ALA 147 147 147 ALA ALA 3 . n 
D 4 148 MET 148 148 148 MET MET 3 . n 
D 4 149 LEU 149 149 149 LEU LEU 3 . n 
D 4 150 GLY 150 150 150 GLY GLY 3 . n 
D 4 151 THR 151 151 151 THR THR 3 . n 
D 4 152 HIS 152 152 152 HIS HIS 3 . n 
D 4 153 VAL 153 153 153 VAL VAL 3 . n 
D 4 154 VAL 154 154 154 VAL VAL 3 . n 
D 4 155 TRP 155 155 155 TRP TRP 3 . n 
D 4 156 ASP 156 156 156 ASP ASP 3 . n 
D 4 157 VAL 157 157 157 VAL VAL 3 . n 
D 4 158 GLY 158 158 158 GLY GLY 3 . n 
D 4 159 LEU 159 159 159 LEU LEU 3 . n 
D 4 160 GLN 160 160 160 GLN GLN 3 . n 
D 4 161 SER 161 161 161 SER SER 3 . n 
D 4 162 THR 162 162 162 THR THR 3 . n 
D 4 163 VAL 163 163 163 VAL VAL 3 . n 
D 4 164 SER 164 164 164 SER SER 3 . n 
D 4 165 LEU 165 165 165 LEU LEU 3 . n 
D 4 166 VAL 166 166 166 VAL VAL 3 . n 
D 4 167 VAL 167 167 167 VAL VAL 3 . n 
D 4 168 PRO 168 168 168 PRO PRO 3 . n 
D 4 169 TRP 169 169 169 TRP TRP 3 . n 
D 4 170 ILE 170 170 170 ILE ILE 3 . n 
D 4 171 SER 171 171 171 SER SER 3 . n 
D 4 172 ALA 172 172 172 ALA ALA 3 . n 
D 4 173 SER 173 173 173 SER SER 3 . n 
D 4 174 GLN 174 174 174 GLN GLN 3 . n 
D 4 175 TYR 175 175 175 TYR TYR 3 . n 
D 4 176 ARG 176 176 176 ARG ARG 3 . n 
D 4 177 PHE 177 177 177 PHE PHE 3 . n 
D 4 178 THR 178 178 178 THR THR 3 . n 
D 4 179 THR 179 179 179 THR THR 3 . n 
D 4 180 PRO 180 180 180 PRO PRO 3 . n 
D 4 181 ASP 181 181 181 ASP ASP 3 . n 
D 4 182 THR 182 182 182 THR THR 3 . n 
D 4 183 TYR 183 183 183 TYR TYR 3 . n 
D 4 184 SER 184 184 184 SER SER 3 . n 
D 4 185 SER 185 185 185 SER SER 3 . n 
D 4 186 ALA 186 186 186 ALA ALA 3 . n 
D 4 187 GLY 187 187 187 GLY GLY 3 . n 
D 4 188 TYR 188 188 188 TYR TYR 3 . n 
D 4 189 ILE 189 189 189 ILE ILE 3 . n 
D 4 190 THR 190 190 190 THR THR 3 . n 
D 4 191 CYS 191 191 191 CYS CYS 3 . n 
D 4 192 TRP 192 192 192 TRP TRP 3 . n 
D 4 193 TYR 193 193 193 TYR TYR 3 . n 
D 4 194 GLN 194 194 194 GLN GLN 3 . n 
D 4 195 THR 195 195 195 THR THR 3 . n 
D 4 196 ASN 196 196 196 ASN ASN 3 . n 
D 4 197 PHE 197 197 197 PHE PHE 3 . n 
D 4 198 VAL 198 198 198 VAL VAL 3 . n 
D 4 199 VAL 199 199 199 VAL VAL 3 . n 
D 4 200 PRO 200 200 200 PRO PRO 3 . n 
D 4 201 PRO 201 201 201 PRO PRO 3 . n 
D 4 202 ASN 202 202 202 ASN ASN 3 . n 
D 4 203 THR 203 203 203 THR THR 3 . n 
D 4 204 PRO 204 204 204 PRO PRO 3 . n 
D 4 205 ASN 205 205 205 ASN ASN 3 . n 
D 4 206 THR 206 206 206 THR THR 3 . n 
D 4 207 ALA 207 207 207 ALA ALA 3 . n 
D 4 208 GLU 208 208 208 GLU GLU 3 . n 
D 4 209 MET 209 209 209 MET MET 3 . n 
D 4 210 LEU 210 210 210 LEU LEU 3 . n 
D 4 211 CYS 211 211 211 CYS CYS 3 . n 
D 4 212 PHE 212 212 212 PHE PHE 3 . n 
D 4 213 VAL 213 213 213 VAL VAL 3 . n 
D 4 214 SER 214 214 214 SER SER 3 . n 
D 4 215 GLY 215 215 215 GLY GLY 3 . n 
D 4 216 CYS 216 216 216 CYS CYS 3 . n 
D 4 217 LYS 217 217 217 LYS LYS 3 . n 
D 4 218 ASP 218 218 218 ASP ASP 3 . n 
D 4 219 PHE 219 219 219 PHE PHE 3 . n 
D 4 220 CYS 220 220 220 CYS CYS 3 . n 
D 4 221 LEU 221 221 221 LEU LEU 3 . n 
D 4 222 ARG 222 222 222 ARG ARG 3 . n 
D 4 223 MET 223 223 223 MET MET 3 . n 
D 4 224 ALA 224 224 224 ALA ALA 3 . n 
D 4 225 ARG 225 225 225 ARG ARG 3 . n 
D 4 226 ASP 226 226 226 ASP ASP 3 . n 
D 4 227 THR 227 227 227 THR THR 3 . n 
D 4 228 ASP 228 228 228 ASP ASP 3 . n 
D 4 229 LEU 229 229 229 LEU LEU 3 . n 
D 4 230 HIS 230 230 230 HIS HIS 3 . n 
D 4 231 LYS 231 231 231 LYS LYS 3 . n 
D 4 232 GLN 232 232 232 GLN GLN 3 . n 
D 4 233 THR 233 233 233 THR THR 3 . n 
D 4 234 GLY 234 234 234 GLY GLY 3 . n 
D 4 235 PRO 235 235 235 PRO PRO 3 . n 
D 4 236 ILE 236 236 236 ILE ILE 3 . n 
D 4 237 THR 237 237 237 THR THR 3 . n 
D 4 238 GLN 238 238 238 GLN GLN 3 . n 
E 5 1   GLY 1   1   1   GLY GLY 4 . n 
E 5 2   ALA 2   2   2   ALA ALA 4 . n 
E 5 3   GLN 3   3   3   GLN GLN 4 . n 
E 5 4   VAL 4   4   4   VAL VAL 4 . n 
E 5 5   SER 5   5   5   SER SER 4 . n 
E 5 6   ARG 6   6   6   ARG ARG 4 . n 
E 5 7   GLN 7   7   7   GLN GLN 4 . n 
E 5 8   ASN 8   8   ?   ?   ?   4 . n 
E 5 9   VAL 9   9   ?   ?   ?   4 . n 
E 5 10  GLY 10  10  ?   ?   ?   4 . n 
E 5 11  THR 11  11  ?   ?   ?   4 . n 
E 5 12  HIS 12  12  ?   ?   ?   4 . n 
E 5 13  SER 13  13  ?   ?   ?   4 . n 
E 5 14  THR 14  14  ?   ?   ?   4 . n 
E 5 15  GLN 15  15  ?   ?   ?   4 . n 
E 5 16  ASN 16  16  ?   ?   ?   4 . n 
E 5 17  MET 17  17  ?   ?   ?   4 . n 
E 5 18  VAL 18  18  ?   ?   ?   4 . n 
E 5 19  SER 19  19  ?   ?   ?   4 . n 
E 5 20  ASN 20  20  ?   ?   ?   4 . n 
E 5 21  GLY 21  21  ?   ?   ?   4 . n 
E 5 22  SER 22  22  ?   ?   ?   4 . n 
E 5 23  SER 23  23  23  SER SER 4 . n 
E 5 24  LEU 24  24  24  LEU LEU 4 . n 
E 5 25  ASN 25  25  25  ASN ASN 4 . n 
E 5 26  TYR 26  26  26  TYR TYR 4 . n 
E 5 27  PHE 27  27  27  PHE PHE 4 . n 
E 5 28  ASN 28  28  28  ASN ASN 4 . n 
E 5 29  ILE 29  29  29  ILE ILE 4 . n 
E 5 30  ASN 30  30  30  ASN ASN 4 . n 
E 5 31  TYR 31  31  31  TYR TYR 4 . n 
E 5 32  PHE 32  32  32  PHE PHE 4 . n 
E 5 33  LYS 33  33  33  LYS LYS 4 . n 
E 5 34  ASP 34  34  34  ASP ASP 4 . n 
E 5 35  ALA 35  35  35  ALA ALA 4 . n 
E 5 36  ALA 36  36  36  ALA ALA 4 . n 
E 5 37  SER 37  37  37  SER SER 4 . n 
E 5 38  SER 38  38  38  SER SER 4 . n 
E 5 39  GLY 39  39  39  GLY GLY 4 . n 
E 5 40  ALA 40  40  40  ALA ALA 4 . n 
E 5 41  SER 41  41  41  SER SER 4 . n 
E 5 42  ARG 42  42  42  ARG ARG 4 . n 
E 5 43  LEU 43  43  43  LEU LEU 4 . n 
E 5 44  ASP 44  44  44  ASP ASP 4 . n 
E 5 45  PHE 45  45  ?   ?   ?   4 . n 
E 5 46  SER 46  46  ?   ?   ?   4 . n 
E 5 47  GLN 47  47  ?   ?   ?   4 . n 
E 5 48  ASP 48  48  ?   ?   ?   4 . n 
E 5 49  PRO 49  49  ?   ?   ?   4 . n 
E 5 50  SER 50  50  ?   ?   ?   4 . n 
E 5 51  LYS 51  51  ?   ?   ?   4 . n 
E 5 52  PHE 52  52  ?   ?   ?   4 . n 
E 5 53  THR 53  53  ?   ?   ?   4 . n 
E 5 54  ASP 54  54  ?   ?   ?   4 . n 
E 5 55  PRO 55  55  ?   ?   ?   4 . n 
E 5 56  VAL 56  56  ?   ?   ?   4 . n 
E 5 57  LYS 57  57  ?   ?   ?   4 . n 
E 5 58  ASP 58  58  ?   ?   ?   4 . n 
E 5 59  VAL 59  59  ?   ?   ?   4 . n 
E 5 60  LEU 60  60  ?   ?   ?   4 . n 
E 5 61  GLU 61  61  ?   ?   ?   4 . n 
E 5 62  LYS 62  62  ?   ?   ?   4 . n 
E 5 63  GLY 63  63  ?   ?   ?   4 . n 
E 5 64  ILE 64  64  ?   ?   ?   4 . n 
E 5 65  PRO 65  65  ?   ?   ?   4 . n 
E 5 66  THR 66  66  ?   ?   ?   4 . n 
E 5 67  LEU 67  67  ?   ?   ?   4 . n 
E 5 68  GLN 68  68  ?   ?   ?   4 . n 
# 
_cell.entry_id           1D3E 
_cell.length_a           1.0 
_cell.length_b           1.0 
_cell.length_c           1.0 
_cell.angle_alpha        90.0 
_cell.angle_beta         90.0 
_cell.angle_gamma        90.0 
_cell.Z_PDB              1 
_cell.pdbx_unique_axis   ? 
_cell.length_a_esd       ? 
_cell.length_b_esd       ? 
_cell.length_c_esd       ? 
_cell.angle_alpha_esd    ? 
_cell.angle_beta_esd     ? 
_cell.angle_gamma_esd    ? 
# 
_symmetry.entry_id                         1D3E 
_symmetry.space_group_name_H-M             'P 1' 
_symmetry.pdbx_full_space_group_name_H-M   ? 
_symmetry.cell_setting                     ? 
_symmetry.Int_Tables_number                1 
# 
_exptl.entry_id          1D3E 
_exptl.method            'ELECTRON MICROSCOPY' 
_exptl.crystals_number   ? 
# 
_exptl_crystal.id                    1 
_exptl_crystal.density_meas          ? 
_exptl_crystal.density_Matthews      ? 
_exptl_crystal.density_percent_sol   ? 
_exptl_crystal.description           ? 
# 
_diffrn.id                     1 
_diffrn.crystal_id             1 
_diffrn.ambient_temp           ? 
_diffrn.ambient_temp_details   ? 
# 
_refine.entry_id                                 1D3E 
_refine.ls_number_reflns_obs                     ? 
_refine.ls_number_reflns_all                     ? 
_refine.pdbx_ls_sigma_I                          ? 
_refine.pdbx_ls_sigma_F                          ? 
_refine.pdbx_data_cutoff_high_absF               ? 
_refine.pdbx_data_cutoff_low_absF                ? 
_refine.pdbx_data_cutoff_high_rms_absF           ? 
_refine.ls_d_res_low                             ? 
_refine.ls_d_res_high                            28.0 
_refine.ls_percent_reflns_obs                    ? 
_refine.ls_R_factor_obs                          ? 
_refine.ls_R_factor_all                          ? 
_refine.ls_R_factor_R_work                       ? 
_refine.ls_R_factor_R_free                       ? 
_refine.ls_R_factor_R_free_error                 ? 
_refine.ls_R_factor_R_free_error_details         ? 
_refine.ls_percent_reflns_R_free                 ? 
_refine.ls_number_reflns_R_free                  ? 
_refine.ls_number_parameters                     ? 
_refine.ls_number_restraints                     ? 
_refine.occupancy_min                            ? 
_refine.occupancy_max                            ? 
_refine.B_iso_mean                               ? 
_refine.aniso_B[1][1]                            ? 
_refine.aniso_B[2][2]                            ? 
_refine.aniso_B[3][3]                            ? 
_refine.aniso_B[1][2]                            ? 
_refine.aniso_B[1][3]                            ? 
_refine.aniso_B[2][3]                            ? 
_refine.solvent_model_details                    ? 
_refine.solvent_model_param_ksol                 ? 
_refine.solvent_model_param_bsol                 ? 
_refine.pdbx_ls_cross_valid_method               ? 
_refine.details                                  ? 
_refine.pdbx_starting_model                      ? 
_refine.pdbx_method_to_determine_struct          ? 
_refine.pdbx_isotropic_thermal_model             ? 
_refine.pdbx_stereochemistry_target_values       ? 
_refine.pdbx_stereochem_target_val_spec_case     ? 
_refine.pdbx_R_Free_selection_details            ? 
_refine.pdbx_overall_ESU_R                       ? 
_refine.pdbx_overall_ESU_R_Free                  ? 
_refine.overall_SU_ML                            ? 
_refine.overall_SU_B                             ? 
_refine.ls_redundancy_reflns_obs                 ? 
_refine.B_iso_min                                ? 
_refine.B_iso_max                                ? 
_refine.pdbx_overall_phase_error                 ? 
_refine.pdbx_solvent_vdw_probe_radii             ? 
_refine.pdbx_solvent_ion_probe_radii             ? 
_refine.pdbx_solvent_shrinkage_radii             ? 
_refine.correlation_coeff_Fo_to_Fc               ? 
_refine.correlation_coeff_Fo_to_Fc_free          ? 
_refine.overall_SU_R_Cruickshank_DPI             ? 
_refine.overall_SU_R_free                        ? 
_refine.pdbx_refine_id                           'ELECTRON MICROSCOPY' 
_refine.pdbx_diffrn_id                           1 
_refine.pdbx_TLS_residual_ADP_flag               ? 
_refine.pdbx_overall_SU_R_free_Cruickshank_DPI   ? 
_refine.pdbx_overall_SU_R_Blow_DPI               ? 
_refine.pdbx_overall_SU_R_free_Blow_DPI          ? 
# 
_refine_hist.pdbx_refine_id                   'ELECTRON MICROSCOPY' 
_refine_hist.cycle_id                         LAST 
_refine_hist.pdbx_number_atoms_protein        989 
_refine_hist.pdbx_number_atoms_nucleic_acid   0 
_refine_hist.pdbx_number_atoms_ligand         0 
_refine_hist.number_atoms_solvent             0 
_refine_hist.number_atoms_total               989 
_refine_hist.d_res_high                       28.0 
_refine_hist.d_res_low                        . 
# 
_struct.entry_id                  1D3E 
_struct.title                     
;CRYO-EM STRUCTURE OF HUMAN RHINOVIRUS 16 (HRV16) COMPLEXED WITH A TWO-DOMAIN FRAGMENT OF ITS CELLULAR RECEPTOR, INTERCELLULAR ADHESION MOLECULE-1 (D1D2-ICAM-1). IMPLICATIONS FOR VIRUS-RECEPTOR INTERACTIONS. ALPHA CARBONS ONLY
;
_struct.pdbx_model_details        ? 
_struct.pdbx_CASP_flag            ? 
_struct.pdbx_model_type_details   ? 
# 
_struct_keywords.entry_id        1D3E 
_struct_keywords.pdbx_keywords   Virus/Receptor 
_struct_keywords.text            
;HUMAN RHINOVIRUS, HRV16, ICAM-1, FITTING OF X-RAY STRUCTURES INTO CRYO-EM RECONSTRUCTIONS, COMMON COLD, VIRUS UNCOATING, VIRUS/ VIRAL PROTEIN, RHINOVIRUS-RECEPTOR COMPLEX, Icosahedral virus, Virus-Receptor COMPLEX
;
# 
loop_
_struct_asym.id 
_struct_asym.pdbx_blank_PDB_chainid_flag 
_struct_asym.pdbx_modified 
_struct_asym.entity_id 
_struct_asym.details 
A N N 1 ? 
B N N 2 ? 
C N N 3 ? 
D N N 4 ? 
E N N 5 ? 
# 
loop_
_struct_ref.id 
_struct_ref.db_name 
_struct_ref.db_code 
_struct_ref.pdbx_db_accession 
_struct_ref.entity_id 
_struct_ref.pdbx_align_begin 
_struct_ref.pdbx_seq_one_letter_code 
_struct_ref.pdbx_db_isoform 
1 UNP ICAM1_HUMAN P05362 2 28  ? ? 
2 UNP POLG_HRV16  Q82122 2 573 ? ? 
3 UNP POLG_HRV16  Q82122 3 78  ? ? 
4 UNP POLG_HRV16  Q82122 4 330 ? ? 
5 UNP POLG_HRV16  Q82122 5 1   ? ? 
6 PDB 1D3E        1D3E   1 ?   ? ? 
# 
loop_
_struct_ref_seq.align_id 
_struct_ref_seq.ref_id 
_struct_ref_seq.pdbx_PDB_id_code 
_struct_ref_seq.pdbx_strand_id 
_struct_ref_seq.seq_align_beg 
_struct_ref_seq.pdbx_seq_align_beg_ins_code 
_struct_ref_seq.seq_align_end 
_struct_ref_seq.pdbx_seq_align_end_ins_code 
_struct_ref_seq.pdbx_db_accession 
_struct_ref_seq.db_align_beg 
_struct_ref_seq.pdbx_db_align_beg_ins_code 
_struct_ref_seq.db_align_end 
_struct_ref_seq.pdbx_db_align_end_ins_code 
_struct_ref_seq.pdbx_auth_seq_align_beg 
_struct_ref_seq.pdbx_auth_seq_align_end 
1 1 1D3E 1 1 ? 185 ? P05362 28  ? 212 ? 1  185 
2 2 1D3E 1 1 ? 285 ? Q82122 573 ? 852 ? 1  285 
3 3 1D3E 2 1 ? 252 ? Q82122 78  ? 329 ? 10 261 
4 4 1D3E 3 1 ? 238 ? Q82122 330 ? 567 ? 1  238 
5 5 1D3E 4 1 ? 68  ? Q82122 1   ? 68  ? 1  68  
6 6 1D3E I 1 ? 185 ? 1D3E   1   ? 185 ? 1  185 
# 
_struct_ref_seq_dif.align_id                     2 
_struct_ref_seq_dif.pdbx_pdb_id_code             1D3E 
_struct_ref_seq_dif.mon_id                       ALA 
_struct_ref_seq_dif.pdbx_pdb_strand_id           1 
_struct_ref_seq_dif.seq_num                      1 
_struct_ref_seq_dif.pdbx_pdb_ins_code            ? 
_struct_ref_seq_dif.pdbx_seq_db_name             UNP 
_struct_ref_seq_dif.pdbx_seq_db_accession_code   Q82122 
_struct_ref_seq_dif.db_mon_id                    ASN 
_struct_ref_seq_dif.pdbx_seq_db_seq_num          569 
_struct_ref_seq_dif.details                      conflict 
_struct_ref_seq_dif.pdbx_auth_seq_num            1 
_struct_ref_seq_dif.pdbx_ordinal                 1 
# 
loop_
_pdbx_struct_assembly.id 
_pdbx_struct_assembly.details 
_pdbx_struct_assembly.method_details 
_pdbx_struct_assembly.oligomeric_details 
_pdbx_struct_assembly.oligomeric_count 
1 'complete icosahedral assembly'                ? 300-MERIC  300 
2 'icosahedral asymmetric unit'                  ? pentameric 5   
3 'icosahedral pentamer'                         ? 25-meric   25  
4 'icosahedral 23 hexamer'                       ? 30-meric   30  
5 'icosahedral asymmetric unit, std point frame' ? pentameric 5   
# 
loop_
_pdbx_struct_assembly_gen.assembly_id 
_pdbx_struct_assembly_gen.oper_expression 
_pdbx_struct_assembly_gen.asym_id_list 
1 '(1-60)'           A,B,C,D,E 
2 1                  A,B,C,D,E 
3 '(1-5)'            A,B,C,D,E 
4 '(1,2,6,10,23,24)' A,B,C,D,E 
5 P                  A,B,C,D,E 
# 
loop_
_pdbx_struct_oper_list.id 
_pdbx_struct_oper_list.type 
_pdbx_struct_oper_list.name 
_pdbx_struct_oper_list.symmetry_operation 
_pdbx_struct_oper_list.matrix[1][1] 
_pdbx_struct_oper_list.matrix[1][2] 
_pdbx_struct_oper_list.matrix[1][3] 
_pdbx_struct_oper_list.vector[1] 
_pdbx_struct_oper_list.matrix[2][1] 
_pdbx_struct_oper_list.matrix[2][2] 
_pdbx_struct_oper_list.matrix[2][3] 
_pdbx_struct_oper_list.vector[2] 
_pdbx_struct_oper_list.matrix[3][1] 
_pdbx_struct_oper_list.matrix[3][2] 
_pdbx_struct_oper_list.matrix[3][3] 
_pdbx_struct_oper_list.vector[3] 
P  'transform to point frame' ?     ?     -0.47056786 0.87208959  -0.13425956 35.38732  -0.81064247 -0.48737486 -0.32453740 41.60039   -0.34846042 -0.04388036 0.93629581  126.59512  
1  'identity operation'       1_555 x,y,z 1.00000000  0.00000000  0.00000000  0.00000   0.00000000  1.00000000  0.00000000  0.00000    0.00000000  0.00000000  1.00000000  0.00000    
2  'point symmetry operation' ?     ?     0.66981240  -0.44863763 -0.59167188 -30.39007 0.74178341  0.36856214  0.56028503  -17.08220  -0.03329709 -0.81417825 0.57965944  -43.10097  
3  'point symmetry operation' ?     ?     0.13555767  0.01587248  -0.99064230 -17.58037 0.75159315  -0.65312579 0.09238197  -70.06973  -0.64554771 -0.75708306 -0.10046586 -53.16500  
4  'point symmetry operation' ?     ?     0.13555767  0.75159315  -0.64554771 20.72653  0.01587248  -0.65312579 -0.75708306 -85.73563  -0.99064230 0.09238197  -0.10046586 -16.28395  
5  'point symmetry operation' ?     ?     0.66981240  0.74178341  -0.03329709 31.59180  -0.44863763 0.36856214  -0.81417825 -42.43015  -0.59167188 0.56028503  0.57965944  16.57383   
6  'point symmetry operation' ?     ?     -0.75715066 0.03058114  -0.65252407 100.75035 0.03058114  -0.99614902 -0.08217000 -21.17186  -0.65252407 -0.08217000 0.75329969  36.50393   
7  'point symmetry operation' ?     ?     -0.46273717 0.88222824  0.08687717  151.36224 -0.71570718 -0.31396163 -0.62385201 -1.54320   -0.52310376 -0.35085813 0.77669880  25.26988   
8  'point symmetry operation' ?     ?     0.34158242  0.46202373  0.81844702  146.60997 -0.69150862 0.71330554  -0.11406589 52.45897   -0.63650394 -0.52700026 0.56314602  13.68400   
9  'point symmetry operation' ?     ?     0.54426577  -0.64932404 0.53118081  93.06102  0.06973523  0.66600417  0.74268124  66.20549   -0.83600943 -0.36717397 0.40776404  17.75758   
10 'point symmetry operation' ?     ?     -0.13478862 -0.91597022 -0.37792932 64.71821  0.51601124  -0.39049685 0.76239399  20.69914   -0.84591040 -0.09225375 0.52528547  31.86108   
11 'point symmetry operation' ?     ?     0.31428244  0.79017352  0.52616760  121.53105 0.79017352  -0.52493149 0.31634274  -50.61175  0.52616760  0.31634274  -0.78935095 -227.55879 
12 'point symmetry operation' ?     ?     0.77912804  -0.27816511 0.56176833  75.80375  0.12934927  -0.80553082 -0.57826365 -79.29287  0.61337448  0.52320575  -0.59163120 -214.93109 
13 'point symmetry operation' ?     ?     0.29682612  -0.90944685 -0.29120558 32.66490  -0.49163517 0.11589058  -0.86305518 -44.53985  0.81865079  0.39934422  -0.41271670 -217.00921 
14 'point symmetry operation' ?     ?     -0.46609847 -0.23126179 -0.85397318 51.73093  -0.21460039 0.96595967  -0.14445962 5.61983    0.85831164  0.11593057  -0.49986120 -230.92125 
15 'point symmetry operation' ?     ?     -0.45530987 0.81916137  -0.34880878 106.65323 0.57760095  0.56990985  0.58444837  1.86719    0.67754709  0.06463283  -0.73263396 -237.44125 
16 'point symmetry operation' ?     ?     -0.55713178 -0.82075467 0.12635647  155.67286 -0.82075467 0.52108051  -0.23417274 51.66005   0.12635647  -0.23417274 -0.96394873 -210.05920 
17 'point symmetry operation' ?     ?     -0.98620328 -0.15542550 -0.05697362 181.17834 -0.15542550 0.75093032  0.64183063  77.79471   -0.05697362 0.64183063  -0.76472704 -168.35187 
18 'point symmetry operation' ?     ?     -0.77396620 0.43155063  0.46340086  216.25976 0.43155063  -0.17607033 0.88473910  42.02704   0.46340086  0.88473910  -0.04996346 -144.62383 
19 'point symmetry operation' ?     ?     -0.21372497 0.12899268  0.96834009  212.43578 0.12899268  -0.97883805 0.15886143  -6.21326   0.96834009  0.15886143  0.19256302  -171.66643 
20 'point symmetry operation' ?     ?     -0.07971392 -0.64497456 0.76003519  174.99102 -0.64497456 -0.54797514 -0.53266411 -0.25974   0.76003519  -0.53266411 -0.37231095 -212.10771 
21 'point symmetry operation' ?     ?     0.82791339  -0.51647332 -0.21866577 -8.26558  -0.03897447 -0.44191597 0.89620938  86.29907   -0.55950013 -0.73346137 -0.38599742 -89.80936  
22 'point symmetry operation' ?     ?     0.17871625  -0.38375269 -0.90597703 -15.17872 -0.38375269 -0.87506227 0.29495744  56.40490   -0.90597703 0.29495744  -0.30365398 -43.64011  
23 'point symmetry operation' ?     ?     -0.13478862 0.51601124  -0.84591040 24.99391  -0.91597022 -0.39049685 -0.09225375 70.30221   -0.37792932 0.76239399  0.52528547  -8.05815   
24 'point symmetry operation' ?     ?     0.32065186  0.93937531  -0.12147595 56.73510  -0.90012053 0.34212735  0.26968853  108.78538  0.29489899  0.02286687  0.95525477  -32.23653  
25 'point symmetry operation' ?     ?     0.91563441  0.30126475  0.26618255  36.17960  -0.35810735 0.31034859  0.88059234  118.67198  0.18268205  -0.90162259 0.39205098  -82.76155  
26 'point symmetry operation' ?     ?     -0.49996484 0.55777070  -0.66251566 78.09952  -0.56880294 0.36538075  0.73685828  124.44373  0.65306843  0.74524409  0.13458409  -144.74088 
27 'point symmetry operation' ?     ?     0.10092225  0.96928204  0.22429225  112.32061 -0.13449313 -0.21008207 0.96838893  103.72887  0.98576178  -0.12789776 0.10915982  -183.11879 
28 'point symmetry operation' ?     ?     0.77912804  0.12934927  0.61337448  83.02890  -0.27816511 -0.80553082 0.52320575  69.66629   0.56176833  -0.57826365 -0.59163120 -215.59628 
29 'point symmetry operation' ?     ?     0.59739518  -0.80126908 -0.03296739 30.70453  -0.80126908 -0.59807557 0.01653677  69.32931   -0.03296739 0.01653677  -0.99931961 -197.29056 
30 'point symmetry operation' ?     ?     -0.19312769 -0.53649007 -0.82151086 27.65801  -0.98089314 0.12558758  0.14858128  103.18362  0.02345917  0.83450953  -0.55049387 -153.49952 
31 'point symmetry operation' ?     ?     -0.26295975 0.85613502  0.44484265  168.25054 0.11011705  0.48468834  -0.86772774 -100.01173 -0.95850217 -0.17919271 -0.22172859 -32.84713  
32 'point symmetry operation' ?     ?     0.44412109  0.07133137  0.89312277  142.44409 0.46218435  0.83572018  -0.29657613 -74.23782  -0.76755590 0.54450308  0.33819271  8.89954    
33 'point symmetry operation' ?     ?     0.32065186  -0.90012053 0.29489899  89.23426  0.93937531  0.34212735  0.02286687  -89.77686  -0.12147595 0.26968853  0.95525477  8.34788    
34 'point symmetry operation' ?     ?     -0.46273717 -0.71570718 -0.52310376 82.15523  0.88222824  -0.31396163 -0.35085813 -125.15441 0.08687717  -0.62385201 0.77669880  -33.73974  
35 'point symmetry operation' ?     ?     -0.82342898 0.36971844  -0.43043348 130.98997 0.36971844  -0.22585410 -0.90127587 -131.47991 -0.43043348 -0.90127587 0.04928307  -59.19966  
36 'point symmetry operation' ?     ?     -0.06498880 -0.89743240 0.43633878  139.86979 0.49766036  -0.40815312 -0.76533992 -130.85463 0.86493387  0.16740999  0.47314192  -133.71668 
37 'point symmetry operation' ?     ?     -0.72375959 -0.65686072 -0.21143800 138.36829 0.05606147  0.24942416  -0.96677023 -106.01951 0.68777115  -0.71156276 -0.14369855 -183.25469 
38 'point symmetry operation' ?     ?     -0.96499129 0.25476002  -0.06236306 180.69720 0.25476002  0.85390032  -0.45381887 -70.31520  -0.06236306 -0.45381887 -0.88890904 -185.80751 
39 'point symmetry operation' ?     ?     -0.45530987 0.57760095  0.67754709  208.35940 0.81916137  0.56990985  0.06463283  -73.08383  -0.34880878 0.58444837  -0.73263396 -137.84722 
40 'point symmetry operation' ?     ?     0.10092225  -0.13449313 0.98576178  183.12667 0.96928204  -0.21008207 -0.12789776 -110.49926 0.22429225  0.96838893  0.10915982  -105.65332 
41 'point symmetry operation' ?     ?     0.82791339  -0.03897447 -0.55950013 -40.04170 -0.51647332 -0.44191597 -0.73346137 -32.00371  -0.21866577 0.89620938  -0.38599742 -113.81562 
42 'point symmetry operation' ?     ?     0.54426577  0.06973523  -0.83600943 -40.42128 -0.64932404 0.66600417  -0.36717397 22.85374   0.53118081  0.74268124  0.40776404  -105.84271 
43 'point symmetry operation' ?     ?     0.44412109  0.46218435  -0.76755590 -22.11997 0.07133137  0.83572018  0.54450308  47.03549   0.89312277  -0.29657613 0.33819271  -152.24698 
44 'point symmetry operation' ?     ?     0.66587589  0.59602155  -0.44874002 -10.42956 0.64957164  -0.16730970 0.74166309  7.12317    0.36696863  -0.78534437 -0.49856619 -188.89931 
45 'point symmetry operation' ?     ?     0.90307257  0.28628836  -0.32015448 -21.50580 0.28628836  -0.95693226 -0.04816238 -41.72574  -0.32015448 -0.04816238 -0.94614031 -165.14742 
46 'point symmetry operation' ?     ?     -0.26295975 0.11011705  -0.95850217 23.77207  0.85613502  0.48468834  -0.17919271 -101.45663 0.44484265  -0.86772774 -0.22172859 -168.91111 
47 'point symmetry operation' ?     ?     -0.06253537 0.93895023  -0.33832201 71.19477  0.93895023  -0.05956181 -0.33885814 -128.03079 -0.33832201 -0.33885814 -0.87790282 -158.05050 
48 'point symmetry operation' ?     ?     0.66587589  0.64957164  0.36696863  71.63790  0.59602155  -0.16730970 -0.78534437 -140.94299 -0.44874002 0.74166309  -0.49856619 -104.14196 
49 'point symmetry operation' ?     ?     0.91563441  -0.35810735 0.18268205  24.48907  0.30126475  0.31034859  -0.90162259 -122.34901 0.26618255  0.88059234  0.39205098  -81.68527  
50 'point symmetry operation' ?     ?     0.34158242  -0.69150862 -0.63650394 -5.09364  0.46202373  0.71330554  -0.52700026 -97.94509  0.81844702  -0.11406589 0.56314602  -121.71481 
51 'point symmetry operation' ?     ?     -0.06498880 0.49766036  0.86493387  189.86722 -0.89743240 -0.40815312 0.16740999  94.50046   0.43633878  -0.76533992 0.47314192  -97.91191  
52 'point symmetry operation' ?     ?     0.29682612  -0.49163517 0.81865079  146.06161 -0.90944685 0.11589058  0.39934422  121.53012  -0.29120558 -0.86305518 -0.41271670 -118.49147 
53 'point symmetry operation' ?     ?     -0.19312769 -0.98089314 0.02345917  110.15461 -0.53649007 0.12558758  0.83450953  129.97648  -0.82151086 0.14858128  -0.55049387 -77.11034  
54 'point symmetry operation' ?     ?     -0.85775072 -0.29397567 -0.42171318 131.76847 -0.29397567 -0.39246305 0.87152226  108.16697  -0.42171318 0.87152226  0.25021377  -30.95584  
55 'point symmetry operation' ?     ?     -0.77855652 0.61982065  0.09834678  181.03357 -0.51705030 -0.72233294 0.45923208  86.24158   0.35568064  0.30668789  0.88285549  -43.81192  
56 'point symmetry operation' ?     ?     -0.49996484 -0.56880294 0.65306843  204.35667 0.55777070  0.36538075  0.74524409  18.83632   -0.66251566 0.73685828  0.13458409  -20.47541  
57 'point symmetry operation' ?     ?     -0.77855652 -0.51705030 0.35568064  201.11916 0.61982065  -0.72233294 0.30668789  -36.47663  0.09834678  0.45923208  0.88285549  -18.72938  
58 'point symmetry operation' ?     ?     -0.91686929 -0.13086286 0.37712810  218.28172 -0.13086286 -0.79399806 -0.59366825 -56.19253  0.37712810  -0.59366825 0.71086735  -67.61477  
59 'point symmetry operation' ?     ?     -0.72375959 0.05606147  0.68777115  232.12628 -0.65686072 0.24942416  -0.71156276 -13.06469  -0.21143800 -0.96677023 -0.14369855 -99.57363  
60 'point symmetry operation' ?     ?     -0.46609847 -0.21460039 0.85831164  223.52013 -0.23126179 0.96595967  0.11593057  33.30569   -0.85397318 -0.14445962 -0.49986120 -70.43991  
# 
loop_
_struct_conf.conf_type_id 
_struct_conf.id 
_struct_conf.pdbx_PDB_helix_id 
_struct_conf.beg_label_comp_id 
_struct_conf.beg_label_asym_id 
_struct_conf.beg_label_seq_id 
_struct_conf.pdbx_beg_PDB_ins_code 
_struct_conf.end_label_comp_id 
_struct_conf.end_label_asym_id 
_struct_conf.end_label_seq_id 
_struct_conf.pdbx_end_PDB_ins_code 
_struct_conf.beg_auth_comp_id 
_struct_conf.beg_auth_asym_id 
_struct_conf.beg_auth_seq_id 
_struct_conf.end_auth_comp_id 
_struct_conf.end_auth_asym_id 
_struct_conf.end_auth_seq_id 
_struct_conf.pdbx_PDB_helix_class 
_struct_conf.details 
_struct_conf.pdbx_PDB_helix_length 
HELX_P HELX_P1  1   ARG A 116 ? ASN A 118 ? ARG I 116 ASN I 118 5 ? 3 
HELX_P HELX_P2  2   ARG A 166 ? GLN A 168 ? ARG I 166 GLN I 168 5 ? 3 
HELX_P HELX_P3  1Z  SER B 66  ? GLY B 72  ? SER 1 66  GLY 1 72  1 ? 7 
HELX_P HELX_P4  1AO ILE B 98  ? GLN B 101 ? ILE 1 98  GLN 1 101 1 ? 4 
HELX_P HELX_P5  1A  ALA B 104 ? PHE B 110 ? ALA 1 104 PHE 1 110 1 ? 7 
HELX_P HELX_P6  1B  TYR B 158 ? SER B 162 ? TYR 1 158 SER 1 162 1 ? 5 
HELX_P HELX_P7  2Z  PRO C 47  ? SER C 50  ? PRO 2 56  SER 2 59  1 ? 4 
HELX_P HELX_P8  2A  GLY C 81  ? TYR C 89  ? GLY 2 90  TYR 2 98  1 ? 9 
HELX_P HELX_P9  2B  LEU C 170 ? ILE C 175 ? LEU 2 179 ILE 2 184 1 ? 6 
HELX_P HELX_P10 3Z  ILE D 44  ? CYS D 47  ? ILE 3 44  CYS 3 47  1 ? 4 
HELX_P HELX_P11 3A  LEU D 98  ? ALA D 103 ? LEU 3 98  ALA 3 103 1 ? 6 
HELX_P HELX_P12 3B  SER D 143 ? MET D 148 ? SER 3 143 MET 3 148 1 ? 6 
# 
_struct_conf_type.id          HELX_P 
_struct_conf_type.criteria    ? 
_struct_conf_type.reference   ? 
# 
loop_
_struct_sheet.id 
_struct_sheet.type 
_struct_sheet.number_strands 
_struct_sheet.details 
A   ? 4 ? 
B   ? 2 ? 
C   ? 3 ? 
D   ? 2 ? 
E   ? 4 ? 
B11 ? 4 ? 
B12 ? 4 ? 
B21 ? 2 ? 
B22 ? 4 ? 
B23 ? 4 ? 
B31 ? 1 ? 
B32 ? 4 ? 
B33 ? 4 ? 
B41 ? 2 ? 
# 
loop_
_struct_sheet_range.sheet_id 
_struct_sheet_range.id 
_struct_sheet_range.beg_label_comp_id 
_struct_sheet_range.beg_label_asym_id 
_struct_sheet_range.beg_label_seq_id 
_struct_sheet_range.pdbx_beg_PDB_ins_code 
_struct_sheet_range.end_label_comp_id 
_struct_sheet_range.end_label_asym_id 
_struct_sheet_range.end_label_seq_id 
_struct_sheet_range.pdbx_end_PDB_ins_code 
_struct_sheet_range.beg_auth_comp_id 
_struct_sheet_range.beg_auth_asym_id 
_struct_sheet_range.beg_auth_seq_id 
_struct_sheet_range.end_auth_comp_id 
_struct_sheet_range.end_auth_asym_id 
_struct_sheet_range.end_auth_seq_id 
A   1 THR A 2   ? SER A 5   ? THR I 2   SER I 5   
A   2 VAL A 17  ? THR A 23  ? VAL I 17  THR I 23  
A   3 ARG A 49  ? SER A 55  ? ARG I 49  SER I 55  
A   4 PRO A 38  ? LEU A 42  ? PRO I 38  LEU I 42  
B   1 LYS A 8   ? PRO A 12  ? LYS I 8   PRO I 12  
B   2 PHE A 79  ? TYR A 83  ? PHE I 79  TYR I 83  
C   1 LEU A 30  ? GLU A 34  ? LEU I 30  GLU I 34  
C   2 MET A 64  ? ASN A 68  ? MET I 64  ASN I 68  
C   3 GLN A 73  ? LYS A 77  ? GLN I 73  LYS I 77  
D   1 ARG A 88  ? LEU A 91  ? ARG I 88  LEU I 91  
D   2 ALA A 140 ? LEU A 147 ? ALA I 140 LEU I 147 
E   1 LEU A 172 ? THR A 176 ? LEU I 172 THR I 176 
E   2 PHE A 157 ? ASP A 164 ? PHE I 157 ASP I 164 
E   3 LEU A 119 ? ARG A 125 ? LEU I 119 ARG I 125 
E   4 LYS A 128 ? PRO A 134 ? LYS I 128 PRO I 134 
B11 1 GLY B 75  ? ASP B 83  ? GLY 1 75  ASP 1 83  
B11 2 VAL B 230 ? PRO B 248 ? VAL 1 230 PRO 1 248 
B11 3 MET B 112 ? ALA B 130 ? MET 1 112 ALA 1 130 
B11 4 PRO B 177 ? MET B 192 ? PRO 1 177 MET 1 192 
B12 1 PHE B 93  ? ASN B 97  ? PHE 1 93  ASN 1 97  
B12 2 THR B 216 ? ILE B 221 ? THR 1 216 ILE 1 221 
B12 3 HIS B 137 ? VAL B 145 ? HIS 1 137 VAL 1 145 
B12 4 ASN B 165 ? GLN B 171 ? ASN 1 165 GLN 1 171 
B21 1 ILE C 5   ? ARG C 9   ? ILE 2 14  ARG 2 18  
B21 2 SER C 12  ? SER C 16  ? SER 2 21  SER 2 25  
B22 1 LYS C 60  ? TRP C 62  ? LYS 2 69  TRP 2 71  
B22 2 VAL C 229 ? ALA C 245 ? VAL 2 238 ALA 2 254 
B22 3 HIS C 90  ? GLN C 102 ? HIS 2 99  GLN 2 111 
B22 4 ASN C 187 ? VAL C 193 ? ASN 2 196 VAL 2 202 
B23 1 TRP C 69  ? LEU C 73  ? TRP 2 78  LEU 2 82  
B23 2 TRP C 210 ? GLN C 221 ? TRP 2 219 GLN 2 230 
B23 3 GLN C 110 ? PRO C 119 ? GLN 2 119 PRO 2 128 
B23 4 HIS C 178 ? ASN C 182 ? HIS 2 187 ASN 2 191 
B31 1 LEU D 2   ? VAL D 6   ? LEU 3 2   VAL 3 6   
B32 1 THR D 69  ? LEU D 72  ? THR 3 69  LEU 3 72  
B32 2 ALA D 207 ? ALA D 224 ? ALA 3 207 ALA 3 224 
B32 3 PHE D 106 ? PHE D 119 ? PHE 3 106 PHE 3 119 
B32 4 THR D 162 ? VAL D 167 ? THR 3 162 VAL 3 167 
B33 1 LEU D 78  ? VAL D 87  ? LEU 3 78  VAL 3 87  
B33 2 TYR D 188 ? TYR D 193 ? TYR 3 188 TYR 3 193 
B33 3 LYS D 128 ? THR D 134 ? LYS 3 128 THR 3 134 
B33 4 THR D 151 ? ASP D 156 ? THR 3 151 ASP 3 156 
B41 1 ALA E 2   ? ARG E 6   ? ALA 4 2   ARG 4 6   
B41 2 SER E 23  ? ASN E 30  ? SER 4 23  ASN 4 30  
# 
_pdbx_point_symmetry.entry_id             1D3E 
_pdbx_point_symmetry.Schoenflies_symbol   I 
_pdbx_point_symmetry.H-M_notation         532 
_pdbx_point_symmetry.circular_symmetry    ? 
# 
_em_3d_fitting.id                1 
_em_3d_fitting.entry_id          1D3E 
_em_3d_fitting.ref_protocol      'RIGID BODY FIT' 
_em_3d_fitting.ref_space         RECIPROCAL 
_em_3d_fitting.overall_b_value   ? 
_em_3d_fitting.target_criteria   'VECTOR R-FACTOR' 
_em_3d_fitting.details           
;REFINEMENT PROTOCOL--RIGID BODY REFINEMENT DETAILS--THE CRYSTAL STRUCTURE OF 
HRV16 WAS PLACED INTO THE CALIBRATED CRYO-EM DENSITY MAP BY ALIGNING THE 
ICOSAHEDRAL SYMMETRY AXES. APPROPRIATELY GLYCOSYLATED MODELS OF D1D2-ICAM-1 
WITH VARIOUS INTERDOMAIN ANGLES (AS SEEN IN DIFFERENT CRYSTAL STRUCTURES OF 
D1D2-ICAM-1), WERE FIRST MANUALLY FITTED INTO THE CRYO-EM DENSITY CORRESPONDING 
TO THE ICAM-1 FRAGMENT, AND SUBSEQUENTLY REFINED AS RIGID BODIES IN RECIPROCAL 
SPACE. OBSERVED STRUCTURE FACTORS WERE OBTAINED BY INVERSE FOURIER TRANSFORM OF 
CRYO-EM DIFFERENCE MAPS CALCULATED BY 1) SUBSTRACTION OF THE HRV16 AND RNA 
CONTRIBUTION FROM THE CRYO-EM RECONSTRUCTED DENSITY OF THE COMPLEXES; 2) 
REDUCTION OF THE DIFFERENCE MAPS TO AN ICOSAHEDRAL ASYMMETRIC UNIT. THE 
COORDINATES ARE IN THE P, Q, R FRAME IN ANGSTROM UNITS AND CORRESPOND TO 
ICOSAHEDRAL SYMMETRY AXES. THE ORIGIN IS CHOSEN AT THE CENTER OF THE VIRUS WITH 
P, Q AND R ALONG MUTUALLY PERPENDICULAR TWO-FOLD AXES OF THE ICOSAHEDRON. THEY 
SHOULD REMAIN IN THAT FRAME FOR THE EASE OF THE USER IN CREATING THE 
BIOLOGICALLY SIGNIFICANT VIRAL COMPLEX PARTICLE USING THE 60 ICOSAHEDRAL 
SYMMETRY OPERATORS. RESIDUES NOT VISIBLE IN THE ORIGINAL CRYSTAL STRUCTURES ARE 
NOT INCLUDED IN THE CRYO-EM STRUCTURE MODEL. FOR EXAMPLE, HRV16 RESIDUES 
2001-2009, 4008-4022 AND 4045-4068 ARE NOT VISIBLE IN THE CRYSTAL STRUCTURE 
(PDB ENTRY 1AYM) AND THEREFORE ARE NOT INCLUDED IN THE COORDINATES BELOW.
;
_em_3d_fitting.method            ? 
# 
_em_3d_reconstruction.entry_id                    1D3E 
_em_3d_reconstruction.id                          1 
_em_3d_reconstruction.resolution_method           OTHER 
_em_3d_reconstruction.symmetry_type               POINT 
_em_3d_reconstruction.num_particles               44 
_em_3d_reconstruction.image_processing_id         1 
_em_3d_reconstruction.method                      
;COMMON-LINES AND POLAR-FOURIER-TRANSFORM 
 FULLER ET AL. 1996, J.STRUC.BIOL.c 116, 48-55; 
 BAKER AND CHENG, 1996, J.STRUC.BIOL. 116, 120-130
;
_em_3d_reconstruction.nominal_pixel_size          5.1 
_em_3d_reconstruction.actual_pixel_size           4.95 
_em_3d_reconstruction.resolution                  28 
_em_3d_reconstruction.magnification_calibration   
;THE PIXEL SIZE OF THE CRYO-EM MAP WAS CALIBRATED AGAINST
  A LOW RESOLUTION DENSITY MAP CALCULATED FROM THE CRYSTAL
  STRUCTURE OF HRV16. DENSITIES WERE COMPARED BY CROSS-
  CORRELATION WITHIN A SPHERICAL SHELL OF INTERNAL RADIUS
  110 ANGSTROMS AND EXTERNAL RADIUS OF 145 ANGSTROMS.
;
_em_3d_reconstruction.details                     
;THE RESOLUTION OF THE FINAL RECONSTRUCTED DENSITY WAS
  DETERMINED TO BE AT LEAST 28 ANGSTROMS, AS MEASURED BY
  RANDOMLY SPLITTING THE PARTICLES INTO TWO SETS AND
  COMPARING STRUCTURE FACTORS OBTAINED FROM SEPARATE
  RECONSTRUCTIONS (BAKER ET AL. 1991, BIOPHYS.J. 60,
  1445-1456). THE EIGENVALUE SPECTRUM GAVE AN INDICATION
  OF THE RANDOMNESS OF THE DATA THAT WAS INCLUDED IN THE
  RECONSTRUCTION. THE COMPLETENESS OF THE DATA WAS VERIFIED
  IN THAT ALL EIGENVALUES EXCEEDED 1.0.
;
_em_3d_reconstruction.num_class_averages          ? 
_em_3d_reconstruction.algorithm                   ? 
# 
_em_buffer.id            1 
_em_buffer.specimen_id   1 
_em_buffer.name          ? 
_em_buffer.pH            7.5 
_em_buffer.details       ? 
# 
_em_entity_assembly.id                   1 
_em_entity_assembly.name                 'HUMAN RHINOVIRUS 16 COMPLEXED WITH INTERCELLULAR ADHESION MOLECULE-1' 
_em_entity_assembly.type                 COMPLEX 
_em_entity_assembly.parent_id            0 
_em_entity_assembly.synonym              ? 
_em_entity_assembly.details              ? 
_em_entity_assembly.oligomeric_details   ? 
# 
_em_imaging.entry_id                        1D3E 
_em_imaging.id                              1 
_em_imaging.microscope_model                'FEI/PHILIPS EM420' 
_em_imaging.specimen_id                     1 
_em_imaging.date                            1991-10-01 
_em_imaging.temperature                     120 
_em_imaging.nominal_defocus_min             ? 
_em_imaging.nominal_defocus_max             1000 
_em_imaging.tilt_angle_min                  ? 
_em_imaging.tilt_angle_max                  ? 
_em_imaging.nominal_cs                      ? 
_em_imaging.mode                            'BRIGHT FIELD' 
_em_imaging.illumination_mode               'FLOOD BEAM' 
_em_imaging.nominal_magnification           47500 
_em_imaging.calibrated_magnification        ? 
_em_imaging.electron_source                 ? 
_em_imaging.accelerating_voltage            80 
_em_imaging.details                         ? 
_em_imaging.specimen_holder_type            . 
_em_imaging.specimen_holder_model           . 
_em_imaging.citation_id                     ? 
_em_imaging.detector_distance               ? 
_em_imaging.recording_temperature_maximum   ? 
_em_imaging.recording_temperature_minimum   ? 
_em_imaging.astigmatism                     ? 
_em_imaging.electron_beam_tilt_params       ? 
_em_imaging.calibrated_defocus_max          ? 
_em_imaging.alignment_procedure             ? 
_em_imaging.c2_aperture_diameter            ? 
_em_imaging.calibrated_defocus_min          ? 
_em_imaging.cryogen                         ? 
_em_imaging.residual_tilt                   ? 
# 
_em_vitrification.entry_id              1D3E 
_em_vitrification.id                    1 
_em_vitrification.details               
;HRV16 WAS INCUBATED WITH D1D2-ICAM-1 FOR 16 HOURS AT 34
  DEGREES CELSIUS (307 KELVIN) USING A SIXTEEN-FOLD EXCESS
  OF D1D2-ICAM-1 FOR EACH OF THE SIXTY POSSIBLE BINDING
  SITES PER VIRION. AFTER INCUBATION, SAMPLES WERE PREPARED
  AS THIN LAYERS OF VITREOUS ICE AND MAINTAINED AT NEAR
  LIQUID NITROGEN TEMPERATURE IN THE ELECTRON MICROSCOPE
  WITH A GATAN 626 CRYOTRANSFER HOLDER
;
_em_vitrification.citation_id           ? 
_em_vitrification.cryogen_name          ? 
_em_vitrification.humidity              ? 
_em_vitrification.instrument            ? 
_em_vitrification.method                ? 
_em_vitrification.specimen_id           1 
_em_vitrification.temp                  ? 
_em_vitrification.time_resolved_state   ? 
# 
_em_experiment.entry_id                1D3E 
_em_experiment.id                      1 
_em_experiment.aggregation_state       PARTICLE 
_em_experiment.entity_assembly_id      1 
_em_experiment.reconstruction_method   'SINGLE PARTICLE' 
# 
_em_single_particle_entity.entry_id              1D3E 
_em_single_particle_entity.id                    1 
_em_single_particle_entity.point_symmetry        I 
_em_single_particle_entity.image_processing_id   1 
# 
loop_
_pdbx_unobs_or_zero_occ_residues.id 
_pdbx_unobs_or_zero_occ_residues.PDB_model_num 
_pdbx_unobs_or_zero_occ_residues.polymer_flag 
_pdbx_unobs_or_zero_occ_residues.occupancy_flag 
_pdbx_unobs_or_zero_occ_residues.auth_asym_id 
_pdbx_unobs_or_zero_occ_residues.auth_comp_id 
_pdbx_unobs_or_zero_occ_residues.auth_seq_id 
_pdbx_unobs_or_zero_occ_residues.PDB_ins_code 
_pdbx_unobs_or_zero_occ_residues.label_asym_id 
_pdbx_unobs_or_zero_occ_residues.label_comp_id 
_pdbx_unobs_or_zero_occ_residues.label_seq_id 
1  1 Y 1 4 ASN 8  ? E ASN 8  
2  1 Y 1 4 VAL 9  ? E VAL 9  
3  1 Y 1 4 GLY 10 ? E GLY 10 
4  1 Y 1 4 THR 11 ? E THR 11 
5  1 Y 1 4 HIS 12 ? E HIS 12 
6  1 Y 1 4 SER 13 ? E SER 13 
7  1 Y 1 4 THR 14 ? E THR 14 
8  1 Y 1 4 GLN 15 ? E GLN 15 
9  1 Y 1 4 ASN 16 ? E ASN 16 
10 1 Y 1 4 MET 17 ? E MET 17 
11 1 Y 1 4 VAL 18 ? E VAL 18 
12 1 Y 1 4 SER 19 ? E SER 19 
13 1 Y 1 4 ASN 20 ? E ASN 20 
14 1 Y 1 4 GLY 21 ? E GLY 21 
15 1 Y 1 4 SER 22 ? E SER 22 
16 1 Y 1 4 PHE 45 ? E PHE 45 
17 1 Y 1 4 SER 46 ? E SER 46 
18 1 Y 1 4 GLN 47 ? E GLN 47 
19 1 Y 1 4 ASP 48 ? E ASP 48 
20 1 Y 1 4 PRO 49 ? E PRO 49 
21 1 Y 1 4 SER 50 ? E SER 50 
22 1 Y 1 4 LYS 51 ? E LYS 51 
23 1 Y 1 4 PHE 52 ? E PHE 52 
24 1 Y 1 4 THR 53 ? E THR 53 
25 1 Y 1 4 ASP 54 ? E ASP 54 
26 1 Y 1 4 PRO 55 ? E PRO 55 
27 1 Y 1 4 VAL 56 ? E VAL 56 
28 1 Y 1 4 LYS 57 ? E LYS 57 
29 1 Y 1 4 ASP 58 ? E ASP 58 
30 1 Y 1 4 VAL 59 ? E VAL 59 
31 1 Y 1 4 LEU 60 ? E LEU 60 
32 1 Y 1 4 GLU 61 ? E GLU 61 
33 1 Y 1 4 LYS 62 ? E LYS 62 
34 1 Y 1 4 GLY 63 ? E GLY 63 
35 1 Y 1 4 ILE 64 ? E ILE 64 
36 1 Y 1 4 PRO 65 ? E PRO 65 
37 1 Y 1 4 THR 66 ? E THR 66 
38 1 Y 1 4 LEU 67 ? E LEU 67 
39 1 Y 1 4 GLN 68 ? E GLN 68 
# 
loop_
_chem_comp_atom.comp_id 
_chem_comp_atom.atom_id 
_chem_comp_atom.type_symbol 
_chem_comp_atom.pdbx_aromatic_flag 
_chem_comp_atom.pdbx_stereo_config 
_chem_comp_atom.pdbx_ordinal 
ALA N    N N N 1   
ALA CA   C N S 2   
ALA C    C N N 3   
ALA O    O N N 4   
ALA CB   C N N 5   
ALA OXT  O N N 6   
ALA H    H N N 7   
ALA H2   H N N 8   
ALA HA   H N N 9   
ALA HB1  H N N 10  
ALA HB2  H N N 11  
ALA HB3  H N N 12  
ALA HXT  H N N 13  
ARG N    N N N 14  
ARG CA   C N S 15  
ARG C    C N N 16  
ARG O    O N N 17  
ARG CB   C N N 18  
ARG CG   C N N 19  
ARG CD   C N N 20  
ARG NE   N N N 21  
ARG CZ   C N N 22  
ARG NH1  N N N 23  
ARG NH2  N N N 24  
ARG OXT  O N N 25  
ARG H    H N N 26  
ARG H2   H N N 27  
ARG HA   H N N 28  
ARG HB2  H N N 29  
ARG HB3  H N N 30  
ARG HG2  H N N 31  
ARG HG3  H N N 32  
ARG HD2  H N N 33  
ARG HD3  H N N 34  
ARG HE   H N N 35  
ARG HH11 H N N 36  
ARG HH12 H N N 37  
ARG HH21 H N N 38  
ARG HH22 H N N 39  
ARG HXT  H N N 40  
ASN N    N N N 41  
ASN CA   C N S 42  
ASN C    C N N 43  
ASN O    O N N 44  
ASN CB   C N N 45  
ASN CG   C N N 46  
ASN OD1  O N N 47  
ASN ND2  N N N 48  
ASN OXT  O N N 49  
ASN H    H N N 50  
ASN H2   H N N 51  
ASN HA   H N N 52  
ASN HB2  H N N 53  
ASN HB3  H N N 54  
ASN HD21 H N N 55  
ASN HD22 H N N 56  
ASN HXT  H N N 57  
ASP N    N N N 58  
ASP CA   C N S 59  
ASP C    C N N 60  
ASP O    O N N 61  
ASP CB   C N N 62  
ASP CG   C N N 63  
ASP OD1  O N N 64  
ASP OD2  O N N 65  
ASP OXT  O N N 66  
ASP H    H N N 67  
ASP H2   H N N 68  
ASP HA   H N N 69  
ASP HB2  H N N 70  
ASP HB3  H N N 71  
ASP HD2  H N N 72  
ASP HXT  H N N 73  
CYS N    N N N 74  
CYS CA   C N R 75  
CYS C    C N N 76  
CYS O    O N N 77  
CYS CB   C N N 78  
CYS SG   S N N 79  
CYS OXT  O N N 80  
CYS H    H N N 81  
CYS H2   H N N 82  
CYS HA   H N N 83  
CYS HB2  H N N 84  
CYS HB3  H N N 85  
CYS HG   H N N 86  
CYS HXT  H N N 87  
GLN N    N N N 88  
GLN CA   C N S 89  
GLN C    C N N 90  
GLN O    O N N 91  
GLN CB   C N N 92  
GLN CG   C N N 93  
GLN CD   C N N 94  
GLN OE1  O N N 95  
GLN NE2  N N N 96  
GLN OXT  O N N 97  
GLN H    H N N 98  
GLN H2   H N N 99  
GLN HA   H N N 100 
GLN HB2  H N N 101 
GLN HB3  H N N 102 
GLN HG2  H N N 103 
GLN HG3  H N N 104 
GLN HE21 H N N 105 
GLN HE22 H N N 106 
GLN HXT  H N N 107 
GLU N    N N N 108 
GLU CA   C N S 109 
GLU C    C N N 110 
GLU O    O N N 111 
GLU CB   C N N 112 
GLU CG   C N N 113 
GLU CD   C N N 114 
GLU OE1  O N N 115 
GLU OE2  O N N 116 
GLU OXT  O N N 117 
GLU H    H N N 118 
GLU H2   H N N 119 
GLU HA   H N N 120 
GLU HB2  H N N 121 
GLU HB3  H N N 122 
GLU HG2  H N N 123 
GLU HG3  H N N 124 
GLU HE2  H N N 125 
GLU HXT  H N N 126 
GLY N    N N N 127 
GLY CA   C N N 128 
GLY C    C N N 129 
GLY O    O N N 130 
GLY OXT  O N N 131 
GLY H    H N N 132 
GLY H2   H N N 133 
GLY HA2  H N N 134 
GLY HA3  H N N 135 
GLY HXT  H N N 136 
HIS N    N N N 137 
HIS CA   C N S 138 
HIS C    C N N 139 
HIS O    O N N 140 
HIS CB   C N N 141 
HIS CG   C Y N 142 
HIS ND1  N Y N 143 
HIS CD2  C Y N 144 
HIS CE1  C Y N 145 
HIS NE2  N Y N 146 
HIS OXT  O N N 147 
HIS H    H N N 148 
HIS H2   H N N 149 
HIS HA   H N N 150 
HIS HB2  H N N 151 
HIS HB3  H N N 152 
HIS HD1  H N N 153 
HIS HD2  H N N 154 
HIS HE1  H N N 155 
HIS HE2  H N N 156 
HIS HXT  H N N 157 
ILE N    N N N 158 
ILE CA   C N S 159 
ILE C    C N N 160 
ILE O    O N N 161 
ILE CB   C N S 162 
ILE CG1  C N N 163 
ILE CG2  C N N 164 
ILE CD1  C N N 165 
ILE OXT  O N N 166 
ILE H    H N N 167 
ILE H2   H N N 168 
ILE HA   H N N 169 
ILE HB   H N N 170 
ILE HG12 H N N 171 
ILE HG13 H N N 172 
ILE HG21 H N N 173 
ILE HG22 H N N 174 
ILE HG23 H N N 175 
ILE HD11 H N N 176 
ILE HD12 H N N 177 
ILE HD13 H N N 178 
ILE HXT  H N N 179 
LEU N    N N N 180 
LEU CA   C N S 181 
LEU C    C N N 182 
LEU O    O N N 183 
LEU CB   C N N 184 
LEU CG   C N N 185 
LEU CD1  C N N 186 
LEU CD2  C N N 187 
LEU OXT  O N N 188 
LEU H    H N N 189 
LEU H2   H N N 190 
LEU HA   H N N 191 
LEU HB2  H N N 192 
LEU HB3  H N N 193 
LEU HG   H N N 194 
LEU HD11 H N N 195 
LEU HD12 H N N 196 
LEU HD13 H N N 197 
LEU HD21 H N N 198 
LEU HD22 H N N 199 
LEU HD23 H N N 200 
LEU HXT  H N N 201 
LYS N    N N N 202 
LYS CA   C N S 203 
LYS C    C N N 204 
LYS O    O N N 205 
LYS CB   C N N 206 
LYS CG   C N N 207 
LYS CD   C N N 208 
LYS CE   C N N 209 
LYS NZ   N N N 210 
LYS OXT  O N N 211 
LYS H    H N N 212 
LYS H2   H N N 213 
LYS HA   H N N 214 
LYS HB2  H N N 215 
LYS HB3  H N N 216 
LYS HG2  H N N 217 
LYS HG3  H N N 218 
LYS HD2  H N N 219 
LYS HD3  H N N 220 
LYS HE2  H N N 221 
LYS HE3  H N N 222 
LYS HZ1  H N N 223 
LYS HZ2  H N N 224 
LYS HZ3  H N N 225 
LYS HXT  H N N 226 
MET N    N N N 227 
MET CA   C N S 228 
MET C    C N N 229 
MET O    O N N 230 
MET CB   C N N 231 
MET CG   C N N 232 
MET SD   S N N 233 
MET CE   C N N 234 
MET OXT  O N N 235 
MET H    H N N 236 
MET H2   H N N 237 
MET HA   H N N 238 
MET HB2  H N N 239 
MET HB3  H N N 240 
MET HG2  H N N 241 
MET HG3  H N N 242 
MET HE1  H N N 243 
MET HE2  H N N 244 
MET HE3  H N N 245 
MET HXT  H N N 246 
PHE N    N N N 247 
PHE CA   C N S 248 
PHE C    C N N 249 
PHE O    O N N 250 
PHE CB   C N N 251 
PHE CG   C Y N 252 
PHE CD1  C Y N 253 
PHE CD2  C Y N 254 
PHE CE1  C Y N 255 
PHE CE2  C Y N 256 
PHE CZ   C Y N 257 
PHE OXT  O N N 258 
PHE H    H N N 259 
PHE H2   H N N 260 
PHE HA   H N N 261 
PHE HB2  H N N 262 
PHE HB3  H N N 263 
PHE HD1  H N N 264 
PHE HD2  H N N 265 
PHE HE1  H N N 266 
PHE HE2  H N N 267 
PHE HZ   H N N 268 
PHE HXT  H N N 269 
PRO N    N N N 270 
PRO CA   C N S 271 
PRO C    C N N 272 
PRO O    O N N 273 
PRO CB   C N N 274 
PRO CG   C N N 275 
PRO CD   C N N 276 
PRO OXT  O N N 277 
PRO H    H N N 278 
PRO HA   H N N 279 
PRO HB2  H N N 280 
PRO HB3  H N N 281 
PRO HG2  H N N 282 
PRO HG3  H N N 283 
PRO HD2  H N N 284 
PRO HD3  H N N 285 
PRO HXT  H N N 286 
SER N    N N N 287 
SER CA   C N S 288 
SER C    C N N 289 
SER O    O N N 290 
SER CB   C N N 291 
SER OG   O N N 292 
SER OXT  O N N 293 
SER H    H N N 294 
SER H2   H N N 295 
SER HA   H N N 296 
SER HB2  H N N 297 
SER HB3  H N N 298 
SER HG   H N N 299 
SER HXT  H N N 300 
THR N    N N N 301 
THR CA   C N S 302 
THR C    C N N 303 
THR O    O N N 304 
THR CB   C N R 305 
THR OG1  O N N 306 
THR CG2  C N N 307 
THR OXT  O N N 308 
THR H    H N N 309 
THR H2   H N N 310 
THR HA   H N N 311 
THR HB   H N N 312 
THR HG1  H N N 313 
THR HG21 H N N 314 
THR HG22 H N N 315 
THR HG23 H N N 316 
THR HXT  H N N 317 
TRP N    N N N 318 
TRP CA   C N S 319 
TRP C    C N N 320 
TRP O    O N N 321 
TRP CB   C N N 322 
TRP CG   C Y N 323 
TRP CD1  C Y N 324 
TRP CD2  C Y N 325 
TRP NE1  N Y N 326 
TRP CE2  C Y N 327 
TRP CE3  C Y N 328 
TRP CZ2  C Y N 329 
TRP CZ3  C Y N 330 
TRP CH2  C Y N 331 
TRP OXT  O N N 332 
TRP H    H N N 333 
TRP H2   H N N 334 
TRP HA   H N N 335 
TRP HB2  H N N 336 
TRP HB3  H N N 337 
TRP HD1  H N N 338 
TRP HE1  H N N 339 
TRP HE3  H N N 340 
TRP HZ2  H N N 341 
TRP HZ3  H N N 342 
TRP HH2  H N N 343 
TRP HXT  H N N 344 
TYR N    N N N 345 
TYR CA   C N S 346 
TYR C    C N N 347 
TYR O    O N N 348 
TYR CB   C N N 349 
TYR CG   C Y N 350 
TYR CD1  C Y N 351 
TYR CD2  C Y N 352 
TYR CE1  C Y N 353 
TYR CE2  C Y N 354 
TYR CZ   C Y N 355 
TYR OH   O N N 356 
TYR OXT  O N N 357 
TYR H    H N N 358 
TYR H2   H N N 359 
TYR HA   H N N 360 
TYR HB2  H N N 361 
TYR HB3  H N N 362 
TYR HD1  H N N 363 
TYR HD2  H N N 364 
TYR HE1  H N N 365 
TYR HE2  H N N 366 
TYR HH   H N N 367 
TYR HXT  H N N 368 
VAL N    N N N 369 
VAL CA   C N S 370 
VAL C    C N N 371 
VAL O    O N N 372 
VAL CB   C N N 373 
VAL CG1  C N N 374 
VAL CG2  C N N 375 
VAL OXT  O N N 376 
VAL H    H N N 377 
VAL H2   H N N 378 
VAL HA   H N N 379 
VAL HB   H N N 380 
VAL HG11 H N N 381 
VAL HG12 H N N 382 
VAL HG13 H N N 383 
VAL HG21 H N N 384 
VAL HG22 H N N 385 
VAL HG23 H N N 386 
VAL HXT  H N N 387 
# 
loop_
_chem_comp_bond.comp_id 
_chem_comp_bond.atom_id_1 
_chem_comp_bond.atom_id_2 
_chem_comp_bond.value_order 
_chem_comp_bond.pdbx_aromatic_flag 
_chem_comp_bond.pdbx_stereo_config 
_chem_comp_bond.pdbx_ordinal 
ALA N   CA   sing N N 1   
ALA N   H    sing N N 2   
ALA N   H2   sing N N 3   
ALA CA  C    sing N N 4   
ALA CA  CB   sing N N 5   
ALA CA  HA   sing N N 6   
ALA C   O    doub N N 7   
ALA C   OXT  sing N N 8   
ALA CB  HB1  sing N N 9   
ALA CB  HB2  sing N N 10  
ALA CB  HB3  sing N N 11  
ALA OXT HXT  sing N N 12  
ARG N   CA   sing N N 13  
ARG N   H    sing N N 14  
ARG N   H2   sing N N 15  
ARG CA  C    sing N N 16  
ARG CA  CB   sing N N 17  
ARG CA  HA   sing N N 18  
ARG C   O    doub N N 19  
ARG C   OXT  sing N N 20  
ARG CB  CG   sing N N 21  
ARG CB  HB2  sing N N 22  
ARG CB  HB3  sing N N 23  
ARG CG  CD   sing N N 24  
ARG CG  HG2  sing N N 25  
ARG CG  HG3  sing N N 26  
ARG CD  NE   sing N N 27  
ARG CD  HD2  sing N N 28  
ARG CD  HD3  sing N N 29  
ARG NE  CZ   sing N N 30  
ARG NE  HE   sing N N 31  
ARG CZ  NH1  sing N N 32  
ARG CZ  NH2  doub N N 33  
ARG NH1 HH11 sing N N 34  
ARG NH1 HH12 sing N N 35  
ARG NH2 HH21 sing N N 36  
ARG NH2 HH22 sing N N 37  
ARG OXT HXT  sing N N 38  
ASN N   CA   sing N N 39  
ASN N   H    sing N N 40  
ASN N   H2   sing N N 41  
ASN CA  C    sing N N 42  
ASN CA  CB   sing N N 43  
ASN CA  HA   sing N N 44  
ASN C   O    doub N N 45  
ASN C   OXT  sing N N 46  
ASN CB  CG   sing N N 47  
ASN CB  HB2  sing N N 48  
ASN CB  HB3  sing N N 49  
ASN CG  OD1  doub N N 50  
ASN CG  ND2  sing N N 51  
ASN ND2 HD21 sing N N 52  
ASN ND2 HD22 sing N N 53  
ASN OXT HXT  sing N N 54  
ASP N   CA   sing N N 55  
ASP N   H    sing N N 56  
ASP N   H2   sing N N 57  
ASP CA  C    sing N N 58  
ASP CA  CB   sing N N 59  
ASP CA  HA   sing N N 60  
ASP C   O    doub N N 61  
ASP C   OXT  sing N N 62  
ASP CB  CG   sing N N 63  
ASP CB  HB2  sing N N 64  
ASP CB  HB3  sing N N 65  
ASP CG  OD1  doub N N 66  
ASP CG  OD2  sing N N 67  
ASP OD2 HD2  sing N N 68  
ASP OXT HXT  sing N N 69  
CYS N   CA   sing N N 70  
CYS N   H    sing N N 71  
CYS N   H2   sing N N 72  
CYS CA  C    sing N N 73  
CYS CA  CB   sing N N 74  
CYS CA  HA   sing N N 75  
CYS C   O    doub N N 76  
CYS C   OXT  sing N N 77  
CYS CB  SG   sing N N 78  
CYS CB  HB2  sing N N 79  
CYS CB  HB3  sing N N 80  
CYS SG  HG   sing N N 81  
CYS OXT HXT  sing N N 82  
GLN N   CA   sing N N 83  
GLN N   H    sing N N 84  
GLN N   H2   sing N N 85  
GLN CA  C    sing N N 86  
GLN CA  CB   sing N N 87  
GLN CA  HA   sing N N 88  
GLN C   O    doub N N 89  
GLN C   OXT  sing N N 90  
GLN CB  CG   sing N N 91  
GLN CB  HB2  sing N N 92  
GLN CB  HB3  sing N N 93  
GLN CG  CD   sing N N 94  
GLN CG  HG2  sing N N 95  
GLN CG  HG3  sing N N 96  
GLN CD  OE1  doub N N 97  
GLN CD  NE2  sing N N 98  
GLN NE2 HE21 sing N N 99  
GLN NE2 HE22 sing N N 100 
GLN OXT HXT  sing N N 101 
GLU N   CA   sing N N 102 
GLU N   H    sing N N 103 
GLU N   H2   sing N N 104 
GLU CA  C    sing N N 105 
GLU CA  CB   sing N N 106 
GLU CA  HA   sing N N 107 
GLU C   O    doub N N 108 
GLU C   OXT  sing N N 109 
GLU CB  CG   sing N N 110 
GLU CB  HB2  sing N N 111 
GLU CB  HB3  sing N N 112 
GLU CG  CD   sing N N 113 
GLU CG  HG2  sing N N 114 
GLU CG  HG3  sing N N 115 
GLU CD  OE1  doub N N 116 
GLU CD  OE2  sing N N 117 
GLU OE2 HE2  sing N N 118 
GLU OXT HXT  sing N N 119 
GLY N   CA   sing N N 120 
GLY N   H    sing N N 121 
GLY N   H2   sing N N 122 
GLY CA  C    sing N N 123 
GLY CA  HA2  sing N N 124 
GLY CA  HA3  sing N N 125 
GLY C   O    doub N N 126 
GLY C   OXT  sing N N 127 
GLY OXT HXT  sing N N 128 
HIS N   CA   sing N N 129 
HIS N   H    sing N N 130 
HIS N   H2   sing N N 131 
HIS CA  C    sing N N 132 
HIS CA  CB   sing N N 133 
HIS CA  HA   sing N N 134 
HIS C   O    doub N N 135 
HIS C   OXT  sing N N 136 
HIS CB  CG   sing N N 137 
HIS CB  HB2  sing N N 138 
HIS CB  HB3  sing N N 139 
HIS CG  ND1  sing Y N 140 
HIS CG  CD2  doub Y N 141 
HIS ND1 CE1  doub Y N 142 
HIS ND1 HD1  sing N N 143 
HIS CD2 NE2  sing Y N 144 
HIS CD2 HD2  sing N N 145 
HIS CE1 NE2  sing Y N 146 
HIS CE1 HE1  sing N N 147 
HIS NE2 HE2  sing N N 148 
HIS OXT HXT  sing N N 149 
ILE N   CA   sing N N 150 
ILE N   H    sing N N 151 
ILE N   H2   sing N N 152 
ILE CA  C    sing N N 153 
ILE CA  CB   sing N N 154 
ILE CA  HA   sing N N 155 
ILE C   O    doub N N 156 
ILE C   OXT  sing N N 157 
ILE CB  CG1  sing N N 158 
ILE CB  CG2  sing N N 159 
ILE CB  HB   sing N N 160 
ILE CG1 CD1  sing N N 161 
ILE CG1 HG12 sing N N 162 
ILE CG1 HG13 sing N N 163 
ILE CG2 HG21 sing N N 164 
ILE CG2 HG22 sing N N 165 
ILE CG2 HG23 sing N N 166 
ILE CD1 HD11 sing N N 167 
ILE CD1 HD12 sing N N 168 
ILE CD1 HD13 sing N N 169 
ILE OXT HXT  sing N N 170 
LEU N   CA   sing N N 171 
LEU N   H    sing N N 172 
LEU N   H2   sing N N 173 
LEU CA  C    sing N N 174 
LEU CA  CB   sing N N 175 
LEU CA  HA   sing N N 176 
LEU C   O    doub N N 177 
LEU C   OXT  sing N N 178 
LEU CB  CG   sing N N 179 
LEU CB  HB2  sing N N 180 
LEU CB  HB3  sing N N 181 
LEU CG  CD1  sing N N 182 
LEU CG  CD2  sing N N 183 
LEU CG  HG   sing N N 184 
LEU CD1 HD11 sing N N 185 
LEU CD1 HD12 sing N N 186 
LEU CD1 HD13 sing N N 187 
LEU CD2 HD21 sing N N 188 
LEU CD2 HD22 sing N N 189 
LEU CD2 HD23 sing N N 190 
LEU OXT HXT  sing N N 191 
LYS N   CA   sing N N 192 
LYS N   H    sing N N 193 
LYS N   H2   sing N N 194 
LYS CA  C    sing N N 195 
LYS CA  CB   sing N N 196 
LYS CA  HA   sing N N 197 
LYS C   O    doub N N 198 
LYS C   OXT  sing N N 199 
LYS CB  CG   sing N N 200 
LYS CB  HB2  sing N N 201 
LYS CB  HB3  sing N N 202 
LYS CG  CD   sing N N 203 
LYS CG  HG2  sing N N 204 
LYS CG  HG3  sing N N 205 
LYS CD  CE   sing N N 206 
LYS CD  HD2  sing N N 207 
LYS CD  HD3  sing N N 208 
LYS CE  NZ   sing N N 209 
LYS CE  HE2  sing N N 210 
LYS CE  HE3  sing N N 211 
LYS NZ  HZ1  sing N N 212 
LYS NZ  HZ2  sing N N 213 
LYS NZ  HZ3  sing N N 214 
LYS OXT HXT  sing N N 215 
MET N   CA   sing N N 216 
MET N   H    sing N N 217 
MET N   H2   sing N N 218 
MET CA  C    sing N N 219 
MET CA  CB   sing N N 220 
MET CA  HA   sing N N 221 
MET C   O    doub N N 222 
MET C   OXT  sing N N 223 
MET CB  CG   sing N N 224 
MET CB  HB2  sing N N 225 
MET CB  HB3  sing N N 226 
MET CG  SD   sing N N 227 
MET CG  HG2  sing N N 228 
MET CG  HG3  sing N N 229 
MET SD  CE   sing N N 230 
MET CE  HE1  sing N N 231 
MET CE  HE2  sing N N 232 
MET CE  HE3  sing N N 233 
MET OXT HXT  sing N N 234 
PHE N   CA   sing N N 235 
PHE N   H    sing N N 236 
PHE N   H2   sing N N 237 
PHE CA  C    sing N N 238 
PHE CA  CB   sing N N 239 
PHE CA  HA   sing N N 240 
PHE C   O    doub N N 241 
PHE C   OXT  sing N N 242 
PHE CB  CG   sing N N 243 
PHE CB  HB2  sing N N 244 
PHE CB  HB3  sing N N 245 
PHE CG  CD1  doub Y N 246 
PHE CG  CD2  sing Y N 247 
PHE CD1 CE1  sing Y N 248 
PHE CD1 HD1  sing N N 249 
PHE CD2 CE2  doub Y N 250 
PHE CD2 HD2  sing N N 251 
PHE CE1 CZ   doub Y N 252 
PHE CE1 HE1  sing N N 253 
PHE CE2 CZ   sing Y N 254 
PHE CE2 HE2  sing N N 255 
PHE CZ  HZ   sing N N 256 
PHE OXT HXT  sing N N 257 
PRO N   CA   sing N N 258 
PRO N   CD   sing N N 259 
PRO N   H    sing N N 260 
PRO CA  C    sing N N 261 
PRO CA  CB   sing N N 262 
PRO CA  HA   sing N N 263 
PRO C   O    doub N N 264 
PRO C   OXT  sing N N 265 
PRO CB  CG   sing N N 266 
PRO CB  HB2  sing N N 267 
PRO CB  HB3  sing N N 268 
PRO CG  CD   sing N N 269 
PRO CG  HG2  sing N N 270 
PRO CG  HG3  sing N N 271 
PRO CD  HD2  sing N N 272 
PRO CD  HD3  sing N N 273 
PRO OXT HXT  sing N N 274 
SER N   CA   sing N N 275 
SER N   H    sing N N 276 
SER N   H2   sing N N 277 
SER CA  C    sing N N 278 
SER CA  CB   sing N N 279 
SER CA  HA   sing N N 280 
SER C   O    doub N N 281 
SER C   OXT  sing N N 282 
SER CB  OG   sing N N 283 
SER CB  HB2  sing N N 284 
SER CB  HB3  sing N N 285 
SER OG  HG   sing N N 286 
SER OXT HXT  sing N N 287 
THR N   CA   sing N N 288 
THR N   H    sing N N 289 
THR N   H2   sing N N 290 
THR CA  C    sing N N 291 
THR CA  CB   sing N N 292 
THR CA  HA   sing N N 293 
THR C   O    doub N N 294 
THR C   OXT  sing N N 295 
THR CB  OG1  sing N N 296 
THR CB  CG2  sing N N 297 
THR CB  HB   sing N N 298 
THR OG1 HG1  sing N N 299 
THR CG2 HG21 sing N N 300 
THR CG2 HG22 sing N N 301 
THR CG2 HG23 sing N N 302 
THR OXT HXT  sing N N 303 
TRP N   CA   sing N N 304 
TRP N   H    sing N N 305 
TRP N   H2   sing N N 306 
TRP CA  C    sing N N 307 
TRP CA  CB   sing N N 308 
TRP CA  HA   sing N N 309 
TRP C   O    doub N N 310 
TRP C   OXT  sing N N 311 
TRP CB  CG   sing N N 312 
TRP CB  HB2  sing N N 313 
TRP CB  HB3  sing N N 314 
TRP CG  CD1  doub Y N 315 
TRP CG  CD2  sing Y N 316 
TRP CD1 NE1  sing Y N 317 
TRP CD1 HD1  sing N N 318 
TRP CD2 CE2  doub Y N 319 
TRP CD2 CE3  sing Y N 320 
TRP NE1 CE2  sing Y N 321 
TRP NE1 HE1  sing N N 322 
TRP CE2 CZ2  sing Y N 323 
TRP CE3 CZ3  doub Y N 324 
TRP CE3 HE3  sing N N 325 
TRP CZ2 CH2  doub Y N 326 
TRP CZ2 HZ2  sing N N 327 
TRP CZ3 CH2  sing Y N 328 
TRP CZ3 HZ3  sing N N 329 
TRP CH2 HH2  sing N N 330 
TRP OXT HXT  sing N N 331 
TYR N   CA   sing N N 332 
TYR N   H    sing N N 333 
TYR N   H2   sing N N 334 
TYR CA  C    sing N N 335 
TYR CA  CB   sing N N 336 
TYR CA  HA   sing N N 337 
TYR C   O    doub N N 338 
TYR C   OXT  sing N N 339 
TYR CB  CG   sing N N 340 
TYR CB  HB2  sing N N 341 
TYR CB  HB3  sing N N 342 
TYR CG  CD1  doub Y N 343 
TYR CG  CD2  sing Y N 344 
TYR CD1 CE1  sing Y N 345 
TYR CD1 HD1  sing N N 346 
TYR CD2 CE2  doub Y N 347 
TYR CD2 HD2  sing N N 348 
TYR CE1 CZ   doub Y N 349 
TYR CE1 HE1  sing N N 350 
TYR CE2 CZ   sing Y N 351 
TYR CE2 HE2  sing N N 352 
TYR CZ  OH   sing N N 353 
TYR OH  HH   sing N N 354 
TYR OXT HXT  sing N N 355 
VAL N   CA   sing N N 356 
VAL N   H    sing N N 357 
VAL N   H2   sing N N 358 
VAL CA  C    sing N N 359 
VAL CA  CB   sing N N 360 
VAL CA  HA   sing N N 361 
VAL C   O    doub N N 362 
VAL C   OXT  sing N N 363 
VAL CB  CG1  sing N N 364 
VAL CB  CG2  sing N N 365 
VAL CB  HB   sing N N 366 
VAL CG1 HG11 sing N N 367 
VAL CG1 HG12 sing N N 368 
VAL CG1 HG13 sing N N 369 
VAL CG2 HG21 sing N N 370 
VAL CG2 HG22 sing N N 371 
VAL CG2 HG23 sing N N 372 
VAL OXT HXT  sing N N 373 
# 
_em_image_processing.id                   1 
_em_image_processing.image_recording_id   1 
_em_image_processing.details              ? 
# 
_em_image_recording.avg_electron_dose_per_image   20 
_em_image_recording.details                       ? 
_em_image_recording.id                            1 
_em_image_recording.film_or_detector_model        'KODAK SO-163 FILM' 
_em_image_recording.imaging_id                    1 
_em_image_recording.average_exposure_time         ? 
_em_image_recording.num_grids_imaged              ? 
_em_image_recording.num_diffraction_images        ? 
_em_image_recording.num_real_images               ? 
_em_image_recording.detector_mode                 ? 
# 
_em_specimen.experiment_id           1 
_em_specimen.id                      1 
_em_specimen.concentration           ? 
_em_specimen.vitrification_applied   YES 
_em_specimen.staining_applied        NO 
_em_specimen.embedding_applied       NO 
_em_specimen.shadowing_applied       NO 
_em_specimen.details                 ? 
# 
loop_
_pdbx_coordinate_model.asym_id 
_pdbx_coordinate_model.type 
A 'CA ATOMS ONLY' 
B 'CA ATOMS ONLY' 
C 'CA ATOMS ONLY' 
D 'CA ATOMS ONLY' 
E 'CA ATOMS ONLY' 
# 
_atom_sites.entry_id                    1D3E 
_atom_sites.fract_transf_matrix[1][1]   1.000000 
_atom_sites.fract_transf_matrix[1][2]   0.000000 
_atom_sites.fract_transf_matrix[1][3]   0.000000 
_atom_sites.fract_transf_matrix[2][1]   0.000000 
_atom_sites.fract_transf_matrix[2][2]   1.000000 
_atom_sites.fract_transf_matrix[2][3]   0.000000 
_atom_sites.fract_transf_matrix[3][1]   0.000000 
_atom_sites.fract_transf_matrix[3][2]   0.000000 
_atom_sites.fract_transf_matrix[3][3]   1.000000 
_atom_sites.fract_transf_vector[1]      0.00000 
_atom_sites.fract_transf_vector[2]      0.00000 
_atom_sites.fract_transf_vector[3]      0.00000 
# 
_atom_type.symbol   C 
# 
loop_
_atom_site.group_PDB 
_atom_site.id 
_atom_site.type_symbol 
_atom_site.label_atom_id 
_atom_site.label_alt_id 
_atom_site.label_comp_id 
_atom_site.label_asym_id 
_atom_site.label_entity_id 
_atom_site.label_seq_id 
_atom_site.pdbx_PDB_ins_code 
_atom_site.Cartn_x 
_atom_site.Cartn_y 
_atom_site.Cartn_z 
_atom_site.occupancy 
_atom_site.B_iso_or_equiv 
_atom_site.pdbx_formal_charge 
_atom_site.auth_seq_id 
_atom_site.auth_comp_id 
_atom_site.auth_asym_id 
_atom_site.auth_atom_id 
_atom_site.pdbx_PDB_model_num 
ATOM 1   C CA . GLN A 1 1   ? -30.203 0.558   -13.290 1.00 50.00 ? 1   GLN I CA 1 
ATOM 2   C CA . THR A 1 2   ? -29.523 0.060   -9.545  1.00 50.00 ? 2   THR I CA 1 
ATOM 3   C CA . SER A 1 3   ? -32.247 -0.721  -6.973  1.00 50.00 ? 3   SER I CA 1 
ATOM 4   C CA . VAL A 1 4   ? -32.381 -1.615  -3.285  1.00 50.00 ? 4   VAL I CA 1 
ATOM 5   C CA . SER A 1 5   ? -35.083 -3.361  -1.300  1.00 50.00 ? 5   SER I CA 1 
ATOM 6   C CA . PRO A 1 6   ? -36.177 -2.369  1.308   1.00 50.00 ? 6   PRO I CA 1 
ATOM 7   C CA . SER A 1 7   ? -35.606 1.328   0.474   1.00 50.00 ? 7   SER I CA 1 
ATOM 8   C CA . LYS A 1 8   ? -36.620 2.244   4.035   1.00 50.00 ? 8   LYS I CA 1 
ATOM 9   C CA . VAL A 1 9   ? -36.457 0.125   7.188   1.00 50.00 ? 9   VAL I CA 1 
ATOM 10  C CA . ILE A 1 10  ? -37.072 0.639   10.914  1.00 50.00 ? 10  ILE I CA 1 
ATOM 11  C CA . LEU A 1 11  ? -35.365 -1.692  13.343  1.00 50.00 ? 11  LEU I CA 1 
ATOM 12  C CA . PRO A 1 12  ? -34.498 -1.878  17.056  1.00 50.00 ? 12  PRO I CA 1 
ATOM 13  C CA . ARG A 1 13  ? -31.097 -0.493  18.091  1.00 50.00 ? 13  ARG I CA 1 
ATOM 14  C CA . GLY A 1 14  ? -28.386 -3.129  17.647  1.00 50.00 ? 14  GLY I CA 1 
ATOM 15  C CA . GLY A 1 15  ? -30.522 -5.218  15.282  1.00 50.00 ? 15  GLY I CA 1 
ATOM 16  C CA . SER A 1 16  ? -29.950 -6.771  11.837  1.00 50.00 ? 16  SER I CA 1 
ATOM 17  C CA . VAL A 1 17  ? -31.595 -6.392  8.422   1.00 50.00 ? 17  VAL I CA 1 
ATOM 18  C CA . LEU A 1 18  ? -31.458 -8.102  5.004   1.00 50.00 ? 18  LEU I CA 1 
ATOM 19  C CA . VAL A 1 19  ? -30.721 -5.809  2.056   1.00 50.00 ? 19  VAL I CA 1 
ATOM 20  C CA . THR A 1 20  ? -30.896 -6.810  -1.618  1.00 50.00 ? 20  THR I CA 1 
ATOM 21  C CA . CYS A 1 21  ? -28.952 -4.832  -4.222  1.00 50.00 ? 21  CYS I CA 1 
ATOM 22  C CA . SER A 1 22  ? -30.153 -5.284  -7.768  1.00 50.00 ? 22  SER I CA 1 
ATOM 23  C CA . THR A 1 23  ? -29.400 -4.005  -11.261 1.00 50.00 ? 23  THR I CA 1 
ATOM 24  C CA . SER A 1 24  ? -31.572 -4.283  -14.364 1.00 50.00 ? 24  SER I CA 1 
ATOM 25  C CA . CYS A 1 25  ? -28.772 -4.331  -16.963 1.00 50.00 ? 25  CYS I CA 1 
ATOM 26  C CA . ASP A 1 26  ? -27.696 -7.394  -18.979 1.00 50.00 ? 26  ASP I CA 1 
ATOM 27  C CA . GLN A 1 27  ? -24.025 -7.501  -18.038 1.00 50.00 ? 27  GLN I CA 1 
ATOM 28  C CA . PRO A 1 28  ? -23.241 -5.716  -14.727 1.00 50.00 ? 28  PRO I CA 1 
ATOM 29  C CA . LYS A 1 29  ? -19.493 -5.141  -14.554 1.00 50.00 ? 29  LYS I CA 1 
ATOM 30  C CA . LEU A 1 30  ? -19.791 -4.639  -10.801 1.00 50.00 ? 30  LEU I CA 1 
ATOM 31  C CA . LEU A 1 31  ? -22.535 -4.775  -8.173  1.00 50.00 ? 31  LEU I CA 1 
ATOM 32  C CA . GLY A 1 32  ? -22.173 -4.196  -4.449  1.00 50.00 ? 32  GLY I CA 1 
ATOM 33  C CA . ILE A 1 33  ? -23.034 -2.101  -1.423  1.00 50.00 ? 33  ILE I CA 1 
ATOM 34  C CA . GLU A 1 34  ? -21.185 0.724   0.344   1.00 50.00 ? 34  GLU I CA 1 
ATOM 35  C CA . THR A 1 35  ? -21.720 0.909   4.130   1.00 50.00 ? 35  THR I CA 1 
ATOM 36  C CA . PRO A 1 36  ? -19.471 0.809   7.264   1.00 50.00 ? 36  PRO I CA 1 
ATOM 37  C CA . LEU A 1 37  ? -21.903 -1.574  8.965   1.00 50.00 ? 37  LEU I CA 1 
ATOM 38  C CA . PRO A 1 38  ? -20.839 -5.168  9.771   1.00 50.00 ? 38  PRO I CA 1 
ATOM 39  C CA . LYS A 1 39  ? -21.848 -7.128  6.654   1.00 50.00 ? 39  LYS I CA 1 
ATOM 40  C CA . LYS A 1 40  ? -22.181 -10.696 5.386   1.00 50.00 ? 40  LYS I CA 1 
ATOM 41  C CA . GLU A 1 41  ? -22.828 -11.601 1.725   1.00 50.00 ? 41  GLU I CA 1 
ATOM 42  C CA . LEU A 1 42  ? -25.411 -14.332 0.916   1.00 50.00 ? 42  LEU I CA 1 
ATOM 43  C CA . LEU A 1 43  ? -26.138 -15.718 -2.583  1.00 50.00 ? 43  LEU I CA 1 
ATOM 44  C CA . LEU A 1 44  ? -29.098 -15.366 -5.062  1.00 50.00 ? 44  LEU I CA 1 
ATOM 45  C CA . PRO A 1 45  ? -28.265 -15.272 -8.780  1.00 50.00 ? 45  PRO I CA 1 
ATOM 46  C CA . GLY A 1 46  ? -25.063 -13.572 -7.595  1.00 50.00 ? 46  GLY I CA 1 
ATOM 47  C CA . ASN A 1 47  ? -24.735 -11.571 -10.790 1.00 50.00 ? 47  ASN I CA 1 
ATOM 48  C CA . ASN A 1 48  ? -27.792 -9.274  -11.136 1.00 50.00 ? 48  ASN I CA 1 
ATOM 49  C CA . ARG A 1 49  ? -28.766 -9.544  -7.450  1.00 50.00 ? 49  ARG I CA 1 
ATOM 50  C CA . LYS A 1 50  ? -26.822 -9.675  -4.171  1.00 50.00 ? 50  LYS I CA 1 
ATOM 51  C CA . VAL A 1 51  ? -28.078 -10.039 -0.587  1.00 50.00 ? 51  VAL I CA 1 
ATOM 52  C CA . TYR A 1 52  ? -26.336 -8.733  2.522   1.00 50.00 ? 52  TYR I CA 1 
ATOM 53  C CA . GLU A 1 53  ? -27.138 -9.018  6.195   1.00 50.00 ? 53  GLU I CA 1 
ATOM 54  C CA . LEU A 1 54  ? -26.216 -5.789  7.985   1.00 50.00 ? 54  LEU I CA 1 
ATOM 55  C CA . SER A 1 55  ? -25.799 -6.411  11.687  1.00 50.00 ? 55  SER I CA 1 
ATOM 56  C CA . ASN A 1 56  ? -25.710 -4.503  14.975  1.00 50.00 ? 56  ASN I CA 1 
ATOM 57  C CA . VAL A 1 57  ? -27.024 -1.273  13.441  1.00 50.00 ? 57  VAL I CA 1 
ATOM 58  C CA . GLN A 1 58  ? -26.710 1.199   16.362  1.00 50.00 ? 58  GLN I CA 1 
ATOM 59  C CA . GLU A 1 59  ? -27.727 4.454   14.652  1.00 50.00 ? 59  GLU I CA 1 
ATOM 60  C CA . ASP A 1 60  ? -29.463 5.696   11.506  1.00 50.00 ? 60  ASP I CA 1 
ATOM 61  C CA . SER A 1 61  ? -27.649 4.816   8.314   1.00 50.00 ? 61  SER I CA 1 
ATOM 62  C CA . GLN A 1 62  ? -28.104 5.059   4.572   1.00 50.00 ? 62  GLN I CA 1 
ATOM 63  C CA . PRO A 1 63  ? -26.269 2.112   2.961   1.00 50.00 ? 63  PRO I CA 1 
ATOM 64  C CA . MET A 1 64  ? -26.117 2.435   -0.824  1.00 50.00 ? 64  MET I CA 1 
ATOM 65  C CA . CYS A 1 65  ? -26.076 -0.178  -3.557  1.00 50.00 ? 65  CYS I CA 1 
ATOM 66  C CA . TYR A 1 66  ? -24.113 0.429   -6.747  1.00 50.00 ? 66  TYR I CA 1 
ATOM 67  C CA . SER A 1 67  ? -23.579 -1.181  -10.122 1.00 50.00 ? 67  SER I CA 1 
ATOM 68  C CA . ASN A 1 68  ? -21.317 -0.312  -13.033 1.00 50.00 ? 68  ASN I CA 1 
ATOM 69  C CA . CYS A 1 69  ? -23.244 -1.163  -16.193 1.00 50.00 ? 69  CYS I CA 1 
ATOM 70  C CA . PRO A 1 70  ? -21.828 -0.579  -19.697 1.00 50.00 ? 70  PRO I CA 1 
ATOM 71  C CA . ASP A 1 71  ? -24.570 2.024   -20.126 1.00 50.00 ? 71  ASP I CA 1 
ATOM 72  C CA . GLY A 1 72  ? -23.607 3.951   -16.989 1.00 50.00 ? 72  GLY I CA 1 
ATOM 73  C CA . GLN A 1 73  ? -22.856 3.974   -13.277 1.00 50.00 ? 73  GLN I CA 1 
ATOM 74  C CA . SER A 1 74  ? -25.729 4.357   -10.818 1.00 50.00 ? 74  SER I CA 1 
ATOM 75  C CA . THR A 1 75  ? -26.632 4.120   -7.128  1.00 50.00 ? 75  THR I CA 1 
ATOM 76  C CA . ALA A 1 76  ? -29.668 3.459   -4.874  1.00 50.00 ? 76  ALA I CA 1 
ATOM 77  C CA . LYS A 1 77  ? -29.880 4.282   -1.193  1.00 50.00 ? 77  LYS I CA 1 
ATOM 78  C CA . THR A 1 78  ? -31.765 2.564   1.635   1.00 50.00 ? 78  THR I CA 1 
ATOM 79  C CA . PHE A 1 79  ? -32.617 4.510   4.763   1.00 50.00 ? 79  PHE I CA 1 
ATOM 80  C CA . LEU A 1 80  ? -32.290 2.595   8.031   1.00 50.00 ? 80  LEU I CA 1 
ATOM 81  C CA . THR A 1 81  ? -33.868 3.989   11.203  1.00 50.00 ? 81  THR I CA 1 
ATOM 82  C CA . VAL A 1 82  ? -33.133 2.494   14.626  1.00 50.00 ? 82  VAL I CA 1 
ATOM 83  C CA . TYR A 1 83  ? -35.461 2.771   17.604  1.00 50.00 ? 83  TYR I CA 1 
ATOM 84  C CA . TRP A 1 84  ? -34.651 2.363   21.087  1.00 50.00 ? 84  TRP I CA 1 
ATOM 85  C CA . THR A 1 85  ? -36.765 3.180   24.139  1.00 50.00 ? 85  THR I CA 1 
ATOM 86  C CA . PRO A 1 86  ? -35.310 5.571   26.753  1.00 50.00 ? 86  PRO I CA 1 
ATOM 87  C CA . GLU A 1 87  ? -32.514 4.182   28.909  1.00 50.00 ? 87  GLU I CA 1 
ATOM 88  C CA . ARG A 1 88  ? -33.996 6.021   31.911  1.00 50.00 ? 88  ARG I CA 1 
ATOM 89  C CA . VAL A 1 89  ? -37.314 7.695   32.755  1.00 50.00 ? 89  VAL I CA 1 
ATOM 90  C CA . GLU A 1 90  ? -37.674 9.239   36.215  1.00 50.00 ? 90  GLU I CA 1 
ATOM 91  C CA . LEU A 1 91  ? -39.054 12.240  38.123  1.00 50.00 ? 91  LEU I CA 1 
ATOM 92  C CA . ALA A 1 92  ? -36.478 14.579  39.668  1.00 50.00 ? 92  ALA I CA 1 
ATOM 93  C CA . PRO A 1 93  ? -36.131 13.924  43.463  1.00 50.00 ? 93  PRO I CA 1 
ATOM 94  C CA . LEU A 1 94  ? -38.800 15.823  45.382  1.00 50.00 ? 94  LEU I CA 1 
ATOM 95  C CA . PRO A 1 95  ? -39.459 16.103  49.136  1.00 50.00 ? 95  PRO I CA 1 
ATOM 96  C CA . SER A 1 96  ? -42.191 13.672  50.221  1.00 50.00 ? 96  SER I CA 1 
ATOM 97  C CA . TRP A 1 97  ? -43.665 16.178  52.680  1.00 50.00 ? 97  TRP I CA 1 
ATOM 98  C CA . GLN A 1 98  ? -45.685 18.861  50.866  1.00 50.00 ? 98  GLN I CA 1 
ATOM 99  C CA . PRO A 1 99  ? -47.450 22.070  52.165  1.00 50.00 ? 99  PRO I CA 1 
ATOM 100 C CA . VAL A 1 100 ? -51.166 22.259  51.321  1.00 50.00 ? 100 VAL I CA 1 
ATOM 101 C CA . GLY A 1 101 ? -51.955 24.997  48.787  1.00 50.00 ? 101 GLY I CA 1 
ATOM 102 C CA . LYS A 1 102 ? -48.264 25.596  48.025  1.00 50.00 ? 102 LYS I CA 1 
ATOM 103 C CA . ASN A 1 103 ? -47.114 25.446  44.395  1.00 50.00 ? 103 ASN I CA 1 
ATOM 104 C CA . LEU A 1 104 ? -45.532 22.066  43.517  1.00 50.00 ? 104 LEU I CA 1 
ATOM 105 C CA . THR A 1 105 ? -43.011 21.389  40.713  1.00 50.00 ? 105 THR I CA 1 
ATOM 106 C CA . LEU A 1 106 ? -42.868 18.036  38.867  1.00 50.00 ? 106 LEU I CA 1 
ATOM 107 C CA . ARG A 1 107 ? -39.896 17.454  36.544  1.00 50.00 ? 107 ARG I CA 1 
ATOM 108 C CA . CYS A 1 108 ? -39.464 14.331  34.404  1.00 50.00 ? 108 CYS I CA 1 
ATOM 109 C CA . GLN A 1 109 ? -36.079 13.414  32.895  1.00 50.00 ? 109 GLN I CA 1 
ATOM 110 C CA . VAL A 1 110 ? -35.828 11.086  29.911  1.00 50.00 ? 110 VAL I CA 1 
ATOM 111 C CA . GLU A 1 111 ? -32.379 9.946   28.892  1.00 50.00 ? 111 GLU I CA 1 
ATOM 112 C CA . GLY A 1 112 ? -32.082 8.671   25.334  1.00 50.00 ? 112 GLY I CA 1 
ATOM 113 C CA . GLY A 1 113 ? -34.910 7.343   23.187  1.00 50.00 ? 113 GLY I CA 1 
ATOM 114 C CA . ALA A 1 114 ? -35.107 7.501   19.394  1.00 50.00 ? 114 ALA I CA 1 
ATOM 115 C CA . PRO A 1 115 ? -36.342 8.442   16.893  1.00 50.00 ? 115 PRO I CA 1 
ATOM 116 C CA . ARG A 1 116 ? -36.991 11.608  18.947  1.00 50.00 ? 116 ARG I CA 1 
ATOM 117 C CA . ALA A 1 117 ? -39.228 12.988  16.322  1.00 50.00 ? 117 ALA I CA 1 
ATOM 118 C CA . ASN A 1 118 ? -41.684 10.304  17.549  1.00 50.00 ? 118 ASN I CA 1 
ATOM 119 C CA . LEU A 1 119 ? -41.025 10.303  21.316  1.00 50.00 ? 119 LEU I CA 1 
ATOM 120 C CA . THR A 1 120 ? -43.503 12.001  23.723  1.00 50.00 ? 120 THR I CA 1 
ATOM 121 C CA . VAL A 1 121 ? -43.027 12.595  27.432  1.00 50.00 ? 121 VAL I CA 1 
ATOM 122 C CA . VAL A 1 122 ? -46.123 12.800  29.620  1.00 50.00 ? 122 VAL I CA 1 
ATOM 123 C CA . LEU A 1 123 ? -46.689 13.712  33.296  1.00 50.00 ? 123 LEU I CA 1 
ATOM 124 C CA . LEU A 1 124 ? -49.551 11.984  35.127  1.00 50.00 ? 124 LEU I CA 1 
ATOM 125 C CA . ARG A 1 125 ? -51.519 12.315  38.391  1.00 50.00 ? 125 ARG I CA 1 
ATOM 126 C CA . GLY A 1 126 ? -52.583 8.715   38.936  1.00 50.00 ? 126 GLY I CA 1 
ATOM 127 C CA . GLU A 1 127 ? -53.941 7.666   35.546  1.00 50.00 ? 127 GLU I CA 1 
ATOM 128 C CA . LYS A 1 128 ? -54.803 11.235  34.457  1.00 50.00 ? 128 LYS I CA 1 
ATOM 129 C CA . GLU A 1 129 ? -52.675 13.117  31.942  1.00 50.00 ? 129 GLU I CA 1 
ATOM 130 C CA . LEU A 1 130 ? -51.389 16.500  33.225  1.00 50.00 ? 130 LEU I CA 1 
ATOM 131 C CA . LYS A 1 131 ? -48.900 17.449  30.522  1.00 50.00 ? 131 LYS I CA 1 
ATOM 132 C CA . ARG A 1 132 ? -47.723 16.016  27.148  1.00 50.00 ? 132 ARG I CA 1 
ATOM 133 C CA . GLU A 1 133 ? -44.707 17.246  25.149  1.00 50.00 ? 133 GLU I CA 1 
ATOM 134 C CA . PRO A 1 134 ? -42.390 16.119  22.336  1.00 50.00 ? 134 PRO I CA 1 
ATOM 135 C CA . ALA A 1 135 ? -39.089 14.870  23.811  1.00 50.00 ? 135 ALA I CA 1 
ATOM 136 C CA . VAL A 1 136 ? -36.438 17.560  23.302  1.00 50.00 ? 136 VAL I CA 1 
ATOM 137 C CA . GLY A 1 137 ? -32.876 17.880  24.614  1.00 50.00 ? 137 GLY I CA 1 
ATOM 138 C CA . GLU A 1 138 ? -30.709 15.487  26.577  1.00 50.00 ? 138 GLU I CA 1 
ATOM 139 C CA . PRO A 1 139 ? -31.956 14.469  28.974  1.00 50.00 ? 139 PRO I CA 1 
ATOM 140 C CA . ALA A 1 140 ? -35.406 15.478  27.642  1.00 50.00 ? 140 ALA I CA 1 
ATOM 141 C CA . GLU A 1 141 ? -37.051 17.312  30.532  1.00 50.00 ? 141 GLU I CA 1 
ATOM 142 C CA . VAL A 1 142 ? -40.792 18.021  30.930  1.00 50.00 ? 142 VAL I CA 1 
ATOM 143 C CA . THR A 1 143 ? -42.181 20.091  33.843  1.00 50.00 ? 143 THR I CA 1 
ATOM 144 C CA . THR A 1 144 ? -45.532 21.194  35.348  1.00 50.00 ? 144 THR I CA 1 
ATOM 145 C CA . THR A 1 145 ? -46.804 22.936  38.475  1.00 50.00 ? 145 THR I CA 1 
ATOM 146 C CA . VAL A 1 146 ? -49.337 21.261  40.723  1.00 50.00 ? 146 VAL I CA 1 
ATOM 147 C CA . LEU A 1 147 ? -51.363 23.224  43.293  1.00 50.00 ? 147 LEU I CA 1 
ATOM 148 C CA . VAL A 1 148 ? -51.320 20.998  46.365  1.00 50.00 ? 148 VAL I CA 1 
ATOM 149 C CA . ARG A 1 149 ? -54.910 20.377  47.510  1.00 50.00 ? 149 ARG I CA 1 
ATOM 150 C CA . ARG A 1 150 ? -56.145 18.061  50.263  1.00 50.00 ? 150 ARG I CA 1 
ATOM 151 C CA . ASP A 1 151 ? -57.604 16.308  47.209  1.00 50.00 ? 151 ASP I CA 1 
ATOM 152 C CA . HIS A 1 152 ? -53.949 15.481  46.477  1.00 50.00 ? 152 HIS I CA 1 
ATOM 153 C CA . HIS A 1 153 ? -53.551 12.829  49.166  1.00 50.00 ? 153 HIS I CA 1 
ATOM 154 C CA . GLY A 1 154 ? -52.201 9.378   48.424  1.00 50.00 ? 154 GLY I CA 1 
ATOM 155 C CA . ALA A 1 155 ? -51.983 10.602  44.849  1.00 50.00 ? 155 ALA I CA 1 
ATOM 156 C CA . ASN A 1 156 ? -49.187 8.878   42.953  1.00 50.00 ? 156 ASN I CA 1 
ATOM 157 C CA . PHE A 1 157 ? -47.655 11.037  40.233  1.00 50.00 ? 157 PHE I CA 1 
ATOM 158 C CA . SER A 1 158 ? -45.634 9.471   37.423  1.00 50.00 ? 158 SER I CA 1 
ATOM 159 C CA . CYS A 1 159 ? -43.939 10.114  34.092  1.00 50.00 ? 159 CYS I CA 1 
ATOM 160 C CA . ARG A 1 160 ? -44.401 8.045   30.948  1.00 50.00 ? 160 ARG I CA 1 
ATOM 161 C CA . THR A 1 161 ? -42.765 8.064   27.540  1.00 50.00 ? 161 THR I CA 1 
ATOM 162 C CA . GLU A 1 162 ? -44.490 6.987   24.332  1.00 50.00 ? 162 GLU I CA 1 
ATOM 163 C CA . LEU A 1 163 ? -42.276 5.902   21.411  1.00 50.00 ? 163 LEU I CA 1 
ATOM 164 C CA . ASP A 1 164 ? -44.946 5.722   18.767  1.00 50.00 ? 164 ASP I CA 1 
ATOM 165 C CA . LEU A 1 165 ? -43.681 3.678   15.830  1.00 50.00 ? 165 LEU I CA 1 
ATOM 166 C CA . ARG A 1 166 ? -47.134 2.607   14.635  1.00 50.00 ? 166 ARG I CA 1 
ATOM 167 C CA . PRO A 1 167 ? -46.941 4.970   11.682  1.00 50.00 ? 167 PRO I CA 1 
ATOM 168 C CA . GLN A 1 168 ? -43.774 3.085   10.651  1.00 50.00 ? 168 GLN I CA 1 
ATOM 169 C CA . GLY A 1 169 ? -45.481 -0.292  10.873  1.00 50.00 ? 169 GLY I CA 1 
ATOM 170 C CA . LEU A 1 170 ? -44.482 -1.245  14.413  1.00 50.00 ? 170 LEU I CA 1 
ATOM 171 C CA . GLU A 1 171 ? -46.071 -0.510  17.765  1.00 50.00 ? 171 GLU I CA 1 
ATOM 172 C CA . LEU A 1 172 ? -46.141 2.062   20.519  1.00 50.00 ? 172 LEU I CA 1 
ATOM 173 C CA . PHE A 1 173 ? -43.527 1.270   23.142  1.00 50.00 ? 173 PHE I CA 1 
ATOM 174 C CA . GLU A 1 174 ? -44.207 2.775   26.594  1.00 50.00 ? 174 GLU I CA 1 
ATOM 175 C CA . ASN A 1 175 ? -41.985 3.229   29.661  1.00 50.00 ? 175 ASN I CA 1 
ATOM 176 C CA . THR A 1 176 ? -42.845 4.462   33.144  1.00 50.00 ? 176 THR I CA 1 
ATOM 177 C CA . SER A 1 177 ? -40.868 5.870   36.073  1.00 50.00 ? 177 SER I CA 1 
ATOM 178 C CA . ALA A 1 178 ? -41.183 4.994   39.746  1.00 50.00 ? 178 ALA I CA 1 
ATOM 179 C CA . PRO A 1 179 ? -44.261 6.752   41.169  1.00 50.00 ? 179 PRO I CA 1 
ATOM 180 C CA . TYR A 1 180 ? -44.052 9.751   43.527  1.00 50.00 ? 180 TYR I CA 1 
ATOM 181 C CA . GLN A 1 181 ? -46.402 9.827   46.530  1.00 50.00 ? 181 GLN I CA 1 
ATOM 182 C CA . LEU A 1 182 ? -47.460 13.176  47.945  1.00 50.00 ? 182 LEU I CA 1 
ATOM 183 C CA . GLN A 1 183 ? -47.355 13.130  51.762  1.00 50.00 ? 183 GLN I CA 1 
ATOM 184 C CA . THR A 1 184 ? -49.030 16.322  52.924  1.00 50.00 ? 184 THR I CA 1 
ATOM 185 C CA . PHE A 1 185 ? -49.475 18.308  56.172  1.00 50.00 ? 185 PHE I CA 1 
ATOM 186 C CA . ALA B 2 1   ? 29.636  -17.504 -27.665 1.00 50.00 ? 1   ALA 1 CA 1 
ATOM 187 C CA . PRO B 2 2   ? 26.168  -19.095 -27.067 1.00 50.00 ? 2   PRO 1 CA 1 
ATOM 188 C CA . VAL B 2 3   ? 27.889  -22.242 -25.782 1.00 50.00 ? 3   VAL 1 CA 1 
ATOM 189 C CA . ALA B 2 4   ? 29.993  -20.428 -23.176 1.00 50.00 ? 4   ALA 1 CA 1 
ATOM 190 C CA . ALA B 2 5   ? 26.802  -18.581 -22.280 1.00 50.00 ? 5   ALA 1 CA 1 
ATOM 191 C CA . TYR B 2 6   ? 25.116  -21.971 -22.104 1.00 50.00 ? 6   TYR 1 CA 1 
ATOM 192 C CA . VAL B 2 7   ? 27.642  -23.285 -19.572 1.00 50.00 ? 7   VAL 1 CA 1 
ATOM 193 C CA . ASP B 2 8   ? 27.060  -20.161 -17.468 1.00 50.00 ? 8   ASP 1 CA 1 
ATOM 194 C CA . GLU B 2 9   ? 23.345  -21.005 -17.459 1.00 50.00 ? 9   GLU 1 CA 1 
ATOM 195 C CA . VAL B 2 10  ? 23.945  -24.565 -16.275 1.00 50.00 ? 10  VAL 1 CA 1 
ATOM 196 C CA . LEU B 2 11  ? 26.357  -23.394 -13.567 1.00 50.00 ? 11  LEU 1 CA 1 
ATOM 197 C CA . ASN B 2 12  ? 24.277  -20.290 -12.756 1.00 50.00 ? 12  ASN 1 CA 1 
ATOM 198 C CA . GLU B 2 13  ? 27.213  -17.928 -13.182 1.00 50.00 ? 13  GLU 1 CA 1 
ATOM 199 C CA . VAL B 2 14  ? 25.810  -15.380 -15.621 1.00 50.00 ? 14  VAL 1 CA 1 
ATOM 200 C CA . LEU B 2 15  ? 26.029  -12.438 -13.198 1.00 50.00 ? 15  LEU 1 CA 1 
ATOM 201 C CA . VAL B 2 16  ? 29.173  -12.437 -11.067 1.00 50.00 ? 16  VAL 1 CA 1 
ATOM 202 C CA . VAL B 2 17  ? 29.766  -10.149 -8.084  1.00 50.00 ? 17  VAL 1 CA 1 
ATOM 203 C CA . PRO B 2 18  ? 33.045  -8.171  -8.031  1.00 50.00 ? 18  PRO 1 CA 1 
ATOM 204 C CA . ASN B 2 19  ? 36.169  -9.074  -6.059  1.00 50.00 ? 19  ASN 1 CA 1 
ATOM 205 C CA . ILE B 2 20  ? 37.429  -7.287  -2.970  1.00 50.00 ? 20  ILE 1 CA 1 
ATOM 206 C CA . ASN B 2 21  ? 40.819  -5.730  -3.635  1.00 50.00 ? 21  ASN 1 CA 1 
ATOM 207 C CA . GLN B 2 22  ? 43.648  -5.288  -1.163  1.00 50.00 ? 22  GLN 1 CA 1 
ATOM 208 C CA . SER B 2 23  ? 43.738  -1.795  0.350   1.00 50.00 ? 23  SER 1 CA 1 
ATOM 209 C CA . HIS B 2 24  ? 46.276  0.134   2.422   1.00 50.00 ? 24  HIS 1 CA 1 
ATOM 210 C CA . PRO B 2 25  ? 46.413  2.758   5.190   1.00 50.00 ? 25  PRO 1 CA 1 
ATOM 211 C CA . THR B 2 26  ? 45.609  6.277   4.014   1.00 50.00 ? 26  THR 1 CA 1 
ATOM 212 C CA . THR B 2 27  ? 46.029  9.830   5.283   1.00 50.00 ? 27  THR 1 CA 1 
ATOM 213 C CA . SER B 2 28  ? 44.187  12.077  2.852   1.00 50.00 ? 28  SER 1 CA 1 
ATOM 214 C CA . ASN B 2 29  ? 42.010  15.178  2.530   1.00 50.00 ? 29  ASN 1 CA 1 
ATOM 215 C CA . ALA B 2 30  ? 39.650  13.107  0.408   1.00 50.00 ? 30  ALA 1 CA 1 
ATOM 216 C CA . ALA B 2 31  ? 37.134  11.590  2.818   1.00 50.00 ? 31  ALA 1 CA 1 
ATOM 217 C CA . PRO B 2 32  ? 34.961  9.031   0.946   1.00 50.00 ? 32  PRO 1 CA 1 
ATOM 218 C CA . VAL B 2 33  ? 33.125  8.191   4.185   1.00 50.00 ? 33  VAL 1 CA 1 
ATOM 219 C CA . LEU B 2 34  ? 31.664  11.706  4.338   1.00 50.00 ? 34  LEU 1 CA 1 
ATOM 220 C CA . ASP B 2 35  ? 28.789  12.684  2.062   1.00 50.00 ? 35  ASP 1 CA 1 
ATOM 221 C CA . ALA B 2 36  ? 25.308  14.232  2.003   1.00 50.00 ? 36  ALA 1 CA 1 
ATOM 222 C CA . ALA B 2 37  ? 22.231  11.999  2.014   1.00 50.00 ? 37  ALA 1 CA 1 
ATOM 223 C CA . GLU B 2 38  ? 20.228  15.174  1.257   1.00 50.00 ? 38  GLU 1 CA 1 
ATOM 224 C CA . THR B 2 39  ? 21.192  14.711  -2.407  1.00 50.00 ? 39  THR 1 CA 1 
ATOM 225 C CA . GLY B 2 40  ? 18.991  11.629  -2.583  1.00 50.00 ? 40  GLY 1 CA 1 
ATOM 226 C CA . HIS B 2 41  ? 21.926  9.454   -3.638  1.00 50.00 ? 41  HIS 1 CA 1 
ATOM 227 C CA . THR B 2 42  ? 23.526  6.536   -1.803  1.00 50.00 ? 42  THR 1 CA 1 
ATOM 228 C CA . ASN B 2 43  ? 27.205  6.950   -0.873  1.00 50.00 ? 43  ASN 1 CA 1 
ATOM 229 C CA . LYS B 2 44  ? 29.071  4.432   -3.030  1.00 50.00 ? 44  LYS 1 CA 1 
ATOM 230 C CA . ILE B 2 45  ? 31.720  3.720   -0.417  1.00 50.00 ? 45  ILE 1 CA 1 
ATOM 231 C CA . GLN B 2 46  ? 33.070  0.161   -0.422  1.00 50.00 ? 46  GLN 1 CA 1 
ATOM 232 C CA . PRO B 2 47  ? 34.990  -1.865  2.203   1.00 50.00 ? 47  PRO 1 CA 1 
ATOM 233 C CA . GLU B 2 48  ? 38.382  -1.018  0.671   1.00 50.00 ? 48  GLU 1 CA 1 
ATOM 234 C CA . ASP B 2 49  ? 37.733  2.635   1.550   1.00 50.00 ? 49  ASP 1 CA 1 
ATOM 235 C CA . THR B 2 50  ? 37.228  2.203   5.299   1.00 50.00 ? 50  THR 1 CA 1 
ATOM 236 C CA . ILE B 2 51  ? 39.504  -0.659  6.350   1.00 50.00 ? 51  ILE 1 CA 1 
ATOM 237 C CA . GLU B 2 52  ? 42.614  -2.421  5.123   1.00 50.00 ? 52  GLU 1 CA 1 
ATOM 238 C CA . THR B 2 53  ? 41.218  -5.325  3.134   1.00 50.00 ? 53  THR 1 CA 1 
ATOM 239 C CA . ARG B 2 54  ? 42.915  -8.367  1.664   1.00 50.00 ? 54  ARG 1 CA 1 
ATOM 240 C CA . TYR B 2 55  ? 42.384  -9.522  -1.904  1.00 50.00 ? 55  TYR 1 CA 1 
ATOM 241 C CA . VAL B 2 56  ? 39.503  -12.013 -2.184  1.00 50.00 ? 56  VAL 1 CA 1 
ATOM 242 C CA . GLN B 2 57  ? 38.208  -13.649 -5.374  1.00 50.00 ? 57  GLN 1 CA 1 
ATOM 243 C CA . SER B 2 58  ? 34.410  -13.581 -5.398  1.00 50.00 ? 58  SER 1 CA 1 
ATOM 244 C CA . SER B 2 59  ? 32.492  -16.643 -6.590  1.00 50.00 ? 59  SER 1 CA 1 
ATOM 245 C CA . GLN B 2 60  ? 28.967  -15.459 -5.794  1.00 50.00 ? 60  GLN 1 CA 1 
ATOM 246 C CA . THR B 2 61  ? 26.447  -14.865 -8.565  1.00 50.00 ? 61  THR 1 CA 1 
ATOM 247 C CA . LEU B 2 62  ? 23.288  -12.741 -8.775  1.00 50.00 ? 62  LEU 1 CA 1 
ATOM 248 C CA . ASP B 2 63  ? 21.401  -15.019 -11.194 1.00 50.00 ? 63  ASP 1 CA 1 
ATOM 249 C CA . GLU B 2 64  ? 18.891  -16.119 -8.555  1.00 50.00 ? 64  GLU 1 CA 1 
ATOM 250 C CA . MET B 2 65  ? 18.141  -12.494 -7.651  1.00 50.00 ? 65  MET 1 CA 1 
ATOM 251 C CA . SER B 2 66  ? 16.992  -11.678 -11.190 1.00 50.00 ? 66  SER 1 CA 1 
ATOM 252 C CA . VAL B 2 67  ? 13.410  -10.499 -11.688 1.00 50.00 ? 67  VAL 1 CA 1 
ATOM 253 C CA . GLU B 2 68  ? 12.794  -13.603 -13.849 1.00 50.00 ? 68  GLU 1 CA 1 
ATOM 254 C CA . SER B 2 69  ? 13.846  -15.800 -10.914 1.00 50.00 ? 69  SER 1 CA 1 
ATOM 255 C CA . PHE B 2 70  ? 12.012  -13.799 -8.239  1.00 50.00 ? 70  PHE 1 CA 1 
ATOM 256 C CA . LEU B 2 71  ? 8.657   -13.879 -10.039 1.00 50.00 ? 71  LEU 1 CA 1 
ATOM 257 C CA . GLY B 2 72  ? 9.296   -17.114 -11.942 1.00 50.00 ? 72  GLY 1 CA 1 
ATOM 258 C CA . ARG B 2 73  ? 7.964   -19.504 -9.310  1.00 50.00 ? 73  ARG 1 CA 1 
ATOM 259 C CA . SER B 2 74  ? 4.494   -21.026 -9.481  1.00 50.00 ? 74  SER 1 CA 1 
ATOM 260 C CA . GLY B 2 75  ? 2.257   -19.975 -6.595  1.00 50.00 ? 75  GLY 1 CA 1 
ATOM 261 C CA . CYS B 2 76  ? -1.414  -20.549 -5.808  1.00 50.00 ? 76  CYS 1 CA 1 
ATOM 262 C CA . ILE B 2 77  ? -3.723  -17.719 -6.872  1.00 50.00 ? 77  ILE 1 CA 1 
ATOM 263 C CA . HIS B 2 78  ? -7.128  -19.390 -6.444  1.00 50.00 ? 78  HIS 1 CA 1 
ATOM 264 C CA . GLU B 2 79  ? -8.892  -22.408 -4.934  1.00 50.00 ? 79  GLU 1 CA 1 
ATOM 265 C CA . SER B 2 80  ? -12.048 -23.262 -6.890  1.00 50.00 ? 80  SER 1 CA 1 
ATOM 266 C CA . VAL B 2 81  ? -14.622 -25.360 -5.026  1.00 50.00 ? 81  VAL 1 CA 1 
ATOM 267 C CA . LEU B 2 82  ? -17.392 -27.452 -6.584  1.00 50.00 ? 82  LEU 1 CA 1 
ATOM 268 C CA . ASP B 2 83  ? -19.184 -29.074 -3.667  1.00 50.00 ? 83  ASP 1 CA 1 
ATOM 269 C CA . ILE B 2 84  ? -22.119 -31.280 -4.650  1.00 50.00 ? 84  ILE 1 CA 1 
ATOM 270 C CA . VAL B 2 85  ? -24.487 -31.025 -1.698  1.00 50.00 ? 85  VAL 1 CA 1 
ATOM 271 C CA . ASP B 2 86  ? -28.100 -31.321 -2.824  1.00 50.00 ? 86  ASP 1 CA 1 
ATOM 272 C CA . ASN B 2 87  ? -28.452 -29.956 -6.350  1.00 50.00 ? 87  ASN 1 CA 1 
ATOM 273 C CA . TYR B 2 88  ? -26.146 -31.228 -9.078  1.00 50.00 ? 88  TYR 1 CA 1 
ATOM 274 C CA . ASN B 2 89  ? -27.328 -28.785 -11.760 1.00 50.00 ? 89  ASN 1 CA 1 
ATOM 275 C CA . ASP B 2 90  ? -26.613 -25.763 -9.564  1.00 50.00 ? 90  ASP 1 CA 1 
ATOM 276 C CA . GLN B 2 91  ? -23.531 -27.014 -7.762  1.00 50.00 ? 91  GLN 1 CA 1 
ATOM 277 C CA . SER B 2 92  ? -21.593 -28.616 -10.621 1.00 50.00 ? 92  SER 1 CA 1 
ATOM 278 C CA . PHE B 2 93  ? -20.288 -25.400 -12.206 1.00 50.00 ? 93  PHE 1 CA 1 
ATOM 279 C CA . THR B 2 94  ? -18.866 -22.055 -11.100 1.00 50.00 ? 94  THR 1 CA 1 
ATOM 280 C CA . LYS B 2 95  ? -16.947 -18.969 -12.245 1.00 50.00 ? 95  LYS 1 CA 1 
ATOM 281 C CA . TRP B 2 96  ? -14.123 -16.742 -11.028 1.00 50.00 ? 96  TRP 1 CA 1 
ATOM 282 C CA . ASN B 2 97  ? -13.175 -13.222 -12.089 1.00 50.00 ? 97  ASN 1 CA 1 
ATOM 283 C CA . ILE B 2 98  ? -9.441  -13.747 -12.641 1.00 50.00 ? 98  ILE 1 CA 1 
ATOM 284 C CA . ASN B 2 99  ? -6.892  -11.712 -10.648 1.00 50.00 ? 99  ASN 1 CA 1 
ATOM 285 C CA . LEU B 2 100 ? -3.557  -12.031 -8.783  1.00 50.00 ? 100 LEU 1 CA 1 
ATOM 286 C CA . GLN B 2 101 ? -4.878  -10.131 -5.742  1.00 50.00 ? 101 GLN 1 CA 1 
ATOM 287 C CA . GLU B 2 102 ? -6.471  -12.846 -3.590  1.00 50.00 ? 102 GLU 1 CA 1 
ATOM 288 C CA . MET B 2 103 ? -3.391  -14.679 -2.296  1.00 50.00 ? 103 MET 1 CA 1 
ATOM 289 C CA . ALA B 2 104 ? -0.953  -12.544 -0.277  1.00 50.00 ? 104 ALA 1 CA 1 
ATOM 290 C CA . GLN B 2 105 ? 2.134   -14.611 -1.098  1.00 50.00 ? 105 GLN 1 CA 1 
ATOM 291 C CA . ILE B 2 106 ? 2.399   -13.878 -4.814  1.00 50.00 ? 106 ILE 1 CA 1 
ATOM 292 C CA . ARG B 2 107 ? 0.514   -10.572 -4.638  1.00 50.00 ? 107 ARG 1 CA 1 
ATOM 293 C CA . ARG B 2 108 ? 3.180   -9.015  -2.411  1.00 50.00 ? 108 ARG 1 CA 1 
ATOM 294 C CA . LYS B 2 109 ? 6.018   -10.024 -4.730  1.00 50.00 ? 109 LYS 1 CA 1 
ATOM 295 C CA . PHE B 2 110 ? 4.415   -8.511  -7.834  1.00 50.00 ? 110 PHE 1 CA 1 
ATOM 296 C CA . GLU B 2 111 ? 3.519   -5.381  -5.878  1.00 50.00 ? 111 GLU 1 CA 1 
ATOM 297 C CA . MET B 2 112 ? 7.162   -4.584  -5.204  1.00 50.00 ? 112 MET 1 CA 1 
ATOM 298 C CA . PHE B 2 113 ? 7.012   -3.057  -8.697  1.00 50.00 ? 113 PHE 1 CA 1 
ATOM 299 C CA . THR B 2 114 ? 4.715   -0.395  -10.170 1.00 50.00 ? 114 THR 1 CA 1 
ATOM 300 C CA . TYR B 2 115 ? 4.344   -1.968  -13.624 1.00 50.00 ? 115 TYR 1 CA 1 
ATOM 301 C CA . ALA B 2 116 ? 5.125   -5.479  -14.839 1.00 50.00 ? 116 ALA 1 CA 1 
ATOM 302 C CA . ARG B 2 117 ? 4.930   -7.267  -18.179 1.00 50.00 ? 117 ARG 1 CA 1 
ATOM 303 C CA . PHE B 2 118 ? 5.003   -11.050 -18.488 1.00 50.00 ? 118 PHE 1 CA 1 
ATOM 304 C CA . ASP B 2 119 ? 3.520   -14.157 -20.058 1.00 50.00 ? 119 ASP 1 CA 1 
ATOM 305 C CA . SER B 2 120 ? 1.680   -16.502 -17.729 1.00 50.00 ? 120 SER 1 CA 1 
ATOM 306 C CA . GLU B 2 121 ? 1.952   -20.219 -17.103 1.00 50.00 ? 121 GLU 1 CA 1 
ATOM 307 C CA . ILE B 2 122 ? -1.155  -21.650 -15.451 1.00 50.00 ? 122 ILE 1 CA 1 
ATOM 308 C CA . THR B 2 123 ? -1.032  -25.109 -13.870 1.00 50.00 ? 123 THR 1 CA 1 
ATOM 309 C CA . MET B 2 124 ? -4.131  -26.607 -12.270 1.00 50.00 ? 124 MET 1 CA 1 
ATOM 310 C CA . VAL B 2 125 ? -4.241  -29.147 -9.454  1.00 50.00 ? 125 VAL 1 CA 1 
ATOM 311 C CA . PRO B 2 126 ? -7.709  -30.732 -9.162  1.00 50.00 ? 126 PRO 1 CA 1 
ATOM 312 C CA . SER B 2 127 ? -8.453  -33.036 -6.225  1.00 50.00 ? 127 SER 1 CA 1 
ATOM 313 C CA . VAL B 2 128 ? -11.663 -35.057 -6.058  1.00 50.00 ? 128 VAL 1 CA 1 
ATOM 314 C CA . ALA B 2 129 ? -12.866 -35.843 -2.537  1.00 50.00 ? 129 ALA 1 CA 1 
ATOM 315 C CA . ALA B 2 130 ? -15.109 -38.918 -2.392  1.00 50.00 ? 130 ALA 1 CA 1 
ATOM 316 C CA . LYS B 2 131 ? -17.728 -37.673 0.084   1.00 50.00 ? 131 LYS 1 CA 1 
ATOM 317 C CA . ASP B 2 132 ? -19.877 -40.797 -0.317  1.00 50.00 ? 132 ASP 1 CA 1 
ATOM 318 C CA . GLY B 2 133 ? -17.181 -43.325 -1.184  1.00 50.00 ? 133 GLY 1 CA 1 
ATOM 319 C CA . HIS B 2 134 ? -16.773 -43.528 -4.970  1.00 50.00 ? 134 HIS 1 CA 1 
ATOM 320 C CA . ILE B 2 135 ? -15.672 -40.847 -7.448  1.00 50.00 ? 135 ILE 1 CA 1 
ATOM 321 C CA . GLY B 2 136 ? -16.751 -42.508 -10.696 1.00 50.00 ? 136 GLY 1 CA 1 
ATOM 322 C CA . HIS B 2 137 ? -15.273 -40.943 -13.840 1.00 50.00 ? 137 HIS 1 CA 1 
ATOM 323 C CA . ILE B 2 138 ? -14.562 -37.242 -13.312 1.00 50.00 ? 138 ILE 1 CA 1 
ATOM 324 C CA . VAL B 2 139 ? -13.997 -35.089 -16.401 1.00 50.00 ? 139 VAL 1 CA 1 
ATOM 325 C CA . MET B 2 140 ? -13.601 -31.325 -15.878 1.00 50.00 ? 140 MET 1 CA 1 
ATOM 326 C CA . GLN B 2 141 ? -13.938 -28.380 -18.264 1.00 50.00 ? 141 GLN 1 CA 1 
ATOM 327 C CA . TYR B 2 142 ? -12.152 -25.084 -17.605 1.00 50.00 ? 142 TYR 1 CA 1 
ATOM 328 C CA . MET B 2 143 ? -13.196 -22.355 -20.020 1.00 50.00 ? 143 MET 1 CA 1 
ATOM 329 C CA . TYR B 2 144 ? -11.437 -19.019 -20.331 1.00 50.00 ? 144 TYR 1 CA 1 
ATOM 330 C CA . VAL B 2 145 ? -14.097 -16.387 -21.001 1.00 50.00 ? 145 VAL 1 CA 1 
ATOM 331 C CA . PRO B 2 146 ? -12.648 -13.035 -22.176 1.00 50.00 ? 146 PRO 1 CA 1 
ATOM 332 C CA . PRO B 2 147 ? -14.595 -9.906  -21.166 1.00 50.00 ? 147 PRO 1 CA 1 
ATOM 333 C CA . GLY B 2 148 ? -17.691 -9.668  -23.340 1.00 50.00 ? 148 GLY 1 CA 1 
ATOM 334 C CA . ALA B 2 149 ? -18.098 -13.351 -24.178 1.00 50.00 ? 149 ALA 1 CA 1 
ATOM 335 C CA . PRO B 2 150 ? -21.307 -14.903 -22.780 1.00 50.00 ? 150 PRO 1 CA 1 
ATOM 336 C CA . ILE B 2 151 ? -20.985 -16.361 -19.273 1.00 50.00 ? 151 ILE 1 CA 1 
ATOM 337 C CA . PRO B 2 152 ? -22.774 -19.710 -18.755 1.00 50.00 ? 152 PRO 1 CA 1 
ATOM 338 C CA . THR B 2 153 ? -25.709 -19.515 -16.344 1.00 50.00 ? 153 THR 1 CA 1 
ATOM 339 C CA . THR B 2 154 ? -26.393 -23.271 -16.171 1.00 50.00 ? 154 THR 1 CA 1 
ATOM 340 C CA . ARG B 2 155 ? -24.308 -26.453 -16.465 1.00 50.00 ? 155 ARG 1 CA 1 
ATOM 341 C CA . ASP B 2 156 ? -25.759 -27.078 -19.936 1.00 50.00 ? 156 ASP 1 CA 1 
ATOM 342 C CA . ASP B 2 157 ? -25.572 -23.498 -21.201 1.00 50.00 ? 157 ASP 1 CA 1 
ATOM 343 C CA . TYR B 2 158 ? -24.749 -23.211 -24.927 1.00 50.00 ? 158 TYR 1 CA 1 
ATOM 344 C CA . ALA B 2 159 ? -21.662 -21.170 -23.952 1.00 50.00 ? 159 ALA 1 CA 1 
ATOM 345 C CA . TRP B 2 160 ? -19.982 -24.424 -22.891 1.00 50.00 ? 160 TRP 1 CA 1 
ATOM 346 C CA . GLN B 2 161 ? -19.796 -25.329 -26.615 1.00 50.00 ? 161 GLN 1 CA 1 
ATOM 347 C CA . SER B 2 162 ? -16.583 -23.266 -26.609 1.00 50.00 ? 162 SER 1 CA 1 
ATOM 348 C CA . GLY B 2 163 ? -16.849 -22.610 -30.334 1.00 50.00 ? 163 GLY 1 CA 1 
ATOM 349 C CA . THR B 2 164 ? -14.236 -19.870 -29.987 1.00 50.00 ? 164 THR 1 CA 1 
ATOM 350 C CA . ASN B 2 165 ? -13.134 -19.633 -26.330 1.00 50.00 ? 165 ASN 1 CA 1 
ATOM 351 C CA . ALA B 2 166 ? -10.259 -21.777 -25.122 1.00 50.00 ? 166 ALA 1 CA 1 
ATOM 352 C CA . SER B 2 167 ? -11.377 -24.701 -22.964 1.00 50.00 ? 167 SER 1 CA 1 
ATOM 353 C CA . VAL B 2 168 ? -9.181  -27.266 -21.234 1.00 50.00 ? 168 VAL 1 CA 1 
ATOM 354 C CA . PHE B 2 169 ? -10.679 -30.684 -20.553 1.00 50.00 ? 169 PHE 1 CA 1 
ATOM 355 C CA . TRP B 2 170 ? -9.079  -32.782 -17.844 1.00 50.00 ? 170 TRP 1 CA 1 
ATOM 356 C CA . GLN B 2 171 ? -9.773  -36.397 -17.067 1.00 50.00 ? 171 GLN 1 CA 1 
ATOM 357 C CA . HIS B 2 172 ? -9.193  -37.712 -13.562 1.00 50.00 ? 172 HIS 1 CA 1 
ATOM 358 C CA . GLY B 2 173 ? -6.019  -39.796 -13.408 1.00 50.00 ? 173 GLY 1 CA 1 
ATOM 359 C CA . GLN B 2 174 ? -4.291  -37.832 -16.171 1.00 50.00 ? 174 GLN 1 CA 1 
ATOM 360 C CA . PRO B 2 175 ? -1.456  -35.396 -15.395 1.00 50.00 ? 175 PRO 1 CA 1 
ATOM 361 C CA . PHE B 2 176 ? -2.165  -31.878 -14.129 1.00 50.00 ? 176 PHE 1 CA 1 
ATOM 362 C CA . PRO B 2 177 ? -3.367  -29.526 -16.887 1.00 50.00 ? 177 PRO 1 CA 1 
ATOM 363 C CA . ARG B 2 178 ? -1.130  -26.623 -17.922 1.00 50.00 ? 178 ARG 1 CA 1 
ATOM 364 C CA . PHE B 2 179 ? -1.125  -23.895 -20.565 1.00 50.00 ? 179 PHE 1 CA 1 
ATOM 365 C CA . SER B 2 180 ? 0.492   -20.544 -21.272 1.00 50.00 ? 180 SER 1 CA 1 
ATOM 366 C CA . LEU B 2 181 ? -1.189  -17.177 -21.793 1.00 50.00 ? 181 LEU 1 CA 1 
ATOM 367 C CA . PRO B 2 182 ? 0.474   -14.276 -23.634 1.00 50.00 ? 182 PRO 1 CA 1 
ATOM 368 C CA . PHE B 2 183 ? 0.765   -10.838 -22.008 1.00 50.00 ? 183 PHE 1 CA 1 
ATOM 369 C CA . LEU B 2 184 ? -2.962  -9.939  -22.065 1.00 50.00 ? 184 LEU 1 CA 1 
ATOM 370 C CA . SER B 2 185 ? -3.151  -6.176  -21.481 1.00 50.00 ? 185 SER 1 CA 1 
ATOM 371 C CA . ILE B 2 186 ? -4.502  -3.507  -23.826 1.00 50.00 ? 186 ILE 1 CA 1 
ATOM 372 C CA . ALA B 2 187 ? -1.633  -1.376  -22.446 1.00 50.00 ? 187 ALA 1 CA 1 
ATOM 373 C CA . SER B 2 188 ? 2.154   -1.985  -22.665 1.00 50.00 ? 188 SER 1 CA 1 
ATOM 374 C CA . ALA B 2 189 ? 2.358   -3.336  -19.116 1.00 50.00 ? 189 ALA 1 CA 1 
ATOM 375 C CA . TYR B 2 190 ? 0.086   -4.426  -16.285 1.00 50.00 ? 190 TYR 1 CA 1 
ATOM 376 C CA . TYR B 2 191 ? -0.602  -1.777  -13.649 1.00 50.00 ? 191 TYR 1 CA 1 
ATOM 377 C CA . MET B 2 192 ? 0.319   -3.086  -10.194 1.00 50.00 ? 192 MET 1 CA 1 
ATOM 378 C CA . PHE B 2 193 ? -0.866  0.290   -8.870  1.00 50.00 ? 193 PHE 1 CA 1 
ATOM 379 C CA . TYR B 2 194 ? -3.078  2.908   -10.500 1.00 50.00 ? 194 TYR 1 CA 1 
ATOM 380 C CA . ASP B 2 195 ? -3.684  6.360   -9.027  1.00 50.00 ? 195 ASP 1 CA 1 
ATOM 381 C CA . GLY B 2 196 ? -6.645  6.923   -11.322 1.00 50.00 ? 196 GLY 1 CA 1 
ATOM 382 C CA . TYR B 2 197 ? -10.388 6.599   -11.882 1.00 50.00 ? 197 TYR 1 CA 1 
ATOM 383 C CA . ASP B 2 198 ? -12.717 5.443   -14.654 1.00 50.00 ? 198 ASP 1 CA 1 
ATOM 384 C CA . GLY B 2 199 ? -14.366 8.861   -14.597 1.00 50.00 ? 199 GLY 1 CA 1 
ATOM 385 C CA . ASP B 2 200 ? -14.419 12.213  -12.828 1.00 50.00 ? 200 ASP 1 CA 1 
ATOM 386 C CA . THR B 2 201 ? -17.387 11.979  -10.441 1.00 50.00 ? 201 THR 1 CA 1 
ATOM 387 C CA . TYR B 2 202 ? -17.771 11.112  -6.751  1.00 50.00 ? 202 TYR 1 CA 1 
ATOM 388 C CA . LYS B 2 203 ? -18.947 7.651   -7.768  1.00 50.00 ? 203 LYS 1 CA 1 
ATOM 389 C CA . SER B 2 204 ? -16.047 6.803   -10.072 1.00 50.00 ? 204 SER 1 CA 1 
ATOM 390 C CA . ARG B 2 205 ? -14.073 3.647   -9.273  1.00 50.00 ? 205 ARG 1 CA 1 
ATOM 391 C CA . TYR B 2 206 ? -10.474 4.040   -8.084  1.00 50.00 ? 206 TYR 1 CA 1 
ATOM 392 C CA . GLY B 2 207 ? -7.478  1.784   -8.550  1.00 50.00 ? 207 GLY 1 CA 1 
ATOM 393 C CA . THR B 2 208 ? -6.475  -1.233  -10.588 1.00 50.00 ? 208 THR 1 CA 1 
ATOM 394 C CA . VAL B 2 209 ? -10.050 -2.521  -10.872 1.00 50.00 ? 209 VAL 1 CA 1 
ATOM 395 C CA . VAL B 2 210 ? -10.401 0.121   -13.594 1.00 50.00 ? 210 VAL 1 CA 1 
ATOM 396 C CA . THR B 2 211 ? -7.501  -1.201  -15.670 1.00 50.00 ? 211 THR 1 CA 1 
ATOM 397 C CA . ASN B 2 212 ? -7.027  -4.877  -14.776 1.00 50.00 ? 212 ASN 1 CA 1 
ATOM 398 C CA . ASP B 2 213 ? -9.985  -6.849  -16.171 1.00 50.00 ? 213 ASP 1 CA 1 
ATOM 399 C CA . MET B 2 214 ? -8.725  -10.246 -17.378 1.00 50.00 ? 214 MET 1 CA 1 
ATOM 400 C CA . GLY B 2 215 ? -12.094 -11.942 -17.824 1.00 50.00 ? 215 GLY 1 CA 1 
ATOM 401 C CA . THR B 2 216 ? -13.613 -14.976 -16.117 1.00 50.00 ? 216 THR 1 CA 1 
ATOM 402 C CA . LEU B 2 217 ? -12.633 -18.619 -15.615 1.00 50.00 ? 217 LEU 1 CA 1 
ATOM 403 C CA . CYS B 2 218 ? -15.713 -20.847 -15.791 1.00 50.00 ? 218 CYS 1 CA 1 
ATOM 404 C CA . SER B 2 219 ? -15.471 -24.413 -14.480 1.00 50.00 ? 219 SER 1 CA 1 
ATOM 405 C CA . ARG B 2 220 ? -17.821 -27.356 -14.788 1.00 50.00 ? 220 ARG 1 CA 1 
ATOM 406 C CA . ILE B 2 221 ? -17.866 -31.059 -13.985 1.00 50.00 ? 221 ILE 1 CA 1 
ATOM 407 C CA . VAL B 2 222 ? -18.540 -32.468 -17.467 1.00 50.00 ? 222 VAL 1 CA 1 
ATOM 408 C CA . THR B 2 223 ? -19.660 -35.843 -16.101 1.00 50.00 ? 223 THR 1 CA 1 
ATOM 409 C CA . SER B 2 224 ? -23.425 -36.064 -15.625 1.00 50.00 ? 224 SER 1 CA 1 
ATOM 410 C CA . GLU B 2 225 ? -24.989 -36.585 -12.184 1.00 50.00 ? 225 GLU 1 CA 1 
ATOM 411 C CA . GLN B 2 226 ? -23.548 -39.572 -10.329 1.00 50.00 ? 226 GLN 1 CA 1 
ATOM 412 C CA . LEU B 2 227 ? -24.950 -41.512 -7.369  1.00 50.00 ? 227 LEU 1 CA 1 
ATOM 413 C CA . HIS B 2 228 ? -22.063 -40.560 -5.099  1.00 50.00 ? 228 HIS 1 CA 1 
ATOM 414 C CA . LYS B 2 229 ? -21.418 -36.919 -4.294  1.00 50.00 ? 229 LYS 1 CA 1 
ATOM 415 C CA . VAL B 2 230 ? -17.966 -35.421 -4.629  1.00 50.00 ? 230 VAL 1 CA 1 
ATOM 416 C CA . LYS B 2 231 ? -16.232 -32.194 -3.723  1.00 50.00 ? 231 LYS 1 CA 1 
ATOM 417 C CA . VAL B 2 232 ? -13.820 -31.068 -6.430  1.00 50.00 ? 232 VAL 1 CA 1 
ATOM 418 C CA . VAL B 2 233 ? -11.310 -28.420 -5.425  1.00 50.00 ? 233 VAL 1 CA 1 
ATOM 419 C CA . THR B 2 234 ? -9.171  -27.052 -8.246  1.00 50.00 ? 234 THR 1 CA 1 
ATOM 420 C CA . ARG B 2 235 ? -6.172  -24.995 -7.177  1.00 50.00 ? 235 ARG 1 CA 1 
ATOM 421 C CA . ILE B 2 236 ? -4.836  -22.597 -9.809  1.00 50.00 ? 236 ILE 1 CA 1 
ATOM 422 C CA . TYR B 2 237 ? -1.090  -21.918 -9.834  1.00 50.00 ? 237 TYR 1 CA 1 
ATOM 423 C CA . HIS B 2 238 ? 0.468   -19.021 -11.695 1.00 50.00 ? 238 HIS 1 CA 1 
ATOM 424 C CA . LYS B 2 239 ? 4.034   -18.428 -12.820 1.00 50.00 ? 239 LYS 1 CA 1 
ATOM 425 C CA . ALA B 2 240 ? 5.347   -15.373 -14.658 1.00 50.00 ? 240 ALA 1 CA 1 
ATOM 426 C CA . LYS B 2 241 ? 7.616   -16.045 -17.649 1.00 50.00 ? 241 LYS 1 CA 1 
ATOM 427 C CA . HIS B 2 242 ? 9.651   -13.616 -19.782 1.00 50.00 ? 242 HIS 1 CA 1 
ATOM 428 C CA . THR B 2 243 ? 9.229   -10.910 -17.141 1.00 50.00 ? 243 THR 1 CA 1 
ATOM 429 C CA . LYS B 2 244 ? 10.045  -7.192  -17.132 1.00 50.00 ? 244 LYS 1 CA 1 
ATOM 430 C CA . ALA B 2 245 ? 9.302   -4.895  -14.187 1.00 50.00 ? 245 ALA 1 CA 1 
ATOM 431 C CA . TRP B 2 246 ? 9.507   -1.133  -13.632 1.00 50.00 ? 246 TRP 1 CA 1 
ATOM 432 C CA . CYS B 2 247 ? 9.716   1.327   -10.726 1.00 50.00 ? 247 CYS 1 CA 1 
ATOM 433 C CA . PRO B 2 248 ? 10.363  -0.673  -7.527  1.00 50.00 ? 248 PRO 1 CA 1 
ATOM 434 C CA . ARG B 2 249 ? 8.426   0.175   -4.381  1.00 50.00 ? 249 ARG 1 CA 1 
ATOM 435 C CA . PRO B 2 250 ? 8.270   -0.527  -0.615  1.00 50.00 ? 250 PRO 1 CA 1 
ATOM 436 C CA . PRO B 2 251 ? 6.911   -4.007  0.246   1.00 50.00 ? 251 PRO 1 CA 1 
ATOM 437 C CA . ARG B 2 252 ? 3.398   -4.291  1.733   1.00 50.00 ? 252 ARG 1 CA 1 
ATOM 438 C CA . ALA B 2 253 ? 3.872   -3.728  5.479   1.00 50.00 ? 253 ALA 1 CA 1 
ATOM 439 C CA . VAL B 2 254 ? 0.369   -4.606  6.695   1.00 50.00 ? 254 VAL 1 CA 1 
ATOM 440 C CA . GLN B 2 255 ? -2.122  -7.339  5.863   1.00 50.00 ? 255 GLN 1 CA 1 
ATOM 441 C CA . TYR B 2 256 ? -4.164  -7.031  2.685   1.00 50.00 ? 256 TYR 1 CA 1 
ATOM 442 C CA . SER B 2 257 ? -7.897  -6.686  3.195   1.00 50.00 ? 257 SER 1 CA 1 
ATOM 443 C CA . HIS B 2 258 ? -9.352  -6.429  -0.307  1.00 50.00 ? 258 HIS 1 CA 1 
ATOM 444 C CA . THR B 2 259 ? -8.570  -6.996  -3.953  1.00 50.00 ? 259 THR 1 CA 1 
ATOM 445 C CA . HIS B 2 260 ? -7.498  -4.119  -6.207  1.00 50.00 ? 260 HIS 1 CA 1 
ATOM 446 C CA . THR B 2 261 ? -7.013  -1.705  -3.314  1.00 50.00 ? 261 THR 1 CA 1 
ATOM 447 C CA . THR B 2 262 ? -4.296  -0.667  -0.868  1.00 50.00 ? 262 THR 1 CA 1 
ATOM 448 C CA . ASN B 2 263 ? -6.889  -0.355  1.936   1.00 50.00 ? 263 ASN 1 CA 1 
ATOM 449 C CA . TYR B 2 264 ? -5.875  -1.709  5.324   1.00 50.00 ? 264 TYR 1 CA 1 
ATOM 450 C CA . LYS B 2 265 ? -7.140  -1.930  8.873   1.00 50.00 ? 265 LYS 1 CA 1 
ATOM 451 C CA . LEU B 2 266 ? -5.377  -0.794  12.028  1.00 50.00 ? 266 LEU 1 CA 1 
ATOM 452 C CA . SER B 2 267 ? -5.988  -1.981  15.571  1.00 50.00 ? 267 SER 1 CA 1 
ATOM 453 C CA . SER B 2 268 ? -5.641  0.174   18.687  1.00 50.00 ? 268 SER 1 CA 1 
ATOM 454 C CA . GLU B 2 269 ? -2.191  -1.356  19.191  1.00 50.00 ? 269 GLU 1 CA 1 
ATOM 455 C CA . VAL B 2 270 ? -0.494  -0.667  15.853  1.00 50.00 ? 270 VAL 1 CA 1 
ATOM 456 C CA . HIS B 2 271 ? 2.694   -2.550  16.739  1.00 50.00 ? 271 HIS 1 CA 1 
ATOM 457 C CA . ASN B 2 272 ? 0.630   -5.730  16.311  1.00 50.00 ? 272 ASN 1 CA 1 
ATOM 458 C CA . ASP B 2 273 ? -0.242  -4.699  12.758  1.00 50.00 ? 273 ASP 1 CA 1 
ATOM 459 C CA . VAL B 2 274 ? 3.335   -4.529  11.475  1.00 50.00 ? 274 VAL 1 CA 1 
ATOM 460 C CA . ALA B 2 275 ? 6.280   -6.958  11.556  1.00 50.00 ? 275 ALA 1 CA 1 
ATOM 461 C CA . ILE B 2 276 ? 8.316   -4.522  13.647  1.00 50.00 ? 276 ILE 1 CA 1 
ATOM 462 C CA . ARG B 2 277 ? 9.105   -6.111  17.024  1.00 50.00 ? 277 ARG 1 CA 1 
ATOM 463 C CA . PRO B 2 278 ? 9.179   -3.432  19.769  1.00 50.00 ? 278 PRO 1 CA 1 
ATOM 464 C CA . ARG B 2 279 ? 12.642  -2.746  21.197  1.00 50.00 ? 279 ARG 1 CA 1 
ATOM 465 C CA . THR B 2 280 ? 13.136  -2.440  24.960  1.00 50.00 ? 280 THR 1 CA 1 
ATOM 466 C CA . ASN B 2 281 ? 15.309  0.627   24.338  1.00 50.00 ? 281 ASN 1 CA 1 
ATOM 467 C CA . LEU B 2 282 ? 17.992  1.895   21.932  1.00 50.00 ? 282 LEU 1 CA 1 
ATOM 468 C CA . THR B 2 283 ? 20.858  -0.104  23.429  1.00 50.00 ? 283 THR 1 CA 1 
ATOM 469 C CA . THR B 2 284 ? 19.201  -3.498  23.875  1.00 50.00 ? 284 THR 1 CA 1 
ATOM 470 C CA . VAL B 2 285 ? 20.183  -5.670  20.909  1.00 50.00 ? 285 VAL 1 CA 1 
ATOM 471 C CA . SER C 3 1   ? 29.865  26.606  -6.820  1.00 50.00 ? 10  SER 2 CA 1 
ATOM 472 C CA . ASP C 3 2   ? 28.149  23.270  -6.280  1.00 50.00 ? 11  ASP 2 CA 1 
ATOM 473 C CA . ARG C 3 3   ? 25.805  24.903  -3.741  1.00 50.00 ? 12  ARG 2 CA 1 
ATOM 474 C CA . ILE C 3 4   ? 24.183  27.180  -6.329  1.00 50.00 ? 13  ILE 2 CA 1 
ATOM 475 C CA . ILE C 3 5   ? 21.501  26.474  -8.930  1.00 50.00 ? 14  ILE 2 CA 1 
ATOM 476 C CA . GLN C 3 6   ? 19.626  28.490  -11.531 1.00 50.00 ? 15  GLN 2 CA 1 
ATOM 477 C CA . ILE C 3 7   ? 16.729  26.870  -13.358 1.00 50.00 ? 16  ILE 2 CA 1 
ATOM 478 C CA . THR C 3 8   ? 15.169  28.655  -16.335 1.00 50.00 ? 17  THR 2 CA 1 
ATOM 479 C CA . ARG C 3 9   ? 11.894  27.414  -17.834 1.00 50.00 ? 18  ARG 2 CA 1 
ATOM 480 C CA . GLY C 3 10  ? 9.991   29.634  -20.259 1.00 50.00 ? 19  GLY 2 CA 1 
ATOM 481 C CA . ASP C 3 11  ? 9.727   33.085  -18.674 1.00 50.00 ? 20  ASP 2 CA 1 
ATOM 482 C CA . SER C 3 12  ? 10.664  31.921  -15.184 1.00 50.00 ? 21  SER 2 CA 1 
ATOM 483 C CA . THR C 3 13  ? 14.028  31.642  -13.467 1.00 50.00 ? 22  THR 2 CA 1 
ATOM 484 C CA . ILE C 3 14  ? 14.466  30.098  -10.036 1.00 50.00 ? 23  ILE 2 CA 1 
ATOM 485 C CA . THR C 3 15  ? 17.584  30.311  -7.876  1.00 50.00 ? 24  THR 2 CA 1 
ATOM 486 C CA . SER C 3 16  ? 18.899  28.769  -4.678  1.00 50.00 ? 25  SER 2 CA 1 
ATOM 487 C CA . GLN C 3 17  ? 22.257  29.394  -3.048  1.00 50.00 ? 26  GLN 2 CA 1 
ATOM 488 C CA . ASP C 3 18  ? 22.135  26.257  -0.868  1.00 50.00 ? 27  ASP 2 CA 1 
ATOM 489 C CA . VAL C 3 19  ? 21.224  23.157  -2.837  1.00 50.00 ? 28  VAL 2 CA 1 
ATOM 490 C CA . ALA C 3 20  ? 21.996  19.463  -2.409  1.00 50.00 ? 29  ALA 2 CA 1 
ATOM 491 C CA . ASN C 3 21  ? 22.487  18.731  -6.121  1.00 50.00 ? 30  ASN 2 CA 1 
ATOM 492 C CA . ALA C 3 22  ? 19.398  17.663  -8.102  1.00 50.00 ? 31  ALA 2 CA 1 
ATOM 493 C CA . VAL C 3 23  ? 17.718  14.338  -8.779  1.00 50.00 ? 32  VAL 2 CA 1 
ATOM 494 C CA . VAL C 3 24  ? 16.654  13.143  -12.223 1.00 50.00 ? 33  VAL 2 CA 1 
ATOM 495 C CA . GLY C 3 25  ? 13.979  10.524  -11.621 1.00 50.00 ? 34  GLY 2 CA 1 
ATOM 496 C CA . TYR C 3 26  ? 15.105  7.094   -12.796 1.00 50.00 ? 35  TYR 2 CA 1 
ATOM 497 C CA . GLY C 3 27  ? 17.928  8.785   -14.694 1.00 50.00 ? 36  GLY 2 CA 1 
ATOM 498 C CA . VAL C 3 28  ? 15.641  9.733   -17.579 1.00 50.00 ? 37  VAL 2 CA 1 
ATOM 499 C CA . TRP C 3 29  ? 15.248  13.332  -18.711 1.00 50.00 ? 38  TRP 2 CA 1 
ATOM 500 C CA . PRO C 3 30  ? 11.746  14.223  -19.992 1.00 50.00 ? 39  PRO 2 CA 1 
ATOM 501 C CA . HIS C 3 31  ? 11.223  14.082  -23.751 1.00 50.00 ? 40  HIS 2 CA 1 
ATOM 502 C CA . TYR C 3 32  ? 8.427   14.254  -26.307 1.00 50.00 ? 41  TYR 2 CA 1 
ATOM 503 C CA . LEU C 3 33  ? 6.629   11.097  -27.409 1.00 50.00 ? 42  LEU 2 CA 1 
ATOM 504 C CA . THR C 3 34  ? 8.239   9.273   -30.343 1.00 50.00 ? 43  THR 2 CA 1 
ATOM 505 C CA . PRO C 3 35  ? 6.327   7.773   -33.306 1.00 50.00 ? 44  PRO 2 CA 1 
ATOM 506 C CA . GLN C 3 36  ? 7.496   4.311   -32.217 1.00 50.00 ? 45  GLN 2 CA 1 
ATOM 507 C CA . ASP C 3 37  ? 5.675   4.511   -28.875 1.00 50.00 ? 46  ASP 2 CA 1 
ATOM 508 C CA . ALA C 3 38  ? 2.717   6.666   -29.941 1.00 50.00 ? 47  ALA 2 CA 1 
ATOM 509 C CA . THR C 3 39  ? -0.826  5.329   -30.324 1.00 50.00 ? 48  THR 2 CA 1 
ATOM 510 C CA . ALA C 3 40  ? -3.162  8.360   -30.688 1.00 50.00 ? 49  ALA 2 CA 1 
ATOM 511 C CA . ILE C 3 41  ? -2.904  9.434   -34.339 1.00 50.00 ? 50  ILE 2 CA 1 
ATOM 512 C CA . ASP C 3 42  ? -3.773  13.138  -34.316 1.00 50.00 ? 51  ASP 2 CA 1 
ATOM 513 C CA . LYS C 3 43  ? -0.983  15.735  -34.381 1.00 50.00 ? 52  LYS 2 CA 1 
ATOM 514 C CA . PRO C 3 44  ? -0.170  16.788  -30.776 1.00 50.00 ? 53  PRO 2 CA 1 
ATOM 515 C CA . THR C 3 45  ? -0.202  20.406  -29.644 1.00 50.00 ? 54  THR 2 CA 1 
ATOM 516 C CA . GLN C 3 46  ? 2.951   21.555  -27.842 1.00 50.00 ? 55  GLN 2 CA 1 
ATOM 517 C CA . PRO C 3 47  ? 2.455   24.980  -26.123 1.00 50.00 ? 56  PRO 2 CA 1 
ATOM 518 C CA . ASP C 3 48  ? 6.176   25.104  -25.322 1.00 50.00 ? 57  ASP 2 CA 1 
ATOM 519 C CA . THR C 3 49  ? 7.134   28.176  -23.217 1.00 50.00 ? 58  THR 2 CA 1 
ATOM 520 C CA . SER C 3 50  ? 3.536   29.124  -22.388 1.00 50.00 ? 59  SER 2 CA 1 
ATOM 521 C CA . SER C 3 51  ? 3.106   25.816  -20.554 1.00 50.00 ? 60  SER 2 CA 1 
ATOM 522 C CA . ASN C 3 52  ? 6.623   24.687  -19.695 1.00 50.00 ? 61  ASN 2 CA 1 
ATOM 523 C CA . ARG C 3 53  ? 7.219   27.335  -17.018 1.00 50.00 ? 62  ARG 2 CA 1 
ATOM 524 C CA . PHE C 3 54  ? 7.304   27.403  -13.209 1.00 50.00 ? 63  PHE 2 CA 1 
ATOM 525 C CA . TYR C 3 55  ? 3.962   27.594  -11.414 1.00 50.00 ? 64  TYR 2 CA 1 
ATOM 526 C CA . THR C 3 56  ? 4.142   28.376  -7.695  1.00 50.00 ? 65  THR 2 CA 1 
ATOM 527 C CA . LEU C 3 57  ? 1.543   26.666  -5.509  1.00 50.00 ? 66  LEU 2 CA 1 
ATOM 528 C CA . ASP C 3 58  ? 0.049   27.890  -2.221  1.00 50.00 ? 67  ASP 2 CA 1 
ATOM 529 C CA . SER C 3 59  ? 2.655   28.040  0.539   1.00 50.00 ? 68  SER 2 CA 1 
ATOM 530 C CA . LYS C 3 60  ? 2.286   25.924  3.685   1.00 50.00 ? 69  LYS 2 CA 1 
ATOM 531 C CA . MET C 3 61  ? 3.380   26.585  7.252   1.00 50.00 ? 70  MET 2 CA 1 
ATOM 532 C CA . TRP C 3 62  ? 5.776   24.144  8.875   1.00 50.00 ? 71  TRP 2 CA 1 
ATOM 533 C CA . ASN C 3 63  ? 5.491   23.903  12.647  1.00 50.00 ? 72  ASN 2 CA 1 
ATOM 534 C CA . SER C 3 64  ? 6.493   21.514  15.427  1.00 50.00 ? 73  SER 2 CA 1 
ATOM 535 C CA . THR C 3 65  ? 3.342   19.430  14.956  1.00 50.00 ? 74  THR 2 CA 1 
ATOM 536 C CA . SER C 3 66  ? 3.230   19.143  11.149  1.00 50.00 ? 75  SER 2 CA 1 
ATOM 537 C CA . LYS C 3 67  ? 2.582   15.621  9.885   1.00 50.00 ? 76  LYS 2 CA 1 
ATOM 538 C CA . GLY C 3 68  ? 3.200   16.245  6.203   1.00 50.00 ? 77  GLY 2 CA 1 
ATOM 539 C CA . TRP C 3 69  ? 1.707   17.378  2.904   1.00 50.00 ? 78  TRP 2 CA 1 
ATOM 540 C CA . TRP C 3 70  ? 1.060   15.881  -0.520  1.00 50.00 ? 79  TRP 2 CA 1 
ATOM 541 C CA . TRP C 3 71  ? 0.074   17.091  -3.975  1.00 50.00 ? 80  TRP 2 CA 1 
ATOM 542 C CA . LYS C 3 72  ? -0.799  15.041  -7.030  1.00 50.00 ? 81  LYS 2 CA 1 
ATOM 543 C CA . LEU C 3 73  ? 0.247   15.798  -10.608 1.00 50.00 ? 82  LEU 2 CA 1 
ATOM 544 C CA . PRO C 3 74  ? -1.133  16.919  -12.959 1.00 50.00 ? 83  PRO 2 CA 1 
ATOM 545 C CA . ASP C 3 75  ? -3.980  17.784  -10.542 1.00 50.00 ? 84  ASP 2 CA 1 
ATOM 546 C CA . ALA C 3 76  ? -2.007  20.460  -8.662  1.00 50.00 ? 85  ALA 2 CA 1 
ATOM 547 C CA . LEU C 3 77  ? -1.632  22.442  -11.905 1.00 50.00 ? 86  LEU 2 CA 1 
ATOM 548 C CA . LYS C 3 78  ? -5.197  22.086  -13.238 1.00 50.00 ? 87  LYS 2 CA 1 
ATOM 549 C CA . ASP C 3 79  ? -5.715  25.788  -12.628 1.00 50.00 ? 88  ASP 2 CA 1 
ATOM 550 C CA . MET C 3 80  ? -2.330  27.028  -13.781 1.00 50.00 ? 89  MET 2 CA 1 
ATOM 551 C CA . GLY C 3 81  ? -2.554  29.181  -16.883 1.00 50.00 ? 90  GLY 2 CA 1 
ATOM 552 C CA . ILE C 3 82  ? -2.119  27.624  -20.313 1.00 50.00 ? 91  ILE 2 CA 1 
ATOM 553 C CA . PHE C 3 83  ? -1.102  24.226  -18.909 1.00 50.00 ? 92  PHE 2 CA 1 
ATOM 554 C CA . GLY C 3 84  ? -4.375  24.027  -17.000 1.00 50.00 ? 93  GLY 2 CA 1 
ATOM 555 C CA . GLU C 3 85  ? -6.474  25.049  -19.998 1.00 50.00 ? 94  GLU 2 CA 1 
ATOM 556 C CA . ASN C 3 86  ? -4.847  22.455  -22.244 1.00 50.00 ? 95  ASN 2 CA 1 
ATOM 557 C CA . MET C 3 87  ? -5.432  19.575  -19.841 1.00 50.00 ? 96  MET 2 CA 1 
ATOM 558 C CA . PHE C 3 88  ? -9.203  20.182  -19.866 1.00 50.00 ? 97  PHE 2 CA 1 
ATOM 559 C CA . TYR C 3 89  ? -9.676  20.960  -23.569 1.00 50.00 ? 98  TYR 2 CA 1 
ATOM 560 C CA . HIS C 3 90  ? -7.929  17.725  -24.551 1.00 50.00 ? 99  HIS 2 CA 1 
ATOM 561 C CA . PHE C 3 91  ? -8.698  14.121  -23.764 1.00 50.00 ? 100 PHE 2 CA 1 
ATOM 562 C CA . LEU C 3 92  ? -4.997  13.199  -23.688 1.00 50.00 ? 101 LEU 2 CA 1 
ATOM 563 C CA . GLY C 3 93  ? -1.957  14.835  -22.159 1.00 50.00 ? 102 GLY 2 CA 1 
ATOM 564 C CA . ARG C 3 94  ? 1.662   13.962  -21.421 1.00 50.00 ? 103 ARG 2 CA 1 
ATOM 565 C CA . SER C 3 95  ? 4.280   15.834  -19.383 1.00 50.00 ? 104 SER 2 CA 1 
ATOM 566 C CA . GLY C 3 96  ? 7.451   15.657  -17.306 1.00 50.00 ? 105 GLY 2 CA 1 
ATOM 567 C CA . TYR C 3 97  ? 8.189   18.058  -14.414 1.00 50.00 ? 106 TYR 2 CA 1 
ATOM 568 C CA . THR C 3 98  ? 10.858  20.018  -12.570 1.00 50.00 ? 107 THR 2 CA 1 
ATOM 569 C CA . VAL C 3 99  ? 9.796   20.171  -8.912  1.00 50.00 ? 108 VAL 2 CA 1 
ATOM 570 C CA . HIS C 3 100 ? 11.512  22.796  -6.769  1.00 50.00 ? 109 HIS 2 CA 1 
ATOM 571 C CA . VAL C 3 101 ? 10.664  22.724  -3.055  1.00 50.00 ? 110 VAL 2 CA 1 
ATOM 572 C CA . GLN C 3 102 ? 11.726  25.778  -1.057  1.00 50.00 ? 111 GLN 2 CA 1 
ATOM 573 C CA . CYS C 3 103 ? 12.305  26.170  2.681   1.00 50.00 ? 112 CYS 2 CA 1 
ATOM 574 C CA . ASN C 3 104 ? 14.732  28.564  4.357   1.00 50.00 ? 113 ASN 2 CA 1 
ATOM 575 C CA . ALA C 3 105 ? 15.213  29.065  8.095   1.00 50.00 ? 114 ALA 2 CA 1 
ATOM 576 C CA . SER C 3 106 ? 18.503  29.961  9.820   1.00 50.00 ? 115 SER 2 CA 1 
ATOM 577 C CA . LYS C 3 107 ? 21.719  28.448  11.114  1.00 50.00 ? 116 LYS 2 CA 1 
ATOM 578 C CA . PHE C 3 108 ? 20.064  28.165  14.529  1.00 50.00 ? 117 PHE 2 CA 1 
ATOM 579 C CA . HIS C 3 109 ? 17.063  26.168  13.298  1.00 50.00 ? 118 HIS 2 CA 1 
ATOM 580 C CA . GLN C 3 110 ? 16.975  22.414  12.759  1.00 50.00 ? 119 GLN 2 CA 1 
ATOM 581 C CA . GLY C 3 111 ? 14.543  20.153  10.957  1.00 50.00 ? 120 GLY 2 CA 1 
ATOM 582 C CA . THR C 3 112 ? 14.423  17.737  8.048   1.00 50.00 ? 121 THR 2 CA 1 
ATOM 583 C CA . LEU C 3 113 ? 11.888  17.276  5.274   1.00 50.00 ? 122 LEU 2 CA 1 
ATOM 584 C CA . LEU C 3 114 ? 11.766  14.126  3.155   1.00 50.00 ? 123 LEU 2 CA 1 
ATOM 585 C CA . VAL C 3 115 ? 10.695  15.154  -0.369  1.00 50.00 ? 124 VAL 2 CA 1 
ATOM 586 C CA . VAL C 3 116 ? 9.541   12.220  -2.512  1.00 50.00 ? 125 VAL 2 CA 1 
ATOM 587 C CA . MET C 3 117 ? 8.064   11.788  -5.989  1.00 50.00 ? 126 MET 2 CA 1 
ATOM 588 C CA . ILE C 3 118 ? 5.925   8.638   -6.122  1.00 50.00 ? 127 ILE 2 CA 1 
ATOM 589 C CA . PRO C 3 119 ? 4.593   7.117   -9.368  1.00 50.00 ? 128 PRO 2 CA 1 
ATOM 590 C CA . GLU C 3 120 ? 1.038   5.708   -9.082  1.00 50.00 ? 129 GLU 2 CA 1 
ATOM 591 C CA . HIS C 3 121 ? 0.574   6.571   -5.403  1.00 50.00 ? 130 HIS 2 CA 1 
ATOM 592 C CA . GLN C 3 122 ? -2.706  4.667   -5.033  1.00 50.00 ? 131 GLN 2 CA 1 
ATOM 593 C CA . LEU C 3 123 ? -4.029  5.814   -1.659  1.00 50.00 ? 132 LEU 2 CA 1 
ATOM 594 C CA . ALA C 3 124 ? -5.681  3.574   0.903   1.00 50.00 ? 133 ALA 2 CA 1 
ATOM 595 C CA . THR C 3 125 ? -8.594  4.134   3.262   1.00 50.00 ? 134 THR 2 CA 1 
ATOM 596 C CA . VAL C 3 126 ? -8.319  2.771   6.810   1.00 50.00 ? 135 VAL 2 CA 1 
ATOM 597 C CA . ASN C 3 127 ? -10.901 0.546   8.516   1.00 50.00 ? 136 ASN 2 CA 1 
ATOM 598 C CA . LYS C 3 128 ? -13.530 1.282   5.853   1.00 50.00 ? 137 LYS 2 CA 1 
ATOM 599 C CA . GLY C 3 129 ? -13.717 -2.058  4.093   1.00 50.00 ? 138 GLY 2 CA 1 
ATOM 600 C CA . ASN C 3 130 ? -13.517 -1.973  0.310   1.00 50.00 ? 139 ASN 2 CA 1 
ATOM 601 C CA . VAL C 3 131 ? -14.538 1.702   0.120   1.00 50.00 ? 140 VAL 2 CA 1 
ATOM 602 C CA . ASN C 3 132 ? -11.812 3.550   -1.818  1.00 50.00 ? 141 ASN 2 CA 1 
ATOM 603 C CA . ALA C 3 133 ? -10.558 7.146   -1.749  1.00 50.00 ? 142 ALA 2 CA 1 
ATOM 604 C CA . GLY C 3 134 ? -13.068 9.481   -3.369  1.00 50.00 ? 143 GLY 2 CA 1 
ATOM 605 C CA . TYR C 3 135 ? -12.199 11.422  -6.520  1.00 50.00 ? 144 TYR 2 CA 1 
ATOM 606 C CA . LYS C 3 136 ? -12.663 14.744  -4.713  1.00 50.00 ? 145 LYS 2 CA 1 
ATOM 607 C CA . TYR C 3 137 ? -10.140 13.806  -2.021  1.00 50.00 ? 146 TYR 2 CA 1 
ATOM 608 C CA . THR C 3 138 ? -7.376  12.794  -4.429  1.00 50.00 ? 147 THR 2 CA 1 
ATOM 609 C CA . HIS C 3 139 ? -7.901  15.973  -6.453  1.00 50.00 ? 148 HIS 2 CA 1 
ATOM 610 C CA . PRO C 3 140 ? -7.237  18.824  -3.951  1.00 50.00 ? 149 PRO 2 CA 1 
ATOM 611 C CA . GLY C 3 141 ? -5.581  21.021  -6.572  1.00 50.00 ? 150 GLY 2 CA 1 
ATOM 612 C CA . GLU C 3 142 ? -2.852  23.540  -5.763  1.00 50.00 ? 151 GLU 2 CA 1 
ATOM 613 C CA . ALA C 3 143 ? -3.843  23.533  -2.087  1.00 50.00 ? 152 ALA 2 CA 1 
ATOM 614 C CA . GLY C 3 144 ? -2.797  19.902  -1.796  1.00 50.00 ? 153 GLY 2 CA 1 
ATOM 615 C CA . ARG C 3 145 ? -3.506  18.053  1.425   1.00 50.00 ? 154 ARG 2 CA 1 
ATOM 616 C CA . GLU C 3 146 ? -2.294  18.906  4.910   1.00 50.00 ? 155 GLU 2 CA 1 
ATOM 617 C CA . VAL C 3 147 ? -1.947  15.604  6.719   1.00 50.00 ? 156 VAL 2 CA 1 
ATOM 618 C CA . GLY C 3 148 ? -3.855  15.385  9.988   1.00 50.00 ? 157 GLY 2 CA 1 
ATOM 619 C CA . THR C 3 149 ? -6.328  18.230  9.619   1.00 50.00 ? 158 THR 2 CA 1 
ATOM 620 C CA . ALA C 3 150 ? -9.121  16.792  7.571   1.00 50.00 ? 159 ALA 2 CA 1 
ATOM 621 C CA . ALA C 3 151 ? -12.182 15.800  9.493   1.00 50.00 ? 160 ALA 2 CA 1 
ATOM 622 C CA . ALA C 3 152 ? -12.629 12.214  8.295   1.00 50.00 ? 161 ALA 2 CA 1 
ATOM 623 C CA . ALA C 3 153 ? -15.272 11.193  5.732   1.00 50.00 ? 162 ALA 2 CA 1 
ATOM 624 C CA . GLU C 3 154 ? -16.183 7.751   4.416   1.00 50.00 ? 163 GLU 2 CA 1 
ATOM 625 C CA . LYS C 3 155 ? -14.214 8.323   1.205   1.00 50.00 ? 164 LYS 2 CA 1 
ATOM 626 C CA . GLN C 3 156 ? -11.405 10.172  3.007   1.00 50.00 ? 165 GLN 2 CA 1 
ATOM 627 C CA . PRO C 3 157 ? -7.908  8.712   2.308   1.00 50.00 ? 166 PRO 2 CA 1 
ATOM 628 C CA . SER C 3 158 ? -5.473  7.418   4.926   1.00 50.00 ? 167 SER 2 CA 1 
ATOM 629 C CA . ASP C 3 159 ? -3.604  10.124  6.839   1.00 50.00 ? 168 ASP 2 CA 1 
ATOM 630 C CA . ASP C 3 160 ? -1.024  7.727   8.291   1.00 50.00 ? 169 ASP 2 CA 1 
ATOM 631 C CA . ASN C 3 161 ? 2.297   9.269   7.285   1.00 50.00 ? 170 ASN 2 CA 1 
ATOM 632 C CA . TRP C 3 162 ? 4.323   6.391   8.758   1.00 50.00 ? 171 TRP 2 CA 1 
ATOM 633 C CA . LEU C 3 163 ? 2.444   3.978   6.475   1.00 50.00 ? 172 LEU 2 CA 1 
ATOM 634 C CA . ASN C 3 164 ? 2.843   6.167   3.361   1.00 50.00 ? 173 ASN 2 CA 1 
ATOM 635 C CA . PHE C 3 165 ? -0.961  6.534   3.208   1.00 50.00 ? 174 PHE 2 CA 1 
ATOM 636 C CA . ASP C 3 166 ? -0.955  3.166   1.398   1.00 50.00 ? 175 ASP 2 CA 1 
ATOM 637 C CA . GLY C 3 167 ? 0.129   0.382   3.754   1.00 50.00 ? 176 GLY 2 CA 1 
ATOM 638 C CA . THR C 3 168 ? 3.914   0.485   3.264   1.00 50.00 ? 177 THR 2 CA 1 
ATOM 639 C CA . LEU C 3 169 ? 6.587   1.768   5.670   1.00 50.00 ? 178 LEU 2 CA 1 
ATOM 640 C CA . LEU C 3 170 ? 7.884   5.349   5.562   1.00 50.00 ? 179 LEU 2 CA 1 
ATOM 641 C CA . GLY C 3 171 ? 11.532  4.323   5.826   1.00 50.00 ? 180 GLY 2 CA 1 
ATOM 642 C CA . ASN C 3 172 ? 11.326  2.649   2.429   1.00 50.00 ? 181 ASN 2 CA 1 
ATOM 643 C CA . LEU C 3 173 ? 10.076  5.693   0.497   1.00 50.00 ? 182 LEU 2 CA 1 
ATOM 644 C CA . LEU C 3 174 ? 13.729  6.286   -0.381  1.00 50.00 ? 183 LEU 2 CA 1 
ATOM 645 C CA . ILE C 3 175 ? 13.373  3.705   -3.168  1.00 50.00 ? 184 ILE 2 CA 1 
ATOM 646 C CA . PHE C 3 176 ? 11.493  6.449   -5.063  1.00 50.00 ? 185 PHE 2 CA 1 
ATOM 647 C CA . PRO C 3 177 ? 13.134  9.610   -6.487  1.00 50.00 ? 186 PRO 2 CA 1 
ATOM 648 C CA . HIS C 3 178 ? 13.709  11.848  -3.460  1.00 50.00 ? 187 HIS 2 CA 1 
ATOM 649 C CA . GLN C 3 179 ? 15.839  14.427  -1.655  1.00 50.00 ? 188 GLN 2 CA 1 
ATOM 650 C CA . PHE C 3 180 ? 15.960  15.771  1.900   1.00 50.00 ? 189 PHE 2 CA 1 
ATOM 651 C CA . ILE C 3 181 ? 15.810  19.413  2.921   1.00 50.00 ? 190 ILE 2 CA 1 
ATOM 652 C CA . ASN C 3 182 ? 17.963  19.269  6.049   1.00 50.00 ? 191 ASN 2 CA 1 
ATOM 653 C CA . LEU C 3 183 ? 17.942  22.851  7.373   1.00 50.00 ? 192 LEU 2 CA 1 
ATOM 654 C CA . ARG C 3 184 ? 21.614  22.733  8.395   1.00 50.00 ? 193 ARG 2 CA 1 
ATOM 655 C CA . SER C 3 185 ? 22.687  21.946  4.810   1.00 50.00 ? 194 SER 2 CA 1 
ATOM 656 C CA . ASN C 3 186 ? 20.193  23.088  2.174   1.00 50.00 ? 195 ASN 2 CA 1 
ATOM 657 C CA . ASN C 3 187 ? 17.206  25.381  1.656   1.00 50.00 ? 196 ASN 2 CA 1 
ATOM 658 C CA . SER C 3 188 ? 15.710  23.616  -1.355  1.00 50.00 ? 197 SER 2 CA 1 
ATOM 659 C CA . ALA C 3 189 ? 15.206  20.322  -3.172  1.00 50.00 ? 198 ALA 2 CA 1 
ATOM 660 C CA . THR C 3 190 ? 15.083  19.864  -6.950  1.00 50.00 ? 199 THR 2 CA 1 
ATOM 661 C CA . LEU C 3 191 ? 13.709  16.802  -8.734  1.00 50.00 ? 200 LEU 2 CA 1 
ATOM 662 C CA . ILE C 3 192 ? 13.304  16.426  -12.496 1.00 50.00 ? 201 ILE 2 CA 1 
ATOM 663 C CA . VAL C 3 193 ? 10.946  13.579  -13.404 1.00 50.00 ? 202 VAL 2 CA 1 
ATOM 664 C CA . PRO C 3 194 ? 10.115  12.087  -16.815 1.00 50.00 ? 203 PRO 2 CA 1 
ATOM 665 C CA . TYR C 3 195 ? 6.683   10.894  -17.888 1.00 50.00 ? 204 TYR 2 CA 1 
ATOM 666 C CA . VAL C 3 196 ? 6.101   7.441   -16.377 1.00 50.00 ? 205 VAL 2 CA 1 
ATOM 667 C CA . ASN C 3 197 ? 3.090   5.341   -17.400 1.00 50.00 ? 206 ASN 2 CA 1 
ATOM 668 C CA . ALA C 3 198 ? 2.085   2.040   -19.040 1.00 50.00 ? 207 ALA 2 CA 1 
ATOM 669 C CA . VAL C 3 199 ? 0.447   4.021   -21.881 1.00 50.00 ? 208 VAL 2 CA 1 
ATOM 670 C CA . PRO C 3 200 ? 2.147   6.772   -24.001 1.00 50.00 ? 209 PRO 2 CA 1 
ATOM 671 C CA . MET C 3 201 ? -0.393  9.516   -23.161 1.00 50.00 ? 210 MET 2 CA 1 
ATOM 672 C CA . ASP C 3 202 ? -3.323  9.553   -20.744 1.00 50.00 ? 211 ASP 2 CA 1 
ATOM 673 C CA . SER C 3 203 ? -6.288  11.498  -19.393 1.00 50.00 ? 212 SER 2 CA 1 
ATOM 674 C CA . MET C 3 204 ? -4.900  14.157  -17.082 1.00 50.00 ? 213 MET 2 CA 1 
ATOM 675 C CA . VAL C 3 205 ? -8.332  14.547  -15.492 1.00 50.00 ? 214 VAL 2 CA 1 
ATOM 676 C CA . ARG C 3 206 ? -8.735  11.006  -14.186 1.00 50.00 ? 215 ARG 2 CA 1 
ATOM 677 C CA . HIS C 3 207 ? -5.190  9.754   -13.785 1.00 50.00 ? 216 HIS 2 CA 1 
ATOM 678 C CA . ASN C 3 208 ? -2.614  11.362  -11.498 1.00 50.00 ? 217 ASN 2 CA 1 
ATOM 679 C CA . ASN C 3 209 ? 0.785   10.070  -12.603 1.00 50.00 ? 218 ASN 2 CA 1 
ATOM 680 C CA . TRP C 3 210 ? 3.018   11.438  -9.849  1.00 50.00 ? 219 TRP 2 CA 1 
ATOM 681 C CA . SER C 3 211 ? 2.446   12.379  -6.225  1.00 50.00 ? 220 SER 2 CA 1 
ATOM 682 C CA . LEU C 3 212 ? 4.699   14.843  -4.401  1.00 50.00 ? 221 LEU 2 CA 1 
ATOM 683 C CA . VAL C 3 213 ? 4.946   13.845  -0.735  1.00 50.00 ? 222 VAL 2 CA 1 
ATOM 684 C CA . ILE C 3 214 ? 6.687   16.002  1.889   1.00 50.00 ? 223 ILE 2 CA 1 
ATOM 685 C CA . ILE C 3 215 ? 7.091   14.527  5.385   1.00 50.00 ? 224 ILE 2 CA 1 
ATOM 686 C CA . PRO C 3 216 ? 8.984   16.248  8.195   1.00 50.00 ? 225 PRO 2 CA 1 
ATOM 687 C CA . VAL C 3 217 ? 11.106  13.356  9.514   1.00 50.00 ? 226 VAL 2 CA 1 
ATOM 688 C CA . CYS C 3 218 ? 12.983  15.583  11.955  1.00 50.00 ? 227 CYS 2 CA 1 
ATOM 689 C CA . GLN C 3 219 ? 10.851  18.087  13.836  1.00 50.00 ? 228 GLN 2 CA 1 
ATOM 690 C CA . LEU C 3 220 ? 11.305  21.818  13.224  1.00 50.00 ? 229 LEU 2 CA 1 
ATOM 691 C CA . GLN C 3 221 ? 13.039  23.273  16.289  1.00 50.00 ? 230 GLN 2 CA 1 
ATOM 692 C CA . SER C 3 222 ? 14.601  26.623  17.204  1.00 50.00 ? 231 SER 2 CA 1 
ATOM 693 C CA . ASN C 3 223 ? 14.667  29.225  19.973  1.00 50.00 ? 232 ASN 2 CA 1 
ATOM 694 C CA . ASN C 3 224 ? 12.691  31.712  17.841  1.00 50.00 ? 233 ASN 2 CA 1 
ATOM 695 C CA . ILE C 3 225 ? 9.429   29.854  17.238  1.00 50.00 ? 234 ILE 2 CA 1 
ATOM 696 C CA . SER C 3 226 ? 7.364   32.981  16.532  1.00 50.00 ? 235 SER 2 CA 1 
ATOM 697 C CA . ASN C 3 227 ? 9.098   33.335  13.150  1.00 50.00 ? 236 ASN 2 CA 1 
ATOM 698 C CA . ILE C 3 228 ? 6.945   31.399  10.679  1.00 50.00 ? 237 ILE 2 CA 1 
ATOM 699 C CA . VAL C 3 229 ? 8.841   28.940  8.455   1.00 50.00 ? 238 VAL 2 CA 1 
ATOM 700 C CA . PRO C 3 230 ? 6.897   28.304  5.213   1.00 50.00 ? 239 PRO 2 CA 1 
ATOM 701 C CA . ILE C 3 231 ? 7.361   25.616  2.583   1.00 50.00 ? 240 ILE 2 CA 1 
ATOM 702 C CA . THR C 3 232 ? 6.811   26.713  -1.002  1.00 50.00 ? 241 THR 2 CA 1 
ATOM 703 C CA . VAL C 3 233 ? 6.572   24.453  -4.054  1.00 50.00 ? 242 VAL 2 CA 1 
ATOM 704 C CA . SER C 3 234 ? 7.156   25.579  -7.639  1.00 50.00 ? 243 SER 2 CA 1 
ATOM 705 C CA . ILE C 3 235 ? 6.507   23.079  -10.432 1.00 50.00 ? 244 ILE 2 CA 1 
ATOM 706 C CA . SER C 3 236 ? 7.363   23.388  -14.106 1.00 50.00 ? 245 SER 2 CA 1 
ATOM 707 C CA . PRO C 3 237 ? 5.856   21.099  -16.739 1.00 50.00 ? 246 PRO 2 CA 1 
ATOM 708 C CA . MET C 3 238 ? 8.388   19.853  -19.303 1.00 50.00 ? 247 MET 2 CA 1 
ATOM 709 C CA . CYS C 3 239 ? 7.653   18.710  -22.857 1.00 50.00 ? 248 CYS 2 CA 1 
ATOM 710 C CA . ALA C 3 240 ? 3.925   19.087  -22.252 1.00 50.00 ? 249 ALA 2 CA 1 
ATOM 711 C CA . GLU C 3 241 ? 1.882   17.896  -25.214 1.00 50.00 ? 250 GLU 2 CA 1 
ATOM 712 C CA . PHE C 3 242 ? -1.816  17.262  -25.642 1.00 50.00 ? 251 PHE 2 CA 1 
ATOM 713 C CA . SER C 3 243 ? -4.073  15.361  -28.001 1.00 50.00 ? 252 SER 2 CA 1 
ATOM 714 C CA . GLY C 3 244 ? -7.768  14.859  -28.749 1.00 50.00 ? 253 GLY 2 CA 1 
ATOM 715 C CA . ALA C 3 245 ? -9.046  18.439  -28.784 1.00 50.00 ? 254 ALA 2 CA 1 
ATOM 716 C CA . ARG C 3 246 ? -12.719 19.158  -28.087 1.00 50.00 ? 255 ARG 2 CA 1 
ATOM 717 C CA . ALA C 3 247 ? -14.772 21.346  -25.731 1.00 50.00 ? 256 ALA 2 CA 1 
ATOM 718 C CA . LYS C 3 248 ? -13.516 22.045  -22.211 1.00 50.00 ? 257 LYS 2 CA 1 
ATOM 719 C CA . THR C 3 249 ? -14.139 19.345  -19.625 1.00 50.00 ? 258 THR 2 CA 1 
ATOM 720 C CA . VAL C 3 250 ? -15.829 20.770  -16.525 1.00 50.00 ? 259 VAL 2 CA 1 
ATOM 721 C CA . VAL C 3 251 ? -15.354 18.650  -13.418 1.00 50.00 ? 260 VAL 2 CA 1 
ATOM 722 C CA . GLN C 3 252 ? -17.908 18.121  -10.620 1.00 50.00 ? 261 GLN 2 CA 1 
ATOM 723 C CA . GLY D 4 1   ? 7.082   -46.061 -32.433 1.00 50.00 ? 1   GLY 3 CA 1 
ATOM 724 C CA . LEU D 4 2   ? 10.267  -44.995 -30.669 1.00 50.00 ? 2   LEU 3 CA 1 
ATOM 725 C CA . PRO D 4 3   ? 10.751  -47.113 -27.543 1.00 50.00 ? 3   PRO 3 CA 1 
ATOM 726 C CA . VAL D 4 4   ? 10.683  -44.869 -24.464 1.00 50.00 ? 4   VAL 3 CA 1 
ATOM 727 C CA . TYR D 4 5   ? 11.316  -45.309 -20.742 1.00 50.00 ? 5   TYR 3 CA 1 
ATOM 728 C CA . VAL D 4 6   ? 9.104   -43.184 -18.484 1.00 50.00 ? 6   VAL 3 CA 1 
ATOM 729 C CA . THR D 4 7   ? 11.356  -41.844 -15.715 1.00 50.00 ? 7   THR 3 CA 1 
ATOM 730 C CA . PRO D 4 8   ? 10.500  -41.151 -12.061 1.00 50.00 ? 8   PRO 3 CA 1 
ATOM 731 C CA . GLY D 4 9   ? 9.212   -37.607 -11.735 1.00 50.00 ? 9   GLY 3 CA 1 
ATOM 732 C CA . SER D 4 10  ? 6.992   -37.916 -14.813 1.00 50.00 ? 10  SER 3 CA 1 
ATOM 733 C CA . GLY D 4 11  ? 3.532   -36.448 -14.328 1.00 50.00 ? 11  GLY 3 CA 1 
ATOM 734 C CA . GLN D 4 12  ? 4.471   -34.470 -11.215 1.00 50.00 ? 12  GLN 3 CA 1 
ATOM 735 C CA . PHE D 4 13  ? 3.998   -30.723 -10.862 1.00 50.00 ? 13  PHE 3 CA 1 
ATOM 736 C CA . MET D 4 14  ? 6.964   -29.011 -9.223  1.00 50.00 ? 14  MET 3 CA 1 
ATOM 737 C CA . THR D 4 15  ? 6.298   -25.297 -8.685  1.00 50.00 ? 15  THR 3 CA 1 
ATOM 738 C CA . THR D 4 16  ? 9.882   -24.500 -9.656  1.00 50.00 ? 16  THR 3 CA 1 
ATOM 739 C CA . ASP D 4 17  ? 10.035  -26.585 -12.839 1.00 50.00 ? 17  ASP 3 CA 1 
ATOM 740 C CA . ASP D 4 18  ? 10.907  -24.956 -16.165 1.00 50.00 ? 18  ASP 3 CA 1 
ATOM 741 C CA . MET D 4 19  ? 8.875   -26.598 -18.921 1.00 50.00 ? 19  MET 3 CA 1 
ATOM 742 C CA . GLN D 4 20  ? 7.128   -25.403 -22.064 1.00 50.00 ? 20  GLN 3 CA 1 
ATOM 743 C CA . SER D 4 21  ? 3.353   -25.568 -22.476 1.00 50.00 ? 21  SER 3 CA 1 
ATOM 744 C CA . PRO D 4 22  ? 0.834   -24.923 -25.283 1.00 50.00 ? 22  PRO 3 CA 1 
ATOM 745 C CA . CYS D 4 23  ? -0.508  -21.386 -25.618 1.00 50.00 ? 23  CYS 3 CA 1 
ATOM 746 C CA . ALA D 4 24  ? -4.253  -21.029 -25.019 1.00 50.00 ? 24  ALA 3 CA 1 
ATOM 747 C CA . LEU D 4 25  ? -4.427  -18.026 -27.368 1.00 50.00 ? 25  LEU 3 CA 1 
ATOM 748 C CA . PRO D 4 26  ? -2.712  -18.977 -30.662 1.00 50.00 ? 26  PRO 3 CA 1 
ATOM 749 C CA . TRP D 4 27  ? -2.059  -16.197 -33.208 1.00 50.00 ? 27  TRP 3 CA 1 
ATOM 750 C CA . TYR D 4 28  ? -2.524  -13.533 -30.508 1.00 50.00 ? 28  TYR 3 CA 1 
ATOM 751 C CA . HIS D 4 29  ? -0.111  -10.613 -30.848 1.00 50.00 ? 29  HIS 3 CA 1 
ATOM 752 C CA . PRO D 4 30  ? 0.648   -8.834  -27.523 1.00 50.00 ? 30  PRO 3 CA 1 
ATOM 753 C CA . THR D 4 31  ? 0.670   -5.057  -27.169 1.00 50.00 ? 31  THR 3 CA 1 
ATOM 754 C CA . LYS D 4 32  ? 3.742   -3.192  -28.392 1.00 50.00 ? 32  LYS 3 CA 1 
ATOM 755 C CA . GLU D 4 33  ? 6.279   -2.556  -25.637 1.00 50.00 ? 33  GLU 3 CA 1 
ATOM 756 C CA . ILE D 4 34  ? 6.918   1.137   -24.995 1.00 50.00 ? 34  ILE 3 CA 1 
ATOM 757 C CA . PHE D 4 35  ? 9.794   2.726   -23.128 1.00 50.00 ? 35  PHE 3 CA 1 
ATOM 758 C CA . ILE D 4 36  ? 9.030   3.153   -19.438 1.00 50.00 ? 36  ILE 3 CA 1 
ATOM 759 C CA . PRO D 4 37  ? 11.649  4.756   -17.168 1.00 50.00 ? 37  PRO 3 CA 1 
ATOM 760 C CA . GLY D 4 38  ? 12.853  2.801   -14.141 1.00 50.00 ? 38  GLY 3 CA 1 
ATOM 761 C CA . GLU D 4 39  ? 13.180  -0.795  -15.343 1.00 50.00 ? 39  GLU 3 CA 1 
ATOM 762 C CA . VAL D 4 40  ? 14.577  -3.209  -12.757 1.00 50.00 ? 40  VAL 3 CA 1 
ATOM 763 C CA . LYS D 4 41  ? 16.332  -6.362  -13.926 1.00 50.00 ? 41  LYS 3 CA 1 
ATOM 764 C CA . ASN D 4 42  ? 17.772  -7.739  -10.676 1.00 50.00 ? 42  ASN 3 CA 1 
ATOM 765 C CA . LEU D 4 43  ? 16.798  -7.337  -7.008  1.00 50.00 ? 43  LEU 3 CA 1 
ATOM 766 C CA . ILE D 4 44  ? 20.393  -6.359  -6.201  1.00 50.00 ? 44  ILE 3 CA 1 
ATOM 767 C CA . GLU D 4 45  ? 19.539  -2.942  -7.666  1.00 50.00 ? 45  GLU 3 CA 1 
ATOM 768 C CA . MET D 4 46  ? 17.079  -2.438  -4.819  1.00 50.00 ? 46  MET 3 CA 1 
ATOM 769 C CA . CYS D 4 47  ? 19.550  -3.670  -2.186  1.00 50.00 ? 47  CYS 3 CA 1 
ATOM 770 C CA . GLN D 4 48  ? 22.050  -0.978  -3.172  1.00 50.00 ? 48  GLN 3 CA 1 
ATOM 771 C CA . VAL D 4 49  ? 19.661  1.853   -2.291  1.00 50.00 ? 49  VAL 3 CA 1 
ATOM 772 C CA . ASP D 4 50  ? 19.680  3.375   1.204   1.00 50.00 ? 50  ASP 3 CA 1 
ATOM 773 C CA . THR D 4 51  ? 16.469  3.064   3.241   1.00 50.00 ? 51  THR 3 CA 1 
ATOM 774 C CA . LEU D 4 52  ? 15.823  4.227   6.817   1.00 50.00 ? 52  LEU 3 CA 1 
ATOM 775 C CA . ILE D 4 53  ? 16.290  1.899   9.793   1.00 50.00 ? 53  ILE 3 CA 1 
ATOM 776 C CA . PRO D 4 54  ? 13.424  2.110   12.354  1.00 50.00 ? 54  PRO 3 CA 1 
ATOM 777 C CA . ILE D 4 55  ? 16.145  2.066   15.002  1.00 50.00 ? 55  ILE 3 CA 1 
ATOM 778 C CA . ASN D 4 56  ? 14.094  3.753   17.733  1.00 50.00 ? 56  ASN 3 CA 1 
ATOM 779 C CA . SER D 4 57  ? 11.223  1.295   17.398  1.00 50.00 ? 57  SER 3 CA 1 
ATOM 780 C CA . THR D 4 58  ? 10.327  1.110   21.084  1.00 50.00 ? 58  THR 3 CA 1 
ATOM 781 C CA . GLN D 4 59  ? 6.672   0.223   21.665  1.00 50.00 ? 59  GLN 3 CA 1 
ATOM 782 C CA . SER D 4 60  ? 5.770   3.870   22.284  1.00 50.00 ? 60  SER 3 CA 1 
ATOM 783 C CA . ASN D 4 61  ? 7.482   5.103   19.100  1.00 50.00 ? 61  ASN 3 CA 1 
ATOM 784 C CA . ILE D 4 62  ? 6.137   2.515   16.679  1.00 50.00 ? 62  ILE 3 CA 1 
ATOM 785 C CA . GLY D 4 63  ? 3.491   4.154   14.528  1.00 50.00 ? 63  GLY 3 CA 1 
ATOM 786 C CA . ASN D 4 64  ? 5.356   7.449   14.623  1.00 50.00 ? 64  ASN 3 CA 1 
ATOM 787 C CA . VAL D 4 65  ? 8.062   8.965   12.423  1.00 50.00 ? 65  VAL 3 CA 1 
ATOM 788 C CA . SER D 4 66  ? 10.100  9.272   15.632  1.00 50.00 ? 66  SER 3 CA 1 
ATOM 789 C CA . MET D 4 67  ? 10.768  5.534   15.446  1.00 50.00 ? 67  MET 3 CA 1 
ATOM 790 C CA . TYR D 4 68  ? 13.296  6.497   12.737  1.00 50.00 ? 68  TYR 3 CA 1 
ATOM 791 C CA . THR D 4 69  ? 15.301  9.059   14.722  1.00 50.00 ? 69  THR 3 CA 1 
ATOM 792 C CA . VAL D 4 70  ? 17.949  8.858   17.450  1.00 50.00 ? 70  VAL 3 CA 1 
ATOM 793 C CA . THR D 4 71  ? 18.166  11.862  19.779  1.00 50.00 ? 71  THR 3 CA 1 
ATOM 794 C CA . LEU D 4 72  ? 21.524  13.340  20.759  1.00 50.00 ? 72  LEU 3 CA 1 
ATOM 795 C CA . SER D 4 73  ? 22.167  15.896  23.515  1.00 50.00 ? 73  SER 3 CA 1 
ATOM 796 C CA . PRO D 4 74  ? 24.906  17.404  25.743  1.00 50.00 ? 74  PRO 3 CA 1 
ATOM 797 C CA . GLN D 4 75  ? 26.261  14.699  28.055  1.00 50.00 ? 75  GLN 3 CA 1 
ATOM 798 C CA . THR D 4 76  ? 27.431  15.012  31.653  1.00 50.00 ? 76  THR 3 CA 1 
ATOM 799 C CA . LYS D 4 77  ? 29.235  11.660  31.642  1.00 50.00 ? 77  LYS 3 CA 1 
ATOM 800 C CA . LEU D 4 78  ? 31.927  10.946  29.048  1.00 50.00 ? 78  LEU 3 CA 1 
ATOM 801 C CA . ALA D 4 79  ? 31.893  8.157   26.427  1.00 50.00 ? 79  ALA 3 CA 1 
ATOM 802 C CA . GLU D 4 80  ? 28.191  7.307   26.811  1.00 50.00 ? 80  GLU 3 CA 1 
ATOM 803 C CA . GLU D 4 81  ? 26.501  4.710   24.597  1.00 50.00 ? 81  GLU 3 CA 1 
ATOM 804 C CA . ILE D 4 82  ? 23.991  6.048   22.057  1.00 50.00 ? 82  ILE 3 CA 1 
ATOM 805 C CA . PHE D 4 83  ? 22.599  2.883   20.437  1.00 50.00 ? 83  PHE 3 CA 1 
ATOM 806 C CA . ALA D 4 84  ? 23.350  -0.778  19.772  1.00 50.00 ? 84  ALA 3 CA 1 
ATOM 807 C CA . ILE D 4 85  ? 21.851  -3.197  17.241  1.00 50.00 ? 85  ILE 3 CA 1 
ATOM 808 C CA . LYS D 4 86  ? 22.667  -6.555  15.690  1.00 50.00 ? 86  LYS 3 CA 1 
ATOM 809 C CA . VAL D 4 87  ? 24.217  -6.571  12.235  1.00 50.00 ? 87  VAL 3 CA 1 
ATOM 810 C CA . ASP D 4 88  ? 22.179  -9.594  11.106  1.00 50.00 ? 88  ASP 3 CA 1 
ATOM 811 C CA . ILE D 4 89  ? 20.460  -8.416  7.932   1.00 50.00 ? 89  ILE 3 CA 1 
ATOM 812 C CA . ALA D 4 90  ? 17.033  -9.833  8.801   1.00 50.00 ? 90  ALA 3 CA 1 
ATOM 813 C CA . SER D 4 91  ? 17.090  -9.238  12.555  1.00 50.00 ? 91  SER 3 CA 1 
ATOM 814 C CA . HIS D 4 92  ? 15.142  -6.409  14.187  1.00 50.00 ? 92  HIS 3 CA 1 
ATOM 815 C CA . PRO D 4 93  ? 15.288  -3.467  13.712  1.00 50.00 ? 93  PRO 3 CA 1 
ATOM 816 C CA . LEU D 4 94  ? 16.914  -4.156  10.289  1.00 50.00 ? 94  LEU 3 CA 1 
ATOM 817 C CA . ALA D 4 95  ? 14.091  -6.493  9.193   1.00 50.00 ? 95  ALA 3 CA 1 
ATOM 818 C CA . THR D 4 96  ? 11.663  -3.938  7.713   1.00 50.00 ? 96  THR 3 CA 1 
ATOM 819 C CA . THR D 4 97  ? 14.243  -1.936  5.756   1.00 50.00 ? 97  THR 3 CA 1 
ATOM 820 C CA . LEU D 4 98  ? 14.163  -2.629  2.012   1.00 50.00 ? 98  LEU 3 CA 1 
ATOM 821 C CA . ILE D 4 99  ? 17.332  -4.739  2.187   1.00 50.00 ? 99  ILE 3 CA 1 
ATOM 822 C CA . GLY D 4 100 ? 15.996  -6.621  5.221   1.00 50.00 ? 100 GLY 3 CA 1 
ATOM 823 C CA . GLU D 4 101 ? 12.707  -7.313  3.426   1.00 50.00 ? 101 GLU 3 CA 1 
ATOM 824 C CA . ILE D 4 102 ? 14.421  -8.597  0.277   1.00 50.00 ? 102 ILE 3 CA 1 
ATOM 825 C CA . ALA D 4 103 ? 16.826  -10.661 2.399   1.00 50.00 ? 103 ALA 3 CA 1 
ATOM 826 C CA . SER D 4 104 ? 13.757  -12.278 3.985   1.00 50.00 ? 104 SER 3 CA 1 
ATOM 827 C CA . TYR D 4 105 ? 12.849  -13.734 0.578   1.00 50.00 ? 105 TYR 3 CA 1 
ATOM 828 C CA . PHE D 4 106 ? 16.146  -15.642 0.625   1.00 50.00 ? 106 PHE 3 CA 1 
ATOM 829 C CA . THR D 4 107 ? 17.799  -18.170 2.922   1.00 50.00 ? 107 THR 3 CA 1 
ATOM 830 C CA . HIS D 4 108 ? 21.474  -17.149 2.723   1.00 50.00 ? 108 HIS 3 CA 1 
ATOM 831 C CA . TRP D 4 109 ? 23.314  -13.831 2.556   1.00 50.00 ? 109 TRP 3 CA 1 
ATOM 832 C CA . THR D 4 110 ? 26.917  -12.695 2.178   1.00 50.00 ? 110 THR 3 CA 1 
ATOM 833 C CA . GLY D 4 111 ? 28.801  -9.441  1.668   1.00 50.00 ? 111 GLY 3 CA 1 
ATOM 834 C CA . SER D 4 112 ? 29.410  -6.129  3.390   1.00 50.00 ? 112 SER 3 CA 1 
ATOM 835 C CA . LEU D 4 113 ? 26.788  -3.722  4.660   1.00 50.00 ? 113 LEU 3 CA 1 
ATOM 836 C CA . ARG D 4 114 ? 26.899  0.053   4.404   1.00 50.00 ? 114 ARG 3 CA 1 
ATOM 837 C CA . PHE D 4 115 ? 25.386  1.957   7.325   1.00 50.00 ? 115 PHE 3 CA 1 
ATOM 838 C CA . SER D 4 116 ? 25.002  5.707   6.930   1.00 50.00 ? 116 SER 3 CA 1 
ATOM 839 C CA . PHE D 4 117 ? 24.059  8.384   9.445   1.00 50.00 ? 117 PHE 3 CA 1 
ATOM 840 C CA . MET D 4 118 ? 22.830  11.909  8.782   1.00 50.00 ? 118 MET 3 CA 1 
ATOM 841 C CA . PHE D 4 119 ? 23.015  14.531  11.524  1.00 50.00 ? 119 PHE 3 CA 1 
ATOM 842 C CA . CYS D 4 120 ? 19.977  16.812  11.624  1.00 50.00 ? 120 CYS 3 CA 1 
ATOM 843 C CA . GLY D 4 121 ? 20.888  19.394  14.263  1.00 50.00 ? 121 GLY 3 CA 1 
ATOM 844 C CA . THR D 4 122 ? 21.511  23.079  13.533  1.00 50.00 ? 122 THR 3 CA 1 
ATOM 845 C CA . ALA D 4 123 ? 24.434  24.232  11.395  1.00 50.00 ? 123 ALA 3 CA 1 
ATOM 846 C CA . ASN D 4 124 ? 25.950  25.543  14.649  1.00 50.00 ? 124 ASN 3 CA 1 
ATOM 847 C CA . THR D 4 125 ? 25.794  22.224  16.515  1.00 50.00 ? 125 THR 3 CA 1 
ATOM 848 C CA . THR D 4 126 ? 29.020  20.197  16.661  1.00 50.00 ? 126 THR 3 CA 1 
ATOM 849 C CA . LEU D 4 127 ? 29.676  16.581  17.627  1.00 50.00 ? 127 LEU 3 CA 1 
ATOM 850 C CA . LYS D 4 128 ? 32.165  13.716  17.284  1.00 50.00 ? 128 LYS 3 CA 1 
ATOM 851 C CA . VAL D 4 129 ? 30.805  10.182  17.537  1.00 50.00 ? 129 VAL 3 CA 1 
ATOM 852 C CA . LEU D 4 130 ? 32.435  6.738   17.356  1.00 50.00 ? 130 LEU 3 CA 1 
ATOM 853 C CA . LEU D 4 131 ? 30.607  4.066   15.333  1.00 50.00 ? 131 LEU 3 CA 1 
ATOM 854 C CA . ALA D 4 132 ? 31.865  0.520   15.858  1.00 50.00 ? 132 ALA 3 CA 1 
ATOM 855 C CA . TYR D 4 133 ? 31.349  -2.955  14.440  1.00 50.00 ? 133 TYR 3 CA 1 
ATOM 856 C CA . THR D 4 134 ? 32.130  -5.848  16.773  1.00 50.00 ? 134 THR 3 CA 1 
ATOM 857 C CA . PRO D 4 135 ? 32.854  -9.136  14.933  1.00 50.00 ? 135 PRO 3 CA 1 
ATOM 858 C CA . PRO D 4 136 ? 31.251  -12.264 16.448  1.00 50.00 ? 136 PRO 3 CA 1 
ATOM 859 C CA . GLY D 4 137 ? 32.646  -14.567 19.120  1.00 50.00 ? 137 GLY 3 CA 1 
ATOM 860 C CA . ILE D 4 138 ? 32.251  -11.983 21.875  1.00 50.00 ? 138 ILE 3 CA 1 
ATOM 861 C CA . GLY D 4 139 ? 29.394  -10.109 23.553  1.00 50.00 ? 139 GLY 3 CA 1 
ATOM 862 C CA . LYS D 4 140 ? 28.425  -6.559  22.653  1.00 50.00 ? 140 LYS 3 CA 1 
ATOM 863 C CA . PRO D 4 141 ? 30.995  -4.068  23.982  1.00 50.00 ? 141 PRO 3 CA 1 
ATOM 864 C CA . ARG D 4 142 ? 30.149  -2.643  27.396  1.00 50.00 ? 142 ARG 3 CA 1 
ATOM 865 C CA . SER D 4 143 ? 32.245  0.486   26.896  1.00 50.00 ? 143 SER 3 CA 1 
ATOM 866 C CA . ARG D 4 144 ? 33.696  2.736   24.211  1.00 50.00 ? 144 ARG 3 CA 1 
ATOM 867 C CA . LYS D 4 145 ? 37.176  1.348   24.908  1.00 50.00 ? 145 LYS 3 CA 1 
ATOM 868 C CA . GLU D 4 146 ? 35.872  -2.178  24.285  1.00 50.00 ? 146 GLU 3 CA 1 
ATOM 869 C CA . ALA D 4 147 ? 34.044  -1.180  21.155  1.00 50.00 ? 147 ALA 3 CA 1 
ATOM 870 C CA . MET D 4 148 ? 37.003  0.611   19.656  1.00 50.00 ? 148 MET 3 CA 1 
ATOM 871 C CA . LEU D 4 149 ? 39.163  -2.377  19.722  1.00 50.00 ? 149 LEU 3 CA 1 
ATOM 872 C CA . GLY D 4 150 ? 36.991  -3.499  16.717  1.00 50.00 ? 150 GLY 3 CA 1 
ATOM 873 C CA . THR D 4 151 ? 36.192  -2.006  13.309  1.00 50.00 ? 151 THR 3 CA 1 
ATOM 874 C CA . HIS D 4 152 ? 35.178  1.647   13.674  1.00 50.00 ? 152 HIS 3 CA 1 
ATOM 875 C CA . VAL D 4 153 ? 34.783  5.141   12.246  1.00 50.00 ? 153 VAL 3 CA 1 
ATOM 876 C CA . VAL D 4 154 ? 35.136  8.401   14.181  1.00 50.00 ? 154 VAL 3 CA 1 
ATOM 877 C CA . TRP D 4 155 ? 32.539  10.759  12.725  1.00 50.00 ? 155 TRP 3 CA 1 
ATOM 878 C CA . ASP D 4 156 ? 33.129  14.512  12.888  1.00 50.00 ? 156 ASP 3 CA 1 
ATOM 879 C CA . VAL D 4 157 ? 29.920  16.442  12.235  1.00 50.00 ? 157 VAL 3 CA 1 
ATOM 880 C CA . GLY D 4 158 ? 30.362  19.385  9.889   1.00 50.00 ? 158 GLY 3 CA 1 
ATOM 881 C CA . LEU D 4 159 ? 29.566  20.752  6.436   1.00 50.00 ? 159 LEU 3 CA 1 
ATOM 882 C CA . GLN D 4 160 ? 28.923  17.249  5.131   1.00 50.00 ? 160 GLN 3 CA 1 
ATOM 883 C CA . SER D 4 161 ? 26.029  15.888  7.163   1.00 50.00 ? 161 SER 3 CA 1 
ATOM 884 C CA . THR D 4 162 ? 26.410  12.181  6.436   1.00 50.00 ? 162 THR 3 CA 1 
ATOM 885 C CA . VAL D 4 163 ? 28.967  9.511   7.317   1.00 50.00 ? 163 VAL 3 CA 1 
ATOM 886 C CA . SER D 4 164 ? 29.163  5.850   6.311   1.00 50.00 ? 164 SER 3 CA 1 
ATOM 887 C CA . LEU D 4 165 ? 30.408  2.886   8.332   1.00 50.00 ? 165 LEU 3 CA 1 
ATOM 888 C CA . VAL D 4 166 ? 31.061  -0.310  6.394   1.00 50.00 ? 166 VAL 3 CA 1 
ATOM 889 C CA . VAL D 4 167 ? 30.503  -3.635  8.158   1.00 50.00 ? 167 VAL 3 CA 1 
ATOM 890 C CA . PRO D 4 168 ? 32.994  -5.879  6.280   1.00 50.00 ? 168 PRO 3 CA 1 
ATOM 891 C CA . TRP D 4 169 ? 32.182  -9.513  5.615   1.00 50.00 ? 169 TRP 3 CA 1 
ATOM 892 C CA . ILE D 4 170 ? 34.079  -11.247 8.422   1.00 50.00 ? 170 ILE 3 CA 1 
ATOM 893 C CA . SER D 4 171 ? 32.736  -14.781 8.642   1.00 50.00 ? 171 SER 3 CA 1 
ATOM 894 C CA . ALA D 4 172 ? 34.019  -18.344 8.914   1.00 50.00 ? 172 ALA 3 CA 1 
ATOM 895 C CA . SER D 4 173 ? 31.586  -19.558 6.241   1.00 50.00 ? 173 SER 3 CA 1 
ATOM 896 C CA . GLN D 4 174 ? 31.091  -17.921 2.830   1.00 50.00 ? 174 GLN 3 CA 1 
ATOM 897 C CA . TYR D 4 175 ? 27.400  -17.398 3.594   1.00 50.00 ? 175 TYR 3 CA 1 
ATOM 898 C CA . ARG D 4 176 ? 25.257  -16.917 6.676   1.00 50.00 ? 176 ARG 3 CA 1 
ATOM 899 C CA . PHE D 4 177 ? 21.615  -17.716 7.291   1.00 50.00 ? 177 PHE 3 CA 1 
ATOM 900 C CA . THR D 4 178 ? 19.235  -14.733 6.929   1.00 50.00 ? 178 THR 3 CA 1 
ATOM 901 C CA . THR D 4 179 ? 17.065  -16.277 9.661   1.00 50.00 ? 179 THR 3 CA 1 
ATOM 902 C CA . PRO D 4 180 ? 18.462  -15.846 13.196  1.00 50.00 ? 180 PRO 3 CA 1 
ATOM 903 C CA . ASP D 4 181 ? 20.985  -18.678 13.679  1.00 50.00 ? 181 ASP 3 CA 1 
ATOM 904 C CA . THR D 4 182 ? 23.539  -18.861 16.517  1.00 50.00 ? 182 THR 3 CA 1 
ATOM 905 C CA . TYR D 4 183 ? 26.294  -20.220 14.291  1.00 50.00 ? 183 TYR 3 CA 1 
ATOM 906 C CA . SER D 4 184 ? 25.791  -17.412 11.781  1.00 50.00 ? 184 SER 3 CA 1 
ATOM 907 C CA . SER D 4 185 ? 25.199  -14.350 13.989  1.00 50.00 ? 185 SER 3 CA 1 
ATOM 908 C CA . ALA D 4 186 ? 27.201  -11.494 12.415  1.00 50.00 ? 186 ALA 3 CA 1 
ATOM 909 C CA . GLY D 4 187 ? 27.943  -9.284  15.409  1.00 50.00 ? 187 GLY 3 CA 1 
ATOM 910 C CA . TYR D 4 188 ? 26.990  -5.812  16.585  1.00 50.00 ? 188 TYR 3 CA 1 
ATOM 911 C CA . ILE D 4 189 ? 27.176  -2.137  15.738  1.00 50.00 ? 189 ILE 3 CA 1 
ATOM 912 C CA . THR D 4 190 ? 27.345  0.342   18.614  1.00 50.00 ? 190 THR 3 CA 1 
ATOM 913 C CA . CYS D 4 191 ? 27.540  4.127   18.722  1.00 50.00 ? 191 CYS 3 CA 1 
ATOM 914 C CA . TRP D 4 192 ? 29.310  6.146   21.424  1.00 50.00 ? 192 TRP 3 CA 1 
ATOM 915 C CA . TYR D 4 193 ? 30.035  9.801   22.151  1.00 50.00 ? 193 TYR 3 CA 1 
ATOM 916 C CA . GLN D 4 194 ? 33.638  10.486  21.113  1.00 50.00 ? 194 GLN 3 CA 1 
ATOM 917 C CA . THR D 4 195 ? 33.674  14.044  22.460  1.00 50.00 ? 195 THR 3 CA 1 
ATOM 918 C CA . ASN D 4 196 ? 30.289  15.684  23.144  1.00 50.00 ? 196 ASN 3 CA 1 
ATOM 919 C CA . PHE D 4 197 ? 27.283  17.373  21.560  1.00 50.00 ? 197 PHE 3 CA 1 
ATOM 920 C CA . VAL D 4 198 ? 28.119  21.100  21.808  1.00 50.00 ? 198 VAL 3 CA 1 
ATOM 921 C CA . VAL D 4 199 ? 25.973  24.136  20.942  1.00 50.00 ? 199 VAL 3 CA 1 
ATOM 922 C CA . PRO D 4 200 ? 26.245  27.929  21.330  1.00 50.00 ? 200 PRO 3 CA 1 
ATOM 923 C CA . PRO D 4 201 ? 23.657  29.676  23.517  1.00 50.00 ? 201 PRO 3 CA 1 
ATOM 924 C CA . ASN D 4 202 ? 20.079  30.033  22.159  1.00 50.00 ? 202 ASN 3 CA 1 
ATOM 925 C CA . THR D 4 203 ? 20.305  26.800  20.185  1.00 50.00 ? 203 THR 3 CA 1 
ATOM 926 C CA . PRO D 4 204 ? 18.167  23.675  20.703  1.00 50.00 ? 204 PRO 3 CA 1 
ATOM 927 C CA . ASN D 4 205 ? 19.769  21.323  23.237  1.00 50.00 ? 205 ASN 3 CA 1 
ATOM 928 C CA . THR D 4 206 ? 18.830  18.112  21.424  1.00 50.00 ? 206 THR 3 CA 1 
ATOM 929 C CA . ALA D 4 207 ? 19.067  17.068  17.781  1.00 50.00 ? 207 ALA 3 CA 1 
ATOM 930 C CA . GLU D 4 208 ? 18.056  14.053  15.714  1.00 50.00 ? 208 GLU 3 CA 1 
ATOM 931 C CA . MET D 4 209 ? 20.040  11.663  13.590  1.00 50.00 ? 209 MET 3 CA 1 
ATOM 932 C CA . LEU D 4 210 ? 18.746  9.450   10.766  1.00 50.00 ? 210 LEU 3 CA 1 
ATOM 933 C CA . CYS D 4 211 ? 20.170  5.975   10.081  1.00 50.00 ? 211 CYS 3 CA 1 
ATOM 934 C CA . PHE D 4 212 ? 20.350  4.244   6.680   1.00 50.00 ? 212 PHE 3 CA 1 
ATOM 935 C CA . VAL D 4 213 ? 21.424  0.828   5.383   1.00 50.00 ? 213 VAL 3 CA 1 
ATOM 936 C CA . SER D 4 214 ? 22.272  -0.670  1.976   1.00 50.00 ? 214 SER 3 CA 1 
ATOM 937 C CA . GLY D 4 215 ? 24.514  -3.373  0.530   1.00 50.00 ? 215 GLY 3 CA 1 
ATOM 938 C CA . CYS D 4 216 ? 28.054  -2.981  -0.769  1.00 50.00 ? 216 CYS 3 CA 1 
ATOM 939 C CA . LYS D 4 217 ? 29.324  -4.255  -4.160  1.00 50.00 ? 217 LYS 3 CA 1 
ATOM 940 C CA . ASP D 4 218 ? 29.631  -7.769  -2.786  1.00 50.00 ? 218 ASP 3 CA 1 
ATOM 941 C CA . PHE D 4 219 ? 26.277  -8.168  -1.110  1.00 50.00 ? 219 PHE 3 CA 1 
ATOM 942 C CA . CYS D 4 220 ? 24.503  -11.264 -2.393  1.00 50.00 ? 220 CYS 3 CA 1 
ATOM 943 C CA . LEU D 4 221 ? 21.415  -13.313 -1.481  1.00 50.00 ? 221 LEU 3 CA 1 
ATOM 944 C CA . ARG D 4 222 ? 20.759  -16.985 -2.187  1.00 50.00 ? 222 ARG 3 CA 1 
ATOM 945 C CA . MET D 4 223 ? 18.086  -19.723 -2.018  1.00 50.00 ? 223 MET 3 CA 1 
ATOM 946 C CA . ALA D 4 224 ? 14.681  -18.120 -2.554  1.00 50.00 ? 224 ALA 3 CA 1 
ATOM 947 C CA . ARG D 4 225 ? 12.114  -18.716 0.181   1.00 50.00 ? 225 ARG 3 CA 1 
ATOM 948 C CA . ASP D 4 226 ? 8.794   -17.274 1.303   1.00 50.00 ? 226 ASP 3 CA 1 
ATOM 949 C CA . THR D 4 227 ? 8.977   -14.346 3.692   1.00 50.00 ? 227 THR 3 CA 1 
ATOM 950 C CA . ASP D 4 228 ? 8.028   -14.477 7.342   1.00 50.00 ? 228 ASP 3 CA 1 
ATOM 951 C CA . LEU D 4 229 ? 7.609   -10.682 7.471   1.00 50.00 ? 229 LEU 3 CA 1 
ATOM 952 C CA . HIS D 4 230 ? 4.083   -10.749 6.026   1.00 50.00 ? 230 HIS 3 CA 1 
ATOM 953 C CA . LYS D 4 231 ? 1.124   -13.079 6.517   1.00 50.00 ? 231 LYS 3 CA 1 
ATOM 954 C CA . GLN D 4 232 ? -2.445  -13.739 5.419   1.00 50.00 ? 232 GLN 3 CA 1 
ATOM 955 C CA . THR D 4 233 ? -4.798  -14.712 8.226   1.00 50.00 ? 233 THR 3 CA 1 
ATOM 956 C CA . GLY D 4 234 ? -7.960  -14.757 6.145   1.00 50.00 ? 234 GLY 3 CA 1 
ATOM 957 C CA . PRO D 4 235 ? -9.450  -14.440 2.647   1.00 50.00 ? 235 PRO 3 CA 1 
ATOM 958 C CA . ILE D 4 236 ? -8.758  -11.308 0.631   1.00 50.00 ? 236 ILE 3 CA 1 
ATOM 959 C CA . THR D 4 237 ? -12.122 -10.416 -0.836  1.00 50.00 ? 237 THR 3 CA 1 
ATOM 960 C CA . GLN D 4 238 ? -13.582 -8.061  -3.395  1.00 50.00 ? 238 GLN 3 CA 1 
ATOM 961 C CA . GLY E 5 1   ? 12.924  -24.547 -32.940 1.00 50.00 ? 1   GLY 4 CA 1 
ATOM 962 C CA . ALA E 5 2   ? 16.619  -25.411 -32.700 1.00 50.00 ? 2   ALA 4 CA 1 
ATOM 963 C CA . GLN E 5 3   ? 19.512  -23.049 -32.176 1.00 50.00 ? 3   GLN 4 CA 1 
ATOM 964 C CA . VAL E 5 4   ? 22.170  -25.690 -32.984 1.00 50.00 ? 4   VAL 4 CA 1 
ATOM 965 C CA . SER E 5 5   ? 25.341  -24.334 -31.438 1.00 50.00 ? 5   SER 4 CA 1 
ATOM 966 C CA . ARG E 5 6   ? 28.788  -25.853 -31.774 1.00 50.00 ? 6   ARG 4 CA 1 
ATOM 967 C CA . GLN E 5 7   ? 32.119  -25.937 -29.803 1.00 50.00 ? 7   GLN 4 CA 1 
ATOM 968 C CA . SER E 5 23  ? 32.253  -30.828 -29.695 1.00 50.00 ? 23  SER 4 CA 1 
ATOM 969 C CA . LEU E 5 24  ? 29.671  -29.389 -27.292 1.00 50.00 ? 24  LEU 4 CA 1 
ATOM 970 C CA . ASN E 5 25  ? 26.504  -28.780 -29.329 1.00 50.00 ? 25  ASN 4 CA 1 
ATOM 971 C CA . TYR E 5 26  ? 23.612  -26.881 -27.785 1.00 50.00 ? 26  TYR 4 CA 1 
ATOM 972 C CA . PHE E 5 27  ? 19.999  -27.482 -28.806 1.00 50.00 ? 27  PHE 4 CA 1 
ATOM 973 C CA . ASN E 5 28  ? 17.642  -24.739 -27.616 1.00 50.00 ? 28  ASN 4 CA 1 
ATOM 974 C CA . ILE E 5 29  ? 14.378  -26.307 -28.772 1.00 50.00 ? 29  ILE 4 CA 1 
ATOM 975 C CA . ASN E 5 30  ? 11.054  -24.462 -28.846 1.00 50.00 ? 30  ASN 4 CA 1 
ATOM 976 C CA . TYR E 5 31  ? 8.306   -27.087 -29.117 1.00 50.00 ? 31  TYR 4 CA 1 
ATOM 977 C CA . PHE E 5 32  ? 5.331   -24.794 -29.702 1.00 50.00 ? 32  PHE 4 CA 1 
ATOM 978 C CA . LYS E 5 33  ? 4.583   -22.013 -32.175 1.00 50.00 ? 33  LYS 4 CA 1 
ATOM 979 C CA . ASP E 5 34  ? 3.816   -19.172 -29.730 1.00 50.00 ? 34  ASP 4 CA 1 
ATOM 980 C CA . ALA E 5 35  ? 6.467   -17.203 -27.803 1.00 50.00 ? 35  ALA 4 CA 1 
ATOM 981 C CA . ALA E 5 36  ? 4.402   -17.372 -24.604 1.00 50.00 ? 36  ALA 4 CA 1 
ATOM 982 C CA . SER E 5 37  ? 4.934   -21.153 -24.636 1.00 50.00 ? 37  SER 4 CA 1 
ATOM 983 C CA . SER E 5 38  ? 8.692   -21.112 -24.087 1.00 50.00 ? 38  SER 4 CA 1 
ATOM 984 C CA . GLY E 5 39  ? 10.285  -21.566 -20.670 1.00 50.00 ? 39  GLY 4 CA 1 
ATOM 985 C CA . ALA E 5 40  ? 12.093  -19.065 -18.441 1.00 50.00 ? 40  ALA 4 CA 1 
ATOM 986 C CA . SER E 5 41  ? 14.100  -16.332 -20.146 1.00 50.00 ? 41  SER 4 CA 1 
ATOM 987 C CA . ARG E 5 42  ? 17.887  -16.099 -20.302 1.00 50.00 ? 42  ARG 4 CA 1 
ATOM 988 C CA . LEU E 5 43  ? 19.552  -13.377 -18.268 1.00 50.00 ? 43  LEU 4 CA 1 
ATOM 989 C CA . ASP E 5 44  ? 20.627  -9.809  -19.287 1.00 50.00 ? 44  ASP 4 CA 1 
# 
